data_8ZFL
#
_entry.id   8ZFL
#
_cell.length_a   1.00
_cell.length_b   1.00
_cell.length_c   1.00
_cell.angle_alpha   90.00
_cell.angle_beta   90.00
_cell.angle_gamma   90.00
#
_symmetry.space_group_name_H-M   'P 1'
#
loop_
_entity.id
_entity.type
_entity.pdbx_description
1 polymer 'Betaine receptor acr-23,Soluble cytochrome b562'
2 branched 2-acetamido-2-deoxy-beta-D-glucopyranose-(1-4)-2-acetamido-2-deoxy-beta-D-glucopyranose
3 non-polymer 2-acetamido-2-deoxy-beta-D-glucopyranose
#
_entity_poly.entity_id   1
_entity_poly.type   'polypeptide(L)'
_entity_poly.pdbx_seq_one_letter_code
;MHRIYTFLIFISQLALGLSNNPDIPIQYELANNIMENYQKGLIPKVRKGSPINVTLSLQLYQIIQVNEPQQYLLLNAWAV
ERWVDQMLGWDPSEFDNETEIMARHDDIWLPDTTLYNSLEMDDSASKKLTHVKLTTLGKNQGAMVELLYPTIYKISCLLN
LKYFPFDTQTCRMTFGSWSFDNSLIDYFPRTFTNGPIGLANFLENDAWSVLGTKVNREEKKYTCCPVNYTLLHYDVVIQR
KPLYYVLNLIAPTAVITFISIIGFFTSSSVHDLRQEKITLGITTLLSMSIMIFMVSDKMPSTSTCVPLIALFYTLMITII
SVGTLAASSVIFVQKLGSIGNPPASKTMKWTHRIAPFVLIQMPLVMKQAYAKRAKEEKHRKRMSRKMAEAGAMADLEDNW
ETLNDNLKVIEKADNAAQVKDALTKMRAAALDAQKATPPKLEDKSPDSPEMKDFRHGFDILVGQIDDALKLANEGKVKEA
QAAAEQLKTTRNAYIQKYLSQTSETFAAPMDTSFTESLHIPELNRVASSNSIQSVLKPTEIQLTPYCTRNIVELEWDWVA
AVLERVFLIFFTICFLFSAIGINLYGWYIWYTENHFLFLEGTKLVPRGSSSGWSHPQFEK
;
_entity_poly.pdbx_strand_id   A,B,C,D,E
#
# COMPACT_ATOMS: atom_id res chain seq x y z
N PRO A 22 36.67 53.89 -4.44
CA PRO A 22 37.67 53.64 -5.50
C PRO A 22 38.04 52.17 -5.62
N ASP A 23 38.52 51.58 -4.52
CA ASP A 23 38.90 50.18 -4.48
C ASP A 23 37.82 49.29 -3.86
N ILE A 24 36.62 49.83 -3.65
CA ILE A 24 35.50 49.07 -3.10
C ILE A 24 34.31 49.23 -4.04
N PRO A 25 33.40 48.26 -4.09
CA PRO A 25 32.23 48.39 -4.97
C PRO A 25 31.36 49.57 -4.59
N ILE A 26 30.74 50.17 -5.60
CA ILE A 26 29.80 51.27 -5.37
C ILE A 26 28.56 50.76 -4.63
N GLN A 27 28.24 49.47 -4.80
CA GLN A 27 27.10 48.90 -4.10
C GLN A 27 27.28 48.97 -2.59
N TYR A 28 28.52 48.86 -2.10
CA TYR A 28 28.76 48.99 -0.67
C TYR A 28 28.30 50.35 -0.15
N GLU A 29 28.75 51.43 -0.79
CA GLU A 29 28.36 52.77 -0.38
C GLU A 29 26.88 53.02 -0.55
N LEU A 30 26.30 52.55 -1.66
CA LEU A 30 24.87 52.76 -1.89
C LEU A 30 24.04 52.06 -0.82
N ALA A 31 24.37 50.81 -0.49
CA ALA A 31 23.65 50.08 0.55
C ALA A 31 23.84 50.73 1.91
N ASN A 32 25.05 51.18 2.22
CA ASN A 32 25.29 51.84 3.50
C ASN A 32 24.49 53.14 3.59
N ASN A 33 24.35 53.86 2.47
CA ASN A 33 23.59 55.11 2.48
C ASN A 33 22.09 54.85 2.65
N ILE A 34 21.56 53.87 1.91
CA ILE A 34 20.11 53.68 1.94
C ILE A 34 19.66 52.86 3.14
N MET A 35 20.57 52.15 3.80
CA MET A 35 20.23 51.30 4.93
C MET A 35 20.48 51.96 6.28
N GLU A 36 20.71 53.28 6.30
CA GLU A 36 21.14 53.94 7.54
C GLU A 36 20.00 54.04 8.55
N ASN A 37 18.92 54.72 8.18
CA ASN A 37 17.81 54.99 9.10
C ASN A 37 16.65 54.03 8.90
N TYR A 38 16.83 52.95 8.15
CA TYR A 38 15.75 52.02 7.85
C TYR A 38 15.47 51.10 9.04
N GLN A 39 14.19 50.85 9.28
CA GLN A 39 13.73 49.86 10.26
C GLN A 39 12.79 48.91 9.53
N LYS A 40 13.24 47.68 9.31
CA LYS A 40 12.47 46.72 8.52
C LYS A 40 11.30 46.11 9.29
N GLY A 41 11.22 46.31 10.60
CA GLY A 41 10.14 45.74 11.38
C GLY A 41 8.82 46.48 11.32
N LEU A 42 8.79 47.67 10.72
CA LEU A 42 7.60 48.49 10.65
C LEU A 42 7.33 48.90 9.20
N ILE A 43 6.06 49.15 8.92
CA ILE A 43 5.66 49.50 7.55
C ILE A 43 6.25 50.86 7.17
N PRO A 44 6.85 50.99 6.00
CA PRO A 44 7.45 52.29 5.58
C PRO A 44 6.43 53.20 4.90
N LYS A 45 5.50 53.71 5.71
CA LYS A 45 4.45 54.60 5.22
C LYS A 45 4.77 56.01 5.70
N VAL A 46 5.28 56.84 4.79
CA VAL A 46 5.59 58.22 5.12
C VAL A 46 4.43 59.16 4.83
N ARG A 47 3.74 58.96 3.70
CA ARG A 47 2.60 59.79 3.33
C ARG A 47 1.34 59.29 4.04
N LYS A 48 0.63 60.20 4.69
CA LYS A 48 -0.54 59.83 5.48
C LYS A 48 -1.75 59.55 4.60
N GLY A 49 -1.87 60.25 3.47
CA GLY A 49 -3.11 60.20 2.70
C GLY A 49 -3.41 58.85 2.08
N SER A 50 -2.40 58.21 1.48
CA SER A 50 -2.67 57.04 0.67
C SER A 50 -2.03 55.80 1.26
N PRO A 51 -2.64 54.62 1.04
CA PRO A 51 -2.01 53.36 1.47
C PRO A 51 -0.94 52.89 0.48
N ILE A 52 -0.41 51.70 0.72
CA ILE A 52 0.61 51.11 -0.15
C ILE A 52 -0.07 50.10 -1.06
N ASN A 53 0.10 50.27 -2.37
CA ASN A 53 -0.52 49.41 -3.36
C ASN A 53 0.43 48.28 -3.74
N VAL A 54 -0.07 47.05 -3.70
CA VAL A 54 0.69 45.86 -4.05
C VAL A 54 0.03 45.18 -5.23
N THR A 55 0.80 44.88 -6.26
CA THR A 55 0.31 44.20 -7.45
C THR A 55 0.85 42.78 -7.48
N LEU A 56 -0.04 41.82 -7.73
CA LEU A 56 0.32 40.40 -7.69
C LEU A 56 -0.08 39.73 -9.00
N SER A 57 0.83 38.88 -9.51
CA SER A 57 0.57 38.09 -10.69
C SER A 57 1.07 36.66 -10.45
N LEU A 58 0.37 35.70 -11.05
CA LEU A 58 0.68 34.29 -10.85
C LEU A 58 0.83 33.59 -12.19
N GLN A 59 1.78 32.66 -12.26
CA GLN A 59 1.98 31.80 -13.42
C GLN A 59 1.95 30.35 -12.95
N LEU A 60 1.14 29.53 -13.63
CA LEU A 60 1.00 28.12 -13.29
C LEU A 60 1.95 27.28 -14.13
N TYR A 61 2.63 26.36 -13.46
CA TYR A 61 3.62 25.50 -14.11
C TYR A 61 3.26 24.03 -14.08
N GLN A 62 2.66 23.55 -12.99
CA GLN A 62 2.37 22.13 -12.86
C GLN A 62 1.20 21.92 -11.91
N ILE A 63 0.47 20.84 -12.13
CA ILE A 63 -0.53 20.33 -11.19
C ILE A 63 0.03 19.03 -10.63
N ILE A 64 0.51 19.07 -9.39
CA ILE A 64 1.26 17.95 -8.85
C ILE A 64 0.32 16.82 -8.42
N GLN A 65 -0.73 17.14 -7.65
CA GLN A 65 -1.59 16.11 -7.12
C GLN A 65 -2.97 16.68 -6.83
N VAL A 66 -3.99 15.85 -7.04
CA VAL A 66 -5.36 16.15 -6.63
C VAL A 66 -5.78 15.07 -5.66
N ASN A 67 -6.11 15.47 -4.43
CA ASN A 67 -6.45 14.53 -3.36
C ASN A 67 -7.92 14.68 -3.01
N GLU A 68 -8.71 13.67 -3.35
CA GLU A 68 -10.14 13.67 -3.09
C GLU A 68 -10.46 13.30 -1.65
N PRO A 69 -9.89 12.22 -1.08
CA PRO A 69 -10.25 11.88 0.32
C PRO A 69 -9.92 12.99 1.32
N GLN A 70 -8.82 13.71 1.14
CA GLN A 70 -8.43 14.78 2.03
C GLN A 70 -8.85 16.16 1.52
N GLN A 71 -9.36 16.25 0.30
CA GLN A 71 -9.93 17.48 -0.25
C GLN A 71 -8.89 18.61 -0.27
N TYR A 72 -7.83 18.40 -1.04
CA TYR A 72 -6.84 19.45 -1.25
C TYR A 72 -6.21 19.28 -2.63
N LEU A 73 -5.62 20.37 -3.11
CA LEU A 73 -4.99 20.43 -4.42
C LEU A 73 -3.58 20.98 -4.27
N LEU A 74 -2.62 20.38 -4.98
CA LEU A 74 -1.22 20.75 -4.92
C LEU A 74 -0.82 21.36 -6.25
N LEU A 75 -0.25 22.57 -6.21
CA LEU A 75 0.14 23.30 -7.40
C LEU A 75 1.56 23.82 -7.25
N ASN A 76 2.22 24.02 -8.40
CA ASN A 76 3.53 24.65 -8.47
C ASN A 76 3.40 25.90 -9.33
N ALA A 77 3.76 27.05 -8.76
CA ALA A 77 3.52 28.33 -9.41
C ALA A 77 4.62 29.31 -9.06
N TRP A 78 4.70 30.37 -9.87
CA TRP A 78 5.62 31.49 -9.64
C TRP A 78 4.81 32.74 -9.33
N ALA A 79 5.25 33.50 -8.33
CA ALA A 79 4.55 34.68 -7.87
C ALA A 79 5.45 35.90 -7.96
N VAL A 80 4.89 37.01 -8.42
CA VAL A 80 5.60 38.29 -8.51
C VAL A 80 4.79 39.35 -7.80
N GLU A 81 5.45 40.11 -6.92
CA GLU A 81 4.81 41.19 -6.18
C GLU A 81 5.61 42.48 -6.40
N ARG A 82 4.90 43.58 -6.59
CA ARG A 82 5.51 44.89 -6.84
C ARG A 82 4.86 45.93 -5.94
N TRP A 83 5.69 46.77 -5.32
CA TRP A 83 5.21 47.88 -4.52
C TRP A 83 6.31 48.93 -4.44
N VAL A 84 5.97 50.07 -3.86
CA VAL A 84 6.89 51.20 -3.75
C VAL A 84 7.21 51.42 -2.28
N ASP A 85 8.50 51.40 -1.95
CA ASP A 85 8.97 51.68 -0.60
C ASP A 85 9.37 53.14 -0.53
N GLN A 86 8.72 53.90 0.35
CA GLN A 86 8.89 55.34 0.42
C GLN A 86 10.10 55.77 1.24
N MET A 87 10.92 54.84 1.69
CA MET A 87 12.07 55.16 2.53
C MET A 87 13.40 54.72 1.95
N LEU A 88 13.44 54.30 0.68
CA LEU A 88 14.65 53.75 0.08
C LEU A 88 15.00 54.45 -1.23
N GLY A 89 14.87 55.77 -1.25
CA GLY A 89 15.22 56.53 -2.44
C GLY A 89 16.60 57.14 -2.37
N TRP A 90 17.22 57.28 -3.55
CA TRP A 90 18.55 57.87 -3.63
C TRP A 90 18.70 58.57 -4.98
N ASP A 91 19.67 59.48 -5.04
CA ASP A 91 19.95 60.21 -6.26
C ASP A 91 21.00 59.46 -7.08
N PRO A 92 20.70 59.06 -8.31
CA PRO A 92 21.68 58.29 -9.10
C PRO A 92 22.98 59.03 -9.36
N SER A 93 22.93 60.35 -9.56
CA SER A 93 24.15 61.10 -9.90
C SER A 93 25.18 61.07 -8.77
N GLU A 94 24.72 60.92 -7.52
CA GLU A 94 25.65 60.88 -6.40
C GLU A 94 26.40 59.54 -6.31
N PHE A 95 25.90 58.51 -6.98
CA PHE A 95 26.47 57.17 -6.84
C PHE A 95 26.87 56.58 -8.18
N ASP A 96 27.60 57.36 -8.98
CA ASP A 96 28.14 56.89 -10.27
C ASP A 96 27.04 56.48 -11.23
N ASN A 97 25.93 57.23 -11.22
CA ASN A 97 24.80 56.99 -12.12
C ASN A 97 24.28 55.56 -12.01
N GLU A 98 24.10 55.09 -10.78
CA GLU A 98 23.53 53.78 -10.51
C GLU A 98 22.05 53.92 -10.23
N THR A 99 21.23 53.13 -10.92
CA THR A 99 19.78 53.20 -10.77
C THR A 99 19.17 51.88 -10.32
N GLU A 100 19.98 50.89 -9.96
CA GLU A 100 19.47 49.60 -9.55
C GLU A 100 20.41 49.00 -8.52
N ILE A 101 19.87 48.09 -7.70
CA ILE A 101 20.65 47.38 -6.70
C ILE A 101 19.87 46.13 -6.28
N MET A 102 20.59 45.15 -5.74
CA MET A 102 20.00 43.90 -5.29
C MET A 102 20.28 43.74 -3.79
N ALA A 103 19.24 43.40 -3.04
CA ALA A 103 19.34 43.24 -1.59
C ALA A 103 18.63 41.97 -1.17
N ARG A 104 19.08 41.41 -0.04
CA ARG A 104 18.46 40.22 0.51
C ARG A 104 17.07 40.55 1.06
N HIS A 105 16.17 39.58 0.98
CA HIS A 105 14.79 39.78 1.44
C HIS A 105 14.70 40.02 2.94
N ASP A 106 15.72 39.61 3.71
CA ASP A 106 15.69 39.84 5.15
C ASP A 106 16.02 41.27 5.52
N ASP A 107 16.61 42.04 4.61
CA ASP A 107 17.04 43.40 4.93
C ASP A 107 15.90 44.40 4.93
N ILE A 108 14.88 44.20 4.10
CA ILE A 108 13.84 45.19 3.90
C ILE A 108 12.50 44.63 4.33
N TRP A 109 11.52 45.53 4.42
CA TRP A 109 10.15 45.17 4.80
C TRP A 109 9.40 44.57 3.62
N LEU A 110 8.62 43.53 3.88
CA LEU A 110 7.83 42.88 2.85
C LEU A 110 6.38 42.75 3.30
N PRO A 111 5.43 42.92 2.39
CA PRO A 111 4.02 42.72 2.74
C PRO A 111 3.74 41.25 3.04
N ASP A 112 2.74 41.03 3.90
CA ASP A 112 2.37 39.68 4.33
C ASP A 112 1.24 39.16 3.45
N THR A 113 1.60 38.76 2.24
CA THR A 113 0.66 38.14 1.32
C THR A 113 0.42 36.69 1.76
N THR A 114 -0.83 36.36 2.02
CA THR A 114 -1.18 35.07 2.60
C THR A 114 -2.28 34.40 1.79
N LEU A 115 -2.16 33.09 1.60
CA LEU A 115 -3.22 32.28 1.02
C LEU A 115 -4.14 31.83 2.14
N TYR A 116 -5.38 32.33 2.12
CA TYR A 116 -6.28 32.13 3.25
C TYR A 116 -6.65 30.66 3.43
N ASN A 117 -6.97 29.98 2.34
CA ASN A 117 -7.36 28.57 2.39
C ASN A 117 -6.15 27.68 2.09
N SER A 118 -5.17 27.73 2.99
CA SER A 118 -3.96 26.95 2.87
C SER A 118 -3.89 25.89 3.96
N LEU A 119 -3.39 24.71 3.60
CA LEU A 119 -3.28 23.58 4.51
C LEU A 119 -1.84 23.36 4.97
N GLU A 120 -0.95 24.32 4.71
CA GLU A 120 0.45 24.21 5.11
C GLU A 120 0.78 25.34 6.07
N MET A 121 1.35 24.97 7.22
CA MET A 121 1.66 25.95 8.27
C MET A 121 3.10 26.43 8.25
N ASP A 122 4.00 25.71 7.60
CA ASP A 122 5.42 26.08 7.54
C ASP A 122 5.72 26.69 6.18
N ASP A 123 6.26 27.91 6.19
CA ASP A 123 6.55 28.62 4.95
C ASP A 123 7.90 28.25 4.35
N SER A 124 8.73 27.49 5.07
CA SER A 124 10.02 27.08 4.53
C SER A 124 9.89 25.90 3.55
N ALA A 125 8.77 25.20 3.56
CA ALA A 125 8.55 24.08 2.66
C ALA A 125 7.59 24.40 1.53
N SER A 126 7.16 25.66 1.41
CA SER A 126 6.23 26.07 0.36
C SER A 126 6.63 27.39 -0.30
N LYS A 127 7.80 27.93 0.03
CA LYS A 127 8.23 29.21 -0.52
C LYS A 127 9.75 29.28 -0.46
N LYS A 128 10.32 30.13 -1.30
CA LYS A 128 11.77 30.31 -1.36
C LYS A 128 12.07 31.73 -1.79
N LEU A 129 12.44 32.58 -0.83
CA LEU A 129 12.79 33.97 -1.08
C LEU A 129 14.29 34.16 -0.96
N THR A 130 14.88 34.76 -2.00
CA THR A 130 16.33 34.95 -2.03
C THR A 130 16.72 36.42 -2.05
N HIS A 131 16.20 37.18 -3.01
CA HIS A 131 16.62 38.55 -3.22
C HIS A 131 15.45 39.39 -3.71
N VAL A 132 15.63 40.72 -3.59
CA VAL A 132 14.69 41.70 -4.12
C VAL A 132 15.47 42.71 -4.95
N LYS A 133 14.77 43.37 -5.86
CA LYS A 133 15.37 44.37 -6.74
C LYS A 133 14.76 45.73 -6.45
N LEU A 134 15.62 46.74 -6.27
CA LEU A 134 15.19 48.09 -5.96
C LEU A 134 15.59 49.02 -7.10
N THR A 135 14.61 49.76 -7.63
CA THR A 135 14.83 50.77 -8.67
C THR A 135 14.41 52.11 -8.11
N THR A 136 15.36 53.06 -8.08
CA THR A 136 15.11 54.35 -7.45
C THR A 136 14.13 55.18 -8.27
N LEU A 137 13.35 56.00 -7.57
CA LEU A 137 12.42 56.95 -8.17
C LEU A 137 12.76 58.39 -7.83
N GLY A 138 13.87 58.63 -7.14
CA GLY A 138 14.22 59.95 -6.68
C GLY A 138 14.68 59.92 -5.23
N LYS A 139 15.33 61.00 -4.78
CA LYS A 139 15.85 61.02 -3.41
C LYS A 139 14.73 60.99 -2.39
N ASN A 140 13.65 61.73 -2.64
CA ASN A 140 12.52 61.82 -1.71
C ASN A 140 11.27 61.14 -2.25
N GLN A 141 11.40 60.30 -3.27
CA GLN A 141 10.26 59.62 -3.87
C GLN A 141 10.24 58.12 -3.60
N GLY A 142 11.30 57.56 -3.00
CA GLY A 142 11.34 56.15 -2.73
C GLY A 142 11.85 55.33 -3.90
N ALA A 143 11.68 54.02 -3.78
CA ALA A 143 12.15 53.08 -4.80
C ALA A 143 11.07 52.03 -5.05
N MET A 144 11.09 51.47 -6.26
CA MET A 144 10.18 50.41 -6.65
C MET A 144 10.81 49.06 -6.29
N VAL A 145 10.04 48.23 -5.58
CA VAL A 145 10.51 46.94 -5.09
C VAL A 145 9.78 45.84 -5.84
N GLU A 146 10.53 44.88 -6.39
CA GLU A 146 9.98 43.74 -7.09
C GLU A 146 10.49 42.46 -6.44
N LEU A 147 9.59 41.53 -6.19
CA LEU A 147 9.92 40.27 -5.53
C LEU A 147 9.32 39.12 -6.32
N LEU A 148 10.18 38.22 -6.81
CA LEU A 148 9.76 37.05 -7.56
C LEU A 148 10.32 35.80 -6.87
N TYR A 149 9.47 34.79 -6.72
CA TYR A 149 9.86 33.59 -6.00
C TYR A 149 8.98 32.43 -6.45
N PRO A 150 9.51 31.20 -6.48
CA PRO A 150 8.66 30.04 -6.71
C PRO A 150 8.01 29.56 -5.43
N THR A 151 6.88 28.87 -5.60
CA THR A 151 6.10 28.42 -4.46
C THR A 151 5.34 27.15 -4.81
N ILE A 152 4.96 26.41 -3.77
CA ILE A 152 4.11 25.24 -3.90
C ILE A 152 2.91 25.44 -2.98
N TYR A 153 1.71 25.43 -3.56
CA TYR A 153 0.49 25.75 -2.83
C TYR A 153 -0.28 24.46 -2.51
N LYS A 154 -0.73 24.35 -1.27
CA LYS A 154 -1.61 23.28 -0.83
C LYS A 154 -2.98 23.89 -0.55
N ILE A 155 -3.87 23.82 -1.54
CA ILE A 155 -5.14 24.52 -1.52
C ILE A 155 -6.25 23.53 -1.21
N SER A 156 -7.05 23.85 -0.19
CA SER A 156 -8.19 23.01 0.19
C SER A 156 -9.44 23.52 -0.54
N CYS A 157 -10.00 22.67 -1.39
CA CYS A 157 -11.20 23.01 -2.15
C CYS A 157 -12.18 21.85 -2.11
N LEU A 158 -13.47 22.18 -2.10
CA LEU A 158 -14.51 21.17 -2.07
C LEU A 158 -14.65 20.53 -3.45
N LEU A 159 -14.68 19.20 -3.49
CA LEU A 159 -14.76 18.44 -4.72
C LEU A 159 -16.09 17.70 -4.80
N ASN A 160 -16.75 17.79 -5.95
CA ASN A 160 -18.01 17.12 -6.20
C ASN A 160 -17.74 15.95 -7.14
N LEU A 161 -17.95 14.73 -6.65
CA LEU A 161 -17.69 13.51 -7.41
C LEU A 161 -18.97 12.84 -7.88
N LYS A 162 -20.01 13.63 -8.16
CA LYS A 162 -21.28 13.07 -8.60
C LYS A 162 -21.22 12.51 -10.02
N TYR A 163 -20.45 13.14 -10.91
CA TYR A 163 -20.37 12.73 -12.30
C TYR A 163 -19.06 12.01 -12.63
N PHE A 164 -18.43 11.38 -11.65
CA PHE A 164 -17.19 10.67 -11.89
C PHE A 164 -17.43 9.53 -12.86
N PRO A 165 -16.53 9.30 -13.82
CA PRO A 165 -15.26 10.00 -14.08
C PRO A 165 -15.39 11.15 -15.07
N PHE A 166 -16.60 11.67 -15.32
CA PHE A 166 -16.82 12.76 -16.25
C PHE A 166 -17.00 14.09 -15.52
N ASP A 167 -16.33 14.25 -14.39
CA ASP A 167 -16.54 15.41 -13.52
C ASP A 167 -15.56 16.53 -13.83
N THR A 168 -16.00 17.76 -13.57
CA THR A 168 -15.15 18.93 -13.64
C THR A 168 -15.18 19.64 -12.28
N GLN A 169 -14.03 20.16 -11.86
CA GLN A 169 -13.89 20.76 -10.53
C GLN A 169 -13.43 22.21 -10.66
N THR A 170 -13.76 23.00 -9.64
CA THR A 170 -13.36 24.40 -9.57
C THR A 170 -12.93 24.71 -8.15
N CYS A 171 -11.65 25.04 -7.99
CA CYS A 171 -11.08 25.39 -6.69
C CYS A 171 -10.64 26.84 -6.69
N ARG A 172 -10.90 27.52 -5.58
CA ARG A 172 -10.62 28.95 -5.45
C ARG A 172 -9.37 29.19 -4.61
N MET A 173 -8.60 30.19 -5.02
CA MET A 173 -7.45 30.68 -4.27
C MET A 173 -7.73 32.10 -3.81
N THR A 174 -7.61 32.33 -2.50
CA THR A 174 -7.88 33.63 -1.91
C THR A 174 -6.58 34.21 -1.36
N PHE A 175 -6.28 35.45 -1.77
CA PHE A 175 -5.07 36.13 -1.36
C PHE A 175 -5.43 37.47 -0.71
N GLY A 176 -4.59 37.90 0.23
CA GLY A 176 -4.83 39.15 0.91
C GLY A 176 -3.84 39.33 2.04
N SER A 177 -4.10 40.37 2.84
CA SER A 177 -3.27 40.70 3.99
C SER A 177 -3.91 40.12 5.25
N TRP A 178 -3.08 39.46 6.07
CA TRP A 178 -3.61 38.78 7.25
C TRP A 178 -3.97 39.76 8.37
N SER A 179 -3.24 40.87 8.49
CA SER A 179 -3.42 41.76 9.63
C SER A 179 -3.65 43.22 9.27
N PHE A 180 -3.42 43.62 8.02
CA PHE A 180 -3.49 45.02 7.62
C PHE A 180 -4.77 45.26 6.82
N ASP A 181 -5.50 46.32 7.18
CA ASP A 181 -6.66 46.75 6.43
C ASP A 181 -6.24 47.52 5.19
N ASN A 182 -7.21 47.76 4.30
CA ASN A 182 -6.92 48.40 3.02
C ASN A 182 -6.53 49.86 3.15
N SER A 183 -6.70 50.48 4.31
CA SER A 183 -6.21 51.84 4.53
C SER A 183 -4.69 51.87 4.69
N LEU A 184 -4.05 50.72 4.85
CA LEU A 184 -2.60 50.62 4.94
C LEU A 184 -2.00 49.90 3.75
N ILE A 185 -2.54 48.73 3.39
CA ILE A 185 -2.04 47.94 2.26
C ILE A 185 -3.22 47.59 1.37
N ASP A 186 -3.10 47.89 0.07
CA ASP A 186 -4.11 47.58 -0.91
C ASP A 186 -3.55 46.62 -1.95
N TYR A 187 -4.41 45.76 -2.48
CA TYR A 187 -4.01 44.73 -3.42
C TYR A 187 -4.75 44.88 -4.73
N PHE A 188 -4.02 44.73 -5.84
CA PHE A 188 -4.59 44.77 -7.17
C PHE A 188 -4.03 43.62 -8.00
N PRO A 189 -4.85 43.04 -8.88
CA PRO A 189 -4.38 41.92 -9.71
C PRO A 189 -3.69 42.40 -10.98
N ARG A 190 -2.79 41.54 -11.47
CA ARG A 190 -2.10 41.76 -12.74
C ARG A 190 -2.34 40.55 -13.62
N THR A 191 -2.89 40.77 -14.81
CA THR A 191 -3.30 39.69 -15.70
C THR A 191 -2.36 39.61 -16.90
N PHE A 192 -2.40 38.46 -17.56
CA PHE A 192 -1.59 38.19 -18.74
C PHE A 192 -2.45 38.28 -20.00
N THR A 193 -1.81 38.02 -21.15
CA THR A 193 -2.51 38.16 -22.42
C THR A 193 -3.63 37.13 -22.56
N ASN A 194 -3.35 35.87 -22.22
CA ASN A 194 -4.32 34.80 -22.39
C ASN A 194 -5.31 34.71 -21.24
N GLY A 195 -5.05 35.36 -20.12
CA GLY A 195 -5.95 35.33 -18.98
C GLY A 195 -5.30 35.83 -17.71
N PRO A 196 -6.05 35.80 -16.61
CA PRO A 196 -5.49 36.26 -15.32
C PRO A 196 -4.29 35.46 -14.86
N ILE A 197 -4.23 34.17 -15.17
CA ILE A 197 -3.14 33.29 -14.75
C ILE A 197 -2.39 32.82 -15.98
N GLY A 198 -1.08 33.03 -15.99
CA GLY A 198 -0.27 32.63 -17.11
C GLY A 198 -0.23 31.11 -17.26
N LEU A 199 -0.44 30.64 -18.49
CA LEU A 199 -0.41 29.21 -18.78
C LEU A 199 0.50 28.88 -19.96
N ALA A 200 1.41 29.79 -20.32
CA ALA A 200 2.27 29.58 -21.48
C ALA A 200 3.36 28.54 -21.22
N ASN A 201 3.71 28.29 -19.96
CA ASN A 201 4.74 27.32 -19.61
C ASN A 201 4.17 26.19 -18.76
N PHE A 202 2.86 25.95 -18.86
CA PHE A 202 2.23 24.90 -18.07
C PHE A 202 2.66 23.52 -18.58
N LEU A 203 2.85 22.60 -17.64
CA LEU A 203 3.20 21.22 -17.95
C LEU A 203 1.93 20.40 -17.98
N GLU A 204 1.68 19.73 -19.10
CA GLU A 204 0.44 18.99 -19.28
C GLU A 204 0.34 17.85 -18.27
N ASN A 205 -0.85 17.69 -17.70
CA ASN A 205 -1.12 16.61 -16.77
C ASN A 205 -1.76 15.44 -17.50
N ASP A 206 -1.48 14.23 -17.01
CA ASP A 206 -1.97 13.01 -17.62
C ASP A 206 -3.38 12.65 -17.18
N ALA A 207 -3.96 13.39 -16.23
CA ALA A 207 -5.30 13.10 -15.74
C ALA A 207 -6.23 14.29 -15.70
N TRP A 208 -5.72 15.51 -15.79
CA TRP A 208 -6.54 16.72 -15.69
C TRP A 208 -6.19 17.69 -16.81
N SER A 209 -7.18 18.46 -17.24
CA SER A 209 -7.00 19.48 -18.26
C SER A 209 -7.59 20.79 -17.76
N VAL A 210 -6.90 21.89 -18.02
CA VAL A 210 -7.31 23.21 -17.56
C VAL A 210 -8.15 23.86 -18.65
N LEU A 211 -9.34 24.33 -18.27
CA LEU A 211 -10.28 24.94 -19.20
C LEU A 211 -10.22 26.46 -19.22
N GLY A 212 -10.03 27.09 -18.06
CA GLY A 212 -9.98 28.55 -18.03
C GLY A 212 -9.68 29.02 -16.62
N THR A 213 -9.51 30.34 -16.51
CA THR A 213 -9.19 30.98 -15.25
C THR A 213 -9.97 32.29 -15.12
N LYS A 214 -10.22 32.69 -13.87
CA LYS A 214 -10.93 33.93 -13.58
C LYS A 214 -10.27 34.60 -12.39
N VAL A 215 -10.49 35.91 -12.28
CA VAL A 215 -9.98 36.70 -11.16
C VAL A 215 -11.05 37.70 -10.74
N ASN A 216 -11.12 37.98 -9.44
CA ASN A 216 -12.11 38.90 -8.90
C ASN A 216 -11.53 39.59 -7.67
N ARG A 217 -11.69 40.90 -7.60
CA ARG A 217 -11.22 41.70 -6.48
C ARG A 217 -12.42 42.14 -5.65
N GLU A 218 -12.36 41.90 -4.34
CA GLU A 218 -13.46 42.16 -3.44
C GLU A 218 -12.98 42.90 -2.20
N GLU A 219 -13.80 43.82 -1.72
CA GLU A 219 -13.55 44.53 -0.46
C GLU A 219 -14.53 44.01 0.58
N LYS A 220 -13.99 43.57 1.72
CA LYS A 220 -14.79 42.93 2.77
C LYS A 220 -14.71 43.76 4.04
N LYS A 221 -15.82 43.78 4.79
CA LYS A 221 -15.94 44.56 6.00
C LYS A 221 -15.65 43.71 7.23
N TYR A 222 -14.88 44.27 8.16
CA TYR A 222 -14.70 43.65 9.46
C TYR A 222 -16.02 43.63 10.22
N THR A 223 -16.20 42.61 11.05
CA THR A 223 -17.47 42.41 11.75
C THR A 223 -17.35 42.92 13.19
N CYS A 224 -16.31 43.73 13.40
CA CYS A 224 -16.11 44.34 14.70
C CYS A 224 -15.73 45.82 14.59
N CYS A 225 -15.34 46.24 13.40
CA CYS A 225 -14.80 47.58 13.15
C CYS A 225 -15.33 48.13 11.84
N PRO A 226 -15.39 49.46 11.71
CA PRO A 226 -15.83 50.06 10.44
C PRO A 226 -14.67 50.29 9.47
N VAL A 227 -13.93 49.23 9.16
CA VAL A 227 -12.83 49.29 8.21
C VAL A 227 -12.95 48.10 7.26
N ASN A 228 -12.33 48.24 6.09
CA ASN A 228 -12.39 47.25 5.03
C ASN A 228 -11.03 46.59 4.83
N TYR A 229 -11.05 45.47 4.12
CA TYR A 229 -9.83 44.82 3.66
C TYR A 229 -10.08 44.19 2.30
N THR A 230 -9.01 44.08 1.51
CA THR A 230 -9.12 43.64 0.13
C THR A 230 -8.72 42.18 -0.01
N LEU A 231 -9.48 41.44 -0.81
CA LEU A 231 -9.22 40.04 -1.09
C LEU A 231 -9.21 39.81 -2.59
N LEU A 232 -8.31 38.95 -3.04
CA LEU A 232 -8.21 38.56 -4.44
C LEU A 232 -8.59 37.10 -4.59
N HIS A 233 -9.53 36.82 -5.49
CA HIS A 233 -10.04 35.47 -5.71
C HIS A 233 -9.60 35.00 -7.09
N TYR A 234 -8.95 33.83 -7.13
CA TYR A 234 -8.51 33.21 -8.37
C TYR A 234 -9.25 31.89 -8.55
N ASP A 235 -9.87 31.73 -9.72
CA ASP A 235 -10.65 30.54 -10.04
C ASP A 235 -9.95 29.73 -11.11
N VAL A 236 -9.81 28.42 -10.88
CA VAL A 236 -9.23 27.50 -11.83
C VAL A 236 -10.24 26.38 -12.09
N VAL A 237 -10.50 26.10 -13.36
CA VAL A 237 -11.44 25.08 -13.77
C VAL A 237 -10.66 23.95 -14.41
N ILE A 238 -10.82 22.74 -13.88
CA ILE A 238 -10.10 21.56 -14.36
C ILE A 238 -11.12 20.46 -14.64
N GLN A 239 -10.88 19.70 -15.71
CA GLN A 239 -11.75 18.60 -16.11
C GLN A 239 -10.95 17.30 -16.17
N ARG A 240 -11.57 16.22 -15.71
CA ARG A 240 -10.93 14.92 -15.69
C ARG A 240 -10.93 14.29 -17.08
N LYS A 241 -9.95 13.43 -17.32
CA LYS A 241 -9.88 12.67 -18.57
C LYS A 241 -10.35 11.25 -18.31
N PRO A 242 -11.50 10.83 -18.86
CA PRO A 242 -12.09 9.54 -18.50
C PRO A 242 -11.67 8.37 -19.39
N LEU A 243 -10.71 8.56 -20.29
CA LEU A 243 -10.35 7.47 -21.21
C LEU A 243 -9.79 6.27 -20.47
N TYR A 244 -8.93 6.49 -19.47
CA TYR A 244 -8.35 5.38 -18.72
C TYR A 244 -9.44 4.56 -18.03
N TYR A 245 -10.35 5.22 -17.32
CA TYR A 245 -11.42 4.49 -16.64
C TYR A 245 -12.34 3.79 -17.63
N VAL A 246 -12.68 4.45 -18.74
CA VAL A 246 -13.57 3.83 -19.73
C VAL A 246 -12.93 2.57 -20.31
N LEU A 247 -11.64 2.65 -20.66
CA LEU A 247 -10.97 1.50 -21.24
C LEU A 247 -10.60 0.43 -20.22
N ASN A 248 -10.56 0.75 -18.92
CA ASN A 248 -10.06 -0.19 -17.93
C ASN A 248 -11.14 -0.82 -17.05
N LEU A 249 -12.28 -0.17 -16.84
CA LEU A 249 -13.29 -0.71 -15.94
C LEU A 249 -14.63 -0.96 -16.63
N ILE A 250 -15.13 -0.01 -17.40
CA ILE A 250 -16.48 -0.11 -17.93
C ILE A 250 -16.57 -1.24 -18.97
N ALA A 251 -15.62 -1.29 -19.90
CA ALA A 251 -15.70 -2.28 -20.97
C ALA A 251 -15.60 -3.72 -20.47
N PRO A 252 -14.62 -4.10 -19.63
CA PRO A 252 -14.55 -5.51 -19.21
C PRO A 252 -15.78 -5.98 -18.46
N THR A 253 -16.32 -5.17 -17.54
CA THR A 253 -17.52 -5.54 -16.82
C THR A 253 -18.74 -5.66 -17.73
N ALA A 254 -18.89 -4.75 -18.69
CA ALA A 254 -19.99 -4.86 -19.65
C ALA A 254 -19.87 -6.11 -20.51
N VAL A 255 -18.66 -6.46 -20.93
CA VAL A 255 -18.47 -7.68 -21.70
C VAL A 255 -18.80 -8.91 -20.86
N ILE A 256 -18.33 -8.93 -19.61
CA ILE A 256 -18.56 -10.08 -18.74
C ILE A 256 -20.05 -10.25 -18.45
N THR A 257 -20.75 -9.14 -18.19
CA THR A 257 -22.18 -9.22 -17.91
C THR A 257 -22.95 -9.75 -19.11
N PHE A 258 -22.61 -9.27 -20.32
CA PHE A 258 -23.27 -9.77 -21.53
C PHE A 258 -22.99 -11.25 -21.74
N ILE A 259 -21.75 -11.68 -21.51
CA ILE A 259 -21.40 -13.09 -21.67
C ILE A 259 -22.19 -13.95 -20.68
N SER A 260 -22.28 -13.49 -19.43
CA SER A 260 -23.04 -14.24 -18.43
C SER A 260 -24.52 -14.29 -18.78
N ILE A 261 -25.06 -13.19 -19.30
CA ILE A 261 -26.47 -13.16 -19.70
C ILE A 261 -26.71 -14.17 -20.82
N ILE A 262 -25.81 -14.22 -21.80
CA ILE A 262 -25.95 -15.20 -22.88
C ILE A 262 -25.86 -16.61 -22.34
N GLY A 263 -24.93 -16.86 -21.42
CA GLY A 263 -24.78 -18.19 -20.85
C GLY A 263 -25.95 -18.64 -20.02
N PHE A 264 -26.63 -17.69 -19.35
CA PHE A 264 -27.72 -18.05 -18.44
C PHE A 264 -28.87 -18.72 -19.18
N PHE A 265 -29.24 -18.20 -20.36
CA PHE A 265 -30.45 -18.60 -21.05
C PHE A 265 -30.14 -19.30 -22.36
N THR A 266 -29.16 -20.20 -22.34
CA THR A 266 -28.80 -21.00 -23.51
C THR A 266 -28.68 -22.45 -23.10
N SER A 267 -29.31 -23.33 -23.87
CA SER A 267 -29.30 -24.77 -23.59
C SER A 267 -28.92 -25.54 -24.85
N SER A 268 -28.27 -26.69 -24.65
CA SER A 268 -27.84 -27.51 -25.77
C SER A 268 -29.01 -28.25 -26.42
N SER A 269 -29.94 -28.75 -25.61
CA SER A 269 -31.08 -29.51 -26.11
C SER A 269 -32.35 -29.03 -25.43
N VAL A 270 -33.43 -28.96 -26.21
CA VAL A 270 -34.71 -28.54 -25.64
C VAL A 270 -35.29 -29.61 -24.74
N HIS A 271 -35.21 -30.87 -25.14
CA HIS A 271 -35.76 -31.98 -24.37
C HIS A 271 -34.66 -32.64 -23.52
N ASP A 272 -34.11 -31.86 -22.59
CA ASP A 272 -33.04 -32.33 -21.73
C ASP A 272 -33.05 -31.53 -20.43
N LEU A 273 -32.58 -32.17 -19.36
CA LEU A 273 -32.47 -31.48 -18.08
C LEU A 273 -31.35 -30.46 -18.12
N ARG A 274 -31.58 -29.32 -17.48
CA ARG A 274 -30.63 -28.22 -17.49
C ARG A 274 -29.76 -28.24 -16.25
N GLN A 275 -28.65 -27.50 -16.30
CA GLN A 275 -27.71 -27.42 -15.21
C GLN A 275 -28.14 -26.36 -14.20
N GLU A 276 -27.45 -26.33 -13.06
CA GLU A 276 -27.84 -25.50 -11.93
C GLU A 276 -27.80 -24.00 -12.26
N LYS A 277 -26.75 -23.55 -12.93
CA LYS A 277 -26.45 -22.16 -13.28
C LYS A 277 -26.10 -21.31 -12.06
N ILE A 278 -26.17 -21.87 -10.85
CA ILE A 278 -25.85 -21.10 -9.66
C ILE A 278 -24.35 -20.80 -9.58
N THR A 279 -23.51 -21.78 -9.91
CA THR A 279 -22.07 -21.57 -9.86
C THR A 279 -21.60 -20.50 -10.85
N LEU A 280 -22.21 -20.46 -12.04
CA LEU A 280 -21.85 -19.44 -13.03
C LEU A 280 -22.16 -18.04 -12.51
N GLY A 281 -23.31 -17.86 -11.87
CA GLY A 281 -23.68 -16.57 -11.32
C GLY A 281 -22.77 -16.12 -10.20
N ILE A 282 -22.42 -17.04 -9.30
CA ILE A 282 -21.52 -16.71 -8.21
C ILE A 282 -20.13 -16.35 -8.75
N THR A 283 -19.64 -17.12 -9.73
CA THR A 283 -18.34 -16.82 -10.32
C THR A 283 -18.34 -15.46 -11.01
N THR A 284 -19.43 -15.13 -11.72
CA THR A 284 -19.52 -13.82 -12.35
C THR A 284 -19.53 -12.70 -11.31
N LEU A 285 -20.29 -12.89 -10.23
CA LEU A 285 -20.30 -11.90 -9.16
C LEU A 285 -18.94 -11.78 -8.49
N LEU A 286 -18.27 -12.92 -8.26
CA LEU A 286 -16.95 -12.89 -7.67
C LEU A 286 -15.95 -12.16 -8.57
N SER A 287 -16.01 -12.42 -9.87
CA SER A 287 -15.10 -11.76 -10.80
C SER A 287 -15.35 -10.26 -10.84
N MET A 288 -16.62 -9.85 -10.87
CA MET A 288 -16.95 -8.43 -10.92
C MET A 288 -16.62 -7.74 -9.60
N SER A 289 -16.84 -8.44 -8.47
CA SER A 289 -16.49 -7.87 -7.18
C SER A 289 -14.99 -7.70 -7.03
N ILE A 290 -14.19 -8.58 -7.65
CA ILE A 290 -12.75 -8.45 -7.62
C ILE A 290 -12.31 -7.18 -8.32
N MET A 291 -12.88 -6.90 -9.50
CA MET A 291 -12.43 -5.76 -10.29
C MET A 291 -12.76 -4.42 -9.65
N ILE A 292 -13.95 -4.27 -9.05
CA ILE A 292 -14.36 -2.97 -8.55
C ILE A 292 -13.54 -2.54 -7.34
N PHE A 293 -13.31 -3.45 -6.39
CA PHE A 293 -12.68 -3.08 -5.13
C PHE A 293 -11.16 -3.19 -5.14
N MET A 294 -10.58 -3.85 -6.14
CA MET A 294 -9.14 -3.95 -6.20
C MET A 294 -8.53 -2.90 -7.12
N VAL A 295 -9.36 -2.09 -7.76
CA VAL A 295 -8.92 -0.95 -8.55
C VAL A 295 -9.41 0.28 -7.77
N SER A 296 -9.93 0.03 -6.58
CA SER A 296 -10.54 1.06 -5.74
C SER A 296 -9.54 2.06 -5.19
N ASP A 297 -8.26 1.96 -5.57
CA ASP A 297 -7.29 2.97 -5.19
C ASP A 297 -7.62 4.34 -5.79
N LYS A 298 -8.35 4.36 -6.91
CA LYS A 298 -8.70 5.60 -7.59
C LYS A 298 -10.19 5.91 -7.52
N MET A 299 -11.01 5.05 -6.91
CA MET A 299 -12.43 5.29 -6.82
C MET A 299 -12.74 6.40 -5.81
N PRO A 300 -13.88 7.09 -5.99
CA PRO A 300 -14.21 8.18 -5.05
C PRO A 300 -14.32 7.74 -3.60
N SER A 301 -15.03 6.64 -3.34
CA SER A 301 -15.25 6.14 -1.98
C SER A 301 -15.88 7.20 -1.07
N THR A 302 -16.98 7.79 -1.54
CA THR A 302 -17.69 8.82 -0.80
C THR A 302 -19.08 8.34 -0.40
N SER A 303 -19.54 8.84 0.75
CA SER A 303 -20.86 8.51 1.26
C SER A 303 -21.86 9.66 1.10
N THR A 304 -21.45 10.78 0.51
CA THR A 304 -22.37 11.90 0.34
C THR A 304 -23.39 11.63 -0.76
N CYS A 305 -22.95 11.03 -1.87
CA CYS A 305 -23.84 10.74 -2.98
C CYS A 305 -23.37 9.45 -3.65
N VAL A 306 -24.08 9.07 -4.71
CA VAL A 306 -23.76 7.89 -5.50
C VAL A 306 -23.21 8.38 -6.84
N PRO A 307 -21.92 8.20 -7.13
CA PRO A 307 -21.36 8.66 -8.40
C PRO A 307 -21.95 7.89 -9.58
N LEU A 308 -21.64 8.40 -10.78
CA LEU A 308 -22.15 7.76 -11.99
C LEU A 308 -21.60 6.36 -12.16
N ILE A 309 -20.32 6.16 -11.86
CA ILE A 309 -19.72 4.83 -12.00
C ILE A 309 -20.32 3.86 -10.97
N ALA A 310 -20.64 4.36 -9.77
CA ALA A 310 -21.25 3.51 -8.76
C ALA A 310 -22.64 3.04 -9.19
N LEU A 311 -23.43 3.94 -9.79
CA LEU A 311 -24.76 3.57 -10.26
C LEU A 311 -24.67 2.52 -11.36
N PHE A 312 -23.67 2.63 -12.23
CA PHE A 312 -23.50 1.64 -13.30
C PHE A 312 -23.20 0.26 -12.74
N TYR A 313 -22.35 0.18 -11.71
CA TYR A 313 -21.92 -1.11 -11.20
C TYR A 313 -23.05 -1.83 -10.46
N THR A 314 -23.90 -1.09 -9.74
CA THR A 314 -24.99 -1.72 -9.01
C THR A 314 -25.99 -2.37 -9.97
N LEU A 315 -26.30 -1.69 -11.08
CA LEU A 315 -27.29 -2.22 -12.00
C LEU A 315 -26.83 -3.54 -12.63
N MET A 316 -25.53 -3.65 -12.93
CA MET A 316 -25.01 -4.90 -13.45
C MET A 316 -25.13 -6.03 -12.44
N ILE A 317 -24.96 -5.71 -11.16
CA ILE A 317 -25.03 -6.73 -10.11
C ILE A 317 -26.45 -7.26 -9.98
N THR A 318 -27.45 -6.37 -9.99
CA THR A 318 -28.84 -6.80 -9.79
C THR A 318 -29.32 -7.69 -10.92
N ILE A 319 -29.02 -7.32 -12.17
CA ILE A 319 -29.50 -8.12 -13.30
C ILE A 319 -28.80 -9.47 -13.33
N ILE A 320 -27.56 -9.55 -12.85
CA ILE A 320 -26.91 -10.85 -12.70
C ILE A 320 -27.56 -11.64 -11.58
N SER A 321 -27.83 -10.99 -10.44
CA SER A 321 -28.49 -11.67 -9.33
C SER A 321 -29.93 -12.06 -9.69
N VAL A 322 -30.66 -11.17 -10.37
CA VAL A 322 -31.99 -11.52 -10.83
C VAL A 322 -31.92 -12.60 -11.90
N GLY A 323 -30.89 -12.56 -12.75
CA GLY A 323 -30.77 -13.55 -13.80
C GLY A 323 -30.56 -14.96 -13.28
N THR A 324 -29.81 -15.11 -12.18
CA THR A 324 -29.59 -16.44 -11.62
C THR A 324 -30.87 -17.01 -11.02
N LEU A 325 -31.74 -16.14 -10.49
CA LEU A 325 -33.03 -16.60 -10.00
C LEU A 325 -33.99 -16.92 -11.14
N ALA A 326 -33.97 -16.13 -12.22
CA ALA A 326 -34.82 -16.43 -13.36
C ALA A 326 -34.42 -17.74 -14.04
N ALA A 327 -33.12 -18.02 -14.11
CA ALA A 327 -32.68 -19.28 -14.69
C ALA A 327 -33.10 -20.47 -13.83
N SER A 328 -33.15 -20.28 -12.51
CA SER A 328 -33.60 -21.36 -11.62
C SER A 328 -35.09 -21.63 -11.77
N SER A 329 -35.88 -20.62 -12.10
CA SER A 329 -37.32 -20.81 -12.27
C SER A 329 -37.64 -21.60 -13.53
N VAL A 330 -36.77 -21.59 -14.53
CA VAL A 330 -36.99 -22.39 -15.74
C VAL A 330 -36.90 -23.87 -15.40
N ILE A 331 -35.94 -24.26 -14.56
CA ILE A 331 -35.82 -25.65 -14.15
C ILE A 331 -37.04 -26.10 -13.36
N PHE A 332 -37.54 -25.23 -12.48
CA PHE A 332 -38.72 -25.58 -11.68
C PHE A 332 -39.94 -25.80 -12.57
N VAL A 333 -40.09 -24.98 -13.61
CA VAL A 333 -41.21 -25.17 -14.53
C VAL A 333 -41.05 -26.46 -15.32
N GLN A 334 -39.84 -26.76 -15.78
CA GLN A 334 -39.61 -27.97 -16.57
C GLN A 334 -39.86 -29.22 -15.75
N LYS A 335 -39.46 -29.23 -14.48
CA LYS A 335 -39.62 -30.40 -13.63
C LYS A 335 -41.07 -30.65 -13.24
N LEU A 336 -41.98 -29.73 -13.54
CA LEU A 336 -43.39 -29.94 -13.23
C LEU A 336 -43.99 -31.08 -14.04
N GLY A 337 -43.32 -31.51 -15.12
CA GLY A 337 -43.81 -32.61 -15.93
C GLY A 337 -43.63 -33.98 -15.31
N SER A 338 -42.88 -34.08 -14.21
CA SER A 338 -42.70 -35.34 -13.52
C SER A 338 -43.89 -35.71 -12.64
N ILE A 339 -44.79 -34.78 -12.39
CA ILE A 339 -45.97 -35.06 -11.57
C ILE A 339 -47.04 -35.80 -12.37
N GLY A 340 -47.14 -35.55 -13.67
CA GLY A 340 -48.10 -36.21 -14.53
C GLY A 340 -49.32 -35.40 -14.89
N ASN A 341 -49.44 -34.16 -14.41
CA ASN A 341 -50.59 -33.33 -14.76
C ASN A 341 -50.26 -32.50 -15.98
N PRO A 342 -51.02 -32.64 -17.07
CA PRO A 342 -50.73 -31.85 -18.27
C PRO A 342 -50.99 -30.38 -18.03
N PRO A 343 -50.33 -29.50 -18.77
CA PRO A 343 -50.59 -28.06 -18.62
C PRO A 343 -52.01 -27.71 -19.04
N ALA A 344 -52.52 -26.63 -18.46
CA ALA A 344 -53.89 -26.20 -18.74
C ALA A 344 -54.05 -25.81 -20.20
N SER A 345 -55.31 -25.84 -20.67
CA SER A 345 -55.60 -25.53 -22.06
C SER A 345 -55.21 -24.09 -22.40
N LYS A 346 -55.51 -23.15 -21.51
CA LYS A 346 -55.13 -21.76 -21.75
C LYS A 346 -53.63 -21.57 -21.70
N THR A 347 -52.93 -22.33 -20.85
CA THR A 347 -51.48 -22.24 -20.78
C THR A 347 -50.84 -22.65 -22.10
N MET A 348 -51.33 -23.73 -22.71
CA MET A 348 -50.77 -24.17 -23.98
C MET A 348 -51.20 -23.26 -25.12
N LYS A 349 -52.41 -22.67 -25.03
CA LYS A 349 -52.87 -21.76 -26.07
C LYS A 349 -51.99 -20.52 -26.16
N TRP A 350 -51.65 -19.94 -25.01
CA TRP A 350 -50.79 -18.76 -24.99
C TRP A 350 -49.38 -19.09 -25.46
N THR A 351 -48.91 -20.31 -25.19
CA THR A 351 -47.55 -20.68 -25.55
C THR A 351 -47.37 -20.72 -27.07
N HIS A 352 -48.36 -21.21 -27.81
CA HIS A 352 -48.18 -21.39 -29.25
C HIS A 352 -48.20 -20.09 -30.02
N ARG A 353 -48.72 -19.00 -29.45
CA ARG A 353 -48.75 -17.75 -30.20
C ARG A 353 -47.53 -16.87 -29.93
N ILE A 354 -46.95 -16.95 -28.73
CA ILE A 354 -45.74 -16.18 -28.44
C ILE A 354 -44.55 -16.75 -29.20
N ALA A 355 -44.56 -18.06 -29.47
CA ALA A 355 -43.40 -18.70 -30.11
C ALA A 355 -43.06 -18.11 -31.48
N PRO A 356 -44.00 -17.89 -32.39
CA PRO A 356 -43.60 -17.29 -33.69
C PRO A 356 -42.93 -15.93 -33.56
N PHE A 357 -43.38 -15.09 -32.63
CA PHE A 357 -42.69 -13.82 -32.39
C PHE A 357 -41.35 -14.06 -31.70
N VAL A 358 -41.31 -15.02 -30.76
CA VAL A 358 -40.07 -15.39 -30.10
C VAL A 358 -39.06 -16.02 -31.05
N LEU A 359 -39.52 -16.52 -32.20
CA LEU A 359 -38.69 -17.21 -33.19
C LEU A 359 -38.10 -18.51 -32.60
N ILE A 360 -39.02 -19.37 -32.16
CA ILE A 360 -38.69 -20.71 -31.70
C ILE A 360 -39.57 -21.70 -32.47
N GLN A 361 -39.09 -22.93 -32.63
CA GLN A 361 -39.78 -23.94 -33.41
C GLN A 361 -39.96 -25.22 -32.60
N MET A 362 -41.05 -25.92 -32.89
CA MET A 362 -41.33 -27.16 -32.20
C MET A 362 -40.36 -28.25 -32.65
N PRO A 363 -39.88 -29.09 -31.74
CA PRO A 363 -38.97 -30.18 -32.14
C PRO A 363 -39.73 -31.27 -32.89
N LEU A 364 -38.96 -32.06 -33.63
CA LEU A 364 -39.55 -33.13 -34.44
C LEU A 364 -40.22 -34.19 -33.58
N VAL A 365 -39.60 -34.56 -32.45
CA VAL A 365 -40.17 -35.62 -31.63
C VAL A 365 -41.48 -35.18 -30.99
N MET A 366 -41.63 -33.87 -30.75
CA MET A 366 -42.89 -33.37 -30.22
C MET A 366 -44.00 -33.45 -31.26
N LYS A 367 -43.66 -33.18 -32.53
CA LYS A 367 -44.64 -33.31 -33.61
C LYS A 367 -45.06 -34.76 -33.78
N GLN A 368 -44.11 -35.69 -33.66
CA GLN A 368 -44.44 -37.11 -33.82
C GLN A 368 -45.35 -37.60 -32.70
N ALA A 369 -45.16 -37.09 -31.48
CA ALA A 369 -46.03 -37.48 -30.37
C ALA A 369 -47.48 -37.05 -30.62
N TYR A 370 -47.67 -35.85 -31.16
CA TYR A 370 -49.02 -35.40 -31.47
C TYR A 370 -49.66 -36.26 -32.55
N ALA A 371 -48.88 -36.64 -33.57
CA ALA A 371 -49.42 -37.47 -34.64
C ALA A 371 -49.82 -38.85 -34.11
N LYS A 372 -48.99 -39.44 -33.25
CA LYS A 372 -49.32 -40.76 -32.70
C LYS A 372 -50.57 -40.69 -31.84
N ARG A 373 -50.71 -39.63 -31.03
CA ARG A 373 -51.92 -39.47 -30.23
C ARG A 373 -53.15 -39.24 -31.11
N ALA A 374 -52.98 -38.51 -32.21
CA ALA A 374 -54.09 -38.25 -33.11
C ALA A 374 -54.62 -39.54 -33.73
N LYS A 375 -53.72 -40.46 -34.09
CA LYS A 375 -54.16 -41.74 -34.65
C LYS A 375 -54.97 -42.53 -33.63
N GLU A 376 -54.54 -42.55 -32.37
CA GLU A 376 -55.31 -43.21 -31.33
C GLU A 376 -56.64 -42.51 -31.10
N GLU A 377 -56.67 -41.18 -31.22
CA GLU A 377 -57.92 -40.45 -31.07
C GLU A 377 -58.92 -40.86 -32.16
N LYS A 378 -58.45 -41.00 -33.40
CA LYS A 378 -59.33 -41.45 -34.47
C LYS A 378 -59.68 -42.92 -34.33
N HIS A 379 -58.73 -43.74 -33.87
CA HIS A 379 -59.02 -45.15 -33.66
C HIS A 379 -60.02 -45.35 -32.54
N ARG A 380 -59.93 -44.55 -31.48
CA ARG A 380 -60.87 -44.68 -30.37
C ARG A 380 -62.30 -44.37 -30.80
N LYS A 381 -62.47 -43.30 -31.59
CA LYS A 381 -63.82 -42.93 -32.02
C LYS A 381 -64.37 -43.91 -33.04
N ARG A 382 -63.52 -44.50 -33.87
CA ARG A 382 -64.01 -45.45 -34.87
C ARG A 382 -64.57 -46.71 -34.20
N MET A 383 -63.88 -47.21 -33.17
CA MET A 383 -64.38 -48.37 -32.44
C MET A 383 -65.65 -48.03 -31.67
N SER A 384 -65.81 -46.77 -31.26
CA SER A 384 -67.03 -46.36 -30.57
C SER A 384 -68.24 -46.46 -31.48
N ARG A 385 -68.09 -46.07 -32.74
CA ARG A 385 -69.19 -46.15 -33.70
C ARG A 385 -69.34 -47.56 -34.25
N ASN A 550 -42.71 -39.48 -22.92
CA ASN A 550 -44.00 -39.13 -22.33
C ASN A 550 -44.50 -37.79 -22.88
N ILE A 551 -45.75 -37.76 -23.32
CA ILE A 551 -46.32 -36.55 -23.90
C ILE A 551 -46.44 -35.45 -22.84
N VAL A 552 -46.75 -35.82 -21.59
CA VAL A 552 -46.86 -34.83 -20.52
C VAL A 552 -45.51 -34.16 -20.28
N GLU A 553 -44.44 -34.94 -20.25
CA GLU A 553 -43.11 -34.37 -20.05
C GLU A 553 -42.72 -33.45 -21.21
N LEU A 554 -43.07 -33.85 -22.44
CA LEU A 554 -42.72 -33.04 -23.60
C LEU A 554 -43.44 -31.69 -23.58
N GLU A 555 -44.70 -31.68 -23.17
CA GLU A 555 -45.46 -30.43 -23.16
C GLU A 555 -44.86 -29.42 -22.18
N TRP A 556 -44.49 -29.87 -20.98
CA TRP A 556 -43.84 -28.98 -20.03
C TRP A 556 -42.42 -28.60 -20.45
N ASP A 557 -41.76 -29.45 -21.24
CA ASP A 557 -40.43 -29.11 -21.73
C ASP A 557 -40.48 -27.92 -22.67
N TRP A 558 -41.48 -27.86 -23.54
CA TRP A 558 -41.58 -26.75 -24.49
C TRP A 558 -42.02 -25.45 -23.82
N VAL A 559 -42.82 -25.54 -22.75
CA VAL A 559 -43.21 -24.34 -22.03
C VAL A 559 -42.00 -23.65 -21.42
N ALA A 560 -41.08 -24.42 -20.83
CA ALA A 560 -39.86 -23.85 -20.29
C ALA A 560 -38.96 -23.32 -21.40
N ALA A 561 -38.98 -23.95 -22.58
CA ALA A 561 -38.14 -23.48 -23.68
C ALA A 561 -38.61 -22.12 -24.19
N VAL A 562 -39.94 -21.92 -24.30
CA VAL A 562 -40.46 -20.64 -24.73
C VAL A 562 -40.22 -19.57 -23.67
N LEU A 563 -40.39 -19.95 -22.40
CA LEU A 563 -40.15 -19.01 -21.31
C LEU A 563 -38.69 -18.58 -21.25
N GLU A 564 -37.77 -19.52 -21.51
CA GLU A 564 -36.35 -19.20 -21.44
C GLU A 564 -35.95 -18.16 -22.49
N ARG A 565 -36.47 -18.29 -23.72
CA ARG A 565 -36.12 -17.34 -24.76
C ARG A 565 -36.73 -15.97 -24.49
N VAL A 566 -37.88 -15.92 -23.81
CA VAL A 566 -38.47 -14.64 -23.42
C VAL A 566 -37.55 -13.91 -22.45
N PHE A 567 -36.98 -14.64 -21.49
CA PHE A 567 -36.04 -14.03 -20.55
C PHE A 567 -34.80 -13.52 -21.26
N LEU A 568 -34.32 -14.26 -22.26
CA LEU A 568 -33.13 -13.84 -22.99
C LEU A 568 -33.35 -12.51 -23.69
N ILE A 569 -34.49 -12.34 -24.34
CA ILE A 569 -34.78 -11.09 -25.03
C ILE A 569 -34.95 -9.95 -24.03
N PHE A 570 -35.66 -10.21 -22.92
CA PHE A 570 -35.93 -9.16 -21.94
C PHE A 570 -34.65 -8.66 -21.27
N PHE A 571 -33.75 -9.57 -20.91
CA PHE A 571 -32.56 -9.19 -20.14
C PHE A 571 -31.50 -8.49 -20.98
N THR A 572 -31.51 -8.67 -22.30
CA THR A 572 -30.60 -7.90 -23.15
C THR A 572 -31.07 -6.47 -23.37
N ILE A 573 -32.39 -6.25 -23.39
CA ILE A 573 -32.91 -4.89 -23.51
C ILE A 573 -32.53 -4.08 -22.28
N CYS A 574 -32.67 -4.66 -21.09
CA CYS A 574 -32.27 -3.97 -19.87
C CYS A 574 -30.77 -3.72 -19.85
N PHE A 575 -29.96 -4.68 -20.30
CA PHE A 575 -28.52 -4.49 -20.33
C PHE A 575 -28.13 -3.38 -21.30
N LEU A 576 -28.75 -3.34 -22.48
CA LEU A 576 -28.42 -2.30 -23.45
C LEU A 576 -28.82 -0.92 -22.94
N PHE A 577 -30.01 -0.80 -22.34
CA PHE A 577 -30.46 0.49 -21.85
C PHE A 577 -29.57 1.00 -20.71
N SER A 578 -29.19 0.12 -19.78
CA SER A 578 -28.42 0.54 -18.62
C SER A 578 -26.99 0.92 -19.02
N ALA A 579 -26.33 0.06 -19.80
CA ALA A 579 -24.92 0.30 -20.14
C ALA A 579 -24.78 1.48 -21.09
N ILE A 580 -25.56 1.51 -22.16
CA ILE A 580 -25.45 2.59 -23.14
C ILE A 580 -25.98 3.90 -22.56
N GLY A 581 -27.13 3.85 -21.88
CA GLY A 581 -27.78 5.07 -21.43
C GLY A 581 -26.97 5.84 -20.42
N ILE A 582 -26.38 5.14 -19.45
CA ILE A 582 -25.61 5.81 -18.41
C ILE A 582 -24.34 6.42 -18.99
N ASN A 583 -23.61 5.64 -19.80
CA ASN A 583 -22.35 6.12 -20.35
C ASN A 583 -22.56 7.25 -21.35
N LEU A 584 -23.60 7.13 -22.19
CA LEU A 584 -23.88 8.20 -23.15
C LEU A 584 -24.30 9.49 -22.45
N TYR A 585 -25.08 9.38 -21.37
CA TYR A 585 -25.48 10.56 -20.62
C TYR A 585 -24.28 11.24 -19.97
N GLY A 586 -23.33 10.44 -19.46
CA GLY A 586 -22.13 11.02 -18.89
C GLY A 586 -21.26 11.70 -19.92
N TRP A 587 -21.15 11.11 -21.11
CA TRP A 587 -20.36 11.71 -22.18
C TRP A 587 -20.97 13.03 -22.63
N TYR A 588 -22.30 13.09 -22.72
CA TYR A 588 -22.96 14.32 -23.15
C TYR A 588 -22.68 15.46 -22.18
N ILE A 589 -22.71 15.19 -20.87
CA ILE A 589 -22.37 16.21 -19.89
C ILE A 589 -20.90 16.62 -20.04
N TRP A 590 -20.02 15.65 -20.23
CA TRP A 590 -18.60 15.95 -20.39
C TRP A 590 -18.35 16.78 -21.64
N TYR A 591 -19.07 16.48 -22.73
CA TYR A 591 -18.82 17.18 -23.99
C TYR A 591 -19.27 18.63 -23.92
N THR A 592 -20.45 18.89 -23.35
CA THR A 592 -20.98 20.25 -23.32
C THR A 592 -20.12 21.18 -22.49
N GLU A 593 -19.68 20.74 -21.31
CA GLU A 593 -18.85 21.60 -20.46
C GLU A 593 -17.48 21.84 -21.10
N ASN A 594 -16.98 20.86 -21.84
CA ASN A 594 -15.68 21.02 -22.50
C ASN A 594 -15.72 22.12 -23.56
N HIS A 595 -16.79 22.16 -24.35
CA HIS A 595 -16.86 23.06 -25.50
C HIS A 595 -17.55 24.38 -25.18
N PHE A 596 -18.30 24.48 -24.08
CA PHE A 596 -18.99 25.71 -23.71
C PHE A 596 -18.23 26.53 -22.70
N LEU A 597 -16.99 26.14 -22.38
CA LEU A 597 -16.17 26.89 -21.44
C LEU A 597 -14.82 27.23 -22.05
N PRO B 22 35.78 31.66 44.55
CA PRO B 22 35.34 31.20 45.87
C PRO B 22 33.86 30.80 45.89
N ASP B 23 32.99 31.73 45.49
CA ASP B 23 31.55 31.48 45.43
C ASP B 23 31.07 31.18 44.02
N ILE B 24 32.00 30.95 43.08
CA ILE B 24 31.65 30.61 41.71
C ILE B 24 32.37 29.32 41.33
N PRO B 25 31.84 28.52 40.41
CA PRO B 25 32.53 27.29 40.02
C PRO B 25 33.89 27.57 39.39
N ILE B 26 34.83 26.65 39.63
CA ILE B 26 36.15 26.75 39.01
C ILE B 26 36.06 26.59 37.51
N GLN B 27 35.04 25.87 37.03
CA GLN B 27 34.84 25.71 35.59
C GLN B 27 34.64 27.05 34.90
N TYR B 28 33.98 28.00 35.58
CA TYR B 28 33.81 29.33 35.00
C TYR B 28 35.14 29.97 34.66
N GLU B 29 36.05 30.02 35.65
CA GLU B 29 37.36 30.62 35.44
C GLU B 29 38.19 29.84 34.42
N LEU B 30 38.13 28.50 34.48
CA LEU B 30 38.90 27.70 33.53
C LEU B 30 38.44 27.95 32.09
N ALA B 31 37.12 27.97 31.88
CA ALA B 31 36.59 28.22 30.55
C ALA B 31 36.92 29.64 30.08
N ASN B 32 36.81 30.62 30.98
CA ASN B 32 37.14 31.99 30.60
C ASN B 32 38.62 32.12 30.24
N ASN B 33 39.49 31.37 30.92
CA ASN B 33 40.91 31.42 30.62
C ASN B 33 41.23 30.76 29.29
N ILE B 34 40.65 29.58 29.04
CA ILE B 34 41.03 28.84 27.83
C ILE B 34 40.27 29.33 26.60
N MET B 35 39.20 30.08 26.77
CA MET B 35 38.38 30.55 25.67
C MET B 35 38.69 32.00 25.27
N GLU B 36 39.80 32.55 25.75
CA GLU B 36 40.07 33.97 25.56
C GLU B 36 40.45 34.28 24.12
N ASN B 37 41.54 33.69 23.63
CA ASN B 37 42.07 33.99 22.31
C ASN B 37 41.68 32.96 21.27
N TYR B 38 40.73 32.09 21.57
CA TYR B 38 40.34 31.02 20.66
C TYR B 38 39.44 31.55 19.56
N GLN B 39 39.66 31.06 18.34
CA GLN B 39 38.79 31.30 17.19
C GLN B 39 38.39 29.95 16.61
N LYS B 40 37.12 29.57 16.80
CA LYS B 40 36.65 28.25 16.39
C LYS B 40 36.44 28.11 14.90
N GLY B 41 36.48 29.20 14.14
CA GLY B 41 36.25 29.13 12.71
C GLY B 41 37.44 28.70 11.89
N LEU B 42 38.61 28.59 12.50
CA LEU B 42 39.84 28.22 11.79
C LEU B 42 40.52 27.05 12.48
N ILE B 43 41.28 26.28 11.71
CA ILE B 43 41.95 25.10 12.24
C ILE B 43 43.01 25.52 13.25
N PRO B 44 43.07 24.90 14.43
CA PRO B 44 44.08 25.27 15.45
C PRO B 44 45.41 24.53 15.25
N LYS B 45 46.11 24.90 14.19
CA LYS B 45 47.39 24.30 13.84
C LYS B 45 48.49 25.31 14.18
N VAL B 46 49.18 25.08 15.29
CA VAL B 46 50.28 25.97 15.69
C VAL B 46 51.62 25.46 15.16
N ARG B 47 51.86 24.16 15.19
CA ARG B 47 53.10 23.58 14.71
C ARG B 47 53.03 23.38 13.20
N LYS B 48 54.04 23.87 12.49
CA LYS B 48 54.05 23.83 11.03
C LYS B 48 54.37 22.44 10.50
N GLY B 49 55.21 21.69 11.22
CA GLY B 49 55.75 20.46 10.66
C GLY B 49 54.72 19.38 10.45
N SER B 50 53.85 19.15 11.43
CA SER B 50 52.99 17.98 11.39
C SER B 50 51.53 18.36 11.26
N PRO B 51 50.71 17.50 10.61
CA PRO B 51 49.27 17.74 10.56
C PRO B 51 48.57 17.30 11.84
N ILE B 52 47.24 17.35 11.84
CA ILE B 52 46.44 16.95 12.99
C ILE B 52 45.91 15.54 12.72
N ASN B 53 46.19 14.62 13.64
CA ASN B 53 45.78 13.23 13.49
C ASN B 53 44.45 13.01 14.19
N VAL B 54 43.51 12.39 13.47
CA VAL B 54 42.17 12.08 13.98
C VAL B 54 41.98 10.58 13.95
N THR B 55 41.55 10.02 15.07
CA THR B 55 41.30 8.59 15.19
C THR B 55 39.79 8.36 15.29
N LEU B 56 39.28 7.41 14.49
CA LEU B 56 37.85 7.15 14.41
C LEU B 56 37.57 5.68 14.67
N SER B 57 36.54 5.41 15.46
CA SER B 57 36.07 4.07 15.73
C SER B 57 34.55 4.04 15.64
N LEU B 58 34.02 2.90 15.20
CA LEU B 58 32.59 2.75 14.99
C LEU B 58 32.08 1.50 15.69
N GLN B 59 30.88 1.60 16.26
CA GLN B 59 30.19 0.46 16.86
C GLN B 59 28.81 0.34 16.21
N LEU B 60 28.46 -0.86 15.76
CA LEU B 60 27.19 -1.10 15.11
C LEU B 60 26.17 -1.60 16.13
N TYR B 61 24.96 -1.04 16.07
CA TYR B 61 23.90 -1.38 17.01
C TYR B 61 22.68 -2.01 16.35
N GLN B 62 22.33 -1.57 15.14
CA GLN B 62 21.12 -2.07 14.49
C GLN B 62 21.25 -1.91 12.98
N ILE B 63 20.57 -2.81 12.27
CA ILE B 63 20.35 -2.69 10.84
C ILE B 63 18.88 -2.39 10.64
N ILE B 64 18.56 -1.14 10.33
CA ILE B 64 17.16 -0.71 10.34
C ILE B 64 16.43 -1.18 9.09
N GLN B 65 17.02 -0.95 7.91
CA GLN B 65 16.32 -1.27 6.67
C GLN B 65 17.34 -1.51 5.56
N VAL B 66 17.01 -2.44 4.67
CA VAL B 66 17.74 -2.67 3.44
C VAL B 66 16.76 -2.43 2.29
N ASN B 67 17.08 -1.46 1.43
CA ASN B 67 16.21 -1.05 0.34
C ASN B 67 16.86 -1.43 -0.98
N GLU B 68 16.28 -2.42 -1.66
CA GLU B 68 16.80 -2.89 -2.94
C GLU B 68 16.38 -1.99 -4.10
N PRO B 69 15.10 -1.61 -4.23
CA PRO B 69 14.72 -0.75 -5.38
C PRO B 69 15.46 0.57 -5.42
N GLN B 70 15.72 1.19 -4.27
CA GLN B 70 16.44 2.46 -4.22
C GLN B 70 17.92 2.30 -3.91
N GLN B 71 18.37 1.08 -3.61
CA GLN B 71 19.79 0.76 -3.44
C GLN B 71 20.43 1.61 -2.35
N TYR B 72 19.93 1.43 -1.12
CA TYR B 72 20.54 2.09 0.03
C TYR B 72 20.35 1.22 1.27
N LEU B 73 21.19 1.46 2.27
CA LEU B 73 21.18 0.71 3.52
C LEU B 73 21.12 1.69 4.68
N LEU B 74 20.31 1.37 5.68
CA LEU B 74 20.11 2.22 6.86
C LEU B 74 20.71 1.53 8.08
N LEU B 75 21.58 2.24 8.79
CA LEU B 75 22.27 1.69 9.95
C LEU B 75 22.18 2.66 11.12
N ASN B 76 22.28 2.12 12.32
CA ASN B 76 22.35 2.89 13.55
C ASN B 76 23.67 2.54 14.24
N ALA B 77 24.50 3.55 14.48
CA ALA B 77 25.86 3.32 14.97
C ALA B 77 26.28 4.45 15.89
N TRP B 78 27.33 4.20 16.66
CA TRP B 78 27.96 5.17 17.53
C TRP B 78 29.37 5.46 17.01
N ALA B 79 29.75 6.73 16.98
CA ALA B 79 31.03 7.16 16.45
C ALA B 79 31.82 7.93 17.51
N VAL B 80 33.11 7.65 17.60
CA VAL B 80 34.02 8.31 18.53
C VAL B 80 35.20 8.87 17.74
N GLU B 81 35.51 10.14 17.95
CA GLU B 81 36.64 10.79 17.31
C GLU B 81 37.54 11.42 18.37
N ARG B 82 38.85 11.29 18.18
CA ARG B 82 39.84 11.81 19.12
C ARG B 82 40.91 12.56 18.35
N TRP B 83 41.27 13.75 18.86
CA TRP B 83 42.36 14.53 18.29
C TRP B 83 42.88 15.46 19.38
N VAL B 84 43.98 16.16 19.06
CA VAL B 84 44.64 17.06 20.00
C VAL B 84 44.50 18.48 19.48
N ASP B 85 43.94 19.35 20.30
CA ASP B 85 43.82 20.77 19.98
C ASP B 85 45.00 21.50 20.62
N GLN B 86 45.82 22.15 19.79
CA GLN B 86 47.06 22.77 20.24
C GLN B 86 46.87 24.16 20.83
N MET B 87 45.63 24.61 21.00
CA MET B 87 45.37 25.95 21.51
C MET B 87 44.54 25.97 22.79
N LEU B 88 44.32 24.83 23.43
CA LEU B 88 43.44 24.73 24.58
C LEU B 88 44.14 24.07 25.77
N GLY B 89 45.40 24.42 26.01
CA GLY B 89 46.12 23.86 27.13
C GLY B 89 46.14 24.78 28.34
N TRP B 90 46.21 24.17 29.52
CA TRP B 90 46.24 24.92 30.76
C TRP B 90 47.02 24.13 31.81
N ASP B 91 47.49 24.85 32.83
CA ASP B 91 48.22 24.24 33.92
C ASP B 91 47.25 23.82 35.03
N PRO B 92 47.17 22.54 35.39
CA PRO B 92 46.21 22.12 36.42
C PRO B 92 46.42 22.77 37.77
N SER B 93 47.67 23.03 38.17
CA SER B 93 47.94 23.57 39.50
C SER B 93 47.35 24.98 39.67
N GLU B 94 47.21 25.72 38.57
CA GLU B 94 46.66 27.08 38.66
C GLU B 94 45.15 27.07 38.88
N PHE B 95 44.48 25.94 38.60
CA PHE B 95 43.03 25.89 38.66
C PHE B 95 42.53 24.80 39.59
N ASP B 96 43.07 24.75 40.80
CA ASP B 96 42.63 23.81 41.85
C ASP B 96 42.80 22.36 41.40
N ASN B 97 43.91 22.09 40.70
CA ASN B 97 44.25 20.73 40.27
C ASN B 97 43.13 20.11 39.45
N GLU B 98 42.60 20.86 38.50
CA GLU B 98 41.58 20.39 37.58
C GLU B 98 42.24 19.95 36.28
N THR B 99 41.93 18.73 35.82
CA THR B 99 42.53 18.18 34.62
C THR B 99 41.49 17.82 33.56
N GLU B 100 40.22 18.17 33.77
CA GLU B 100 39.18 17.84 32.80
C GLU B 100 38.12 18.94 32.83
N ILE B 101 37.38 19.05 31.72
CA ILE B 101 36.29 20.00 31.59
C ILE B 101 35.40 19.55 30.44
N MET B 102 34.16 20.01 30.47
CA MET B 102 33.17 19.69 29.44
C MET B 102 32.71 20.99 28.78
N ALA B 103 32.68 20.99 27.45
CA ALA B 103 32.29 22.16 26.69
C ALA B 103 31.35 21.76 25.57
N ARG B 104 30.50 22.71 25.16
CA ARG B 104 29.57 22.47 24.06
C ARG B 104 30.33 22.36 22.74
N HIS B 105 29.79 21.54 21.83
CA HIS B 105 30.44 21.32 20.55
C HIS B 105 30.48 22.57 19.68
N ASP B 106 29.62 23.55 19.95
CA ASP B 106 29.62 24.78 19.17
C ASP B 106 30.75 25.72 19.57
N ASP B 107 31.36 25.51 20.74
CA ASP B 107 32.38 26.42 21.23
C ASP B 107 33.74 26.21 20.57
N ILE B 108 34.06 24.97 20.18
CA ILE B 108 35.40 24.63 19.72
C ILE B 108 35.34 24.16 18.27
N TRP B 109 36.52 24.05 17.67
CA TRP B 109 36.65 23.60 16.29
C TRP B 109 36.57 22.08 16.23
N LEU B 110 35.88 21.57 15.20
CA LEU B 110 35.73 20.14 15.00
C LEU B 110 36.10 19.77 13.57
N PRO B 111 36.77 18.62 13.38
CA PRO B 111 37.05 18.17 12.02
C PRO B 111 35.80 17.80 11.26
N ASP B 112 35.85 17.96 9.95
CA ASP B 112 34.70 17.69 9.08
C ASP B 112 34.78 16.25 8.56
N THR B 113 34.45 15.31 9.43
CA THR B 113 34.37 13.90 9.05
C THR B 113 33.09 13.68 8.27
N THR B 114 33.22 13.18 7.03
CA THR B 114 32.09 13.05 6.12
C THR B 114 32.02 11.65 5.56
N LEU B 115 30.80 11.12 5.44
CA LEU B 115 30.54 9.88 4.73
C LEU B 115 30.34 10.20 3.25
N TYR B 116 31.28 9.76 2.42
CA TYR B 116 31.27 10.18 1.02
C TYR B 116 30.04 9.66 0.27
N ASN B 117 29.70 8.39 0.47
CA ASN B 117 28.55 7.79 -0.21
C ASN B 117 27.32 7.82 0.70
N SER B 118 26.87 9.04 0.97
CA SER B 118 25.71 9.28 1.81
C SER B 118 24.56 9.84 0.99
N LEU B 119 23.34 9.40 1.30
CA LEU B 119 22.14 9.84 0.60
C LEU B 119 21.32 10.83 1.42
N GLU B 120 21.89 11.36 2.50
CA GLU B 120 21.21 12.32 3.37
C GLU B 120 21.97 13.64 3.35
N MET B 121 21.25 14.72 3.07
CA MET B 121 21.87 16.03 2.96
C MET B 121 21.76 16.88 4.22
N ASP B 122 20.85 16.54 5.13
CA ASP B 122 20.66 17.29 6.37
C ASP B 122 21.30 16.53 7.52
N ASP B 123 22.19 17.19 8.24
CA ASP B 123 22.92 16.57 9.34
C ASP B 123 22.14 16.60 10.66
N SER B 124 21.03 17.33 10.72
CA SER B 124 20.23 17.37 11.94
C SER B 124 19.35 16.14 12.10
N ALA B 125 19.14 15.37 11.04
CA ALA B 125 18.33 14.17 11.10
C ALA B 125 19.16 12.89 11.08
N SER B 126 20.48 13.00 11.09
CA SER B 126 21.37 11.84 11.05
C SER B 126 22.50 11.93 12.07
N LYS B 127 22.50 12.93 12.93
CA LYS B 127 23.58 13.11 13.89
C LYS B 127 23.06 13.92 15.07
N LYS B 128 23.74 13.78 16.21
CA LYS B 128 23.35 14.49 17.43
C LYS B 128 24.60 14.75 18.25
N LEU B 129 25.09 15.99 18.21
CA LEU B 129 26.27 16.40 18.97
C LEU B 129 25.85 17.28 20.13
N THR B 130 26.32 16.92 21.33
CA THR B 130 25.94 17.65 22.53
C THR B 130 27.13 18.30 23.22
N HIS B 131 28.16 17.52 23.52
CA HIS B 131 29.29 18.00 24.31
C HIS B 131 30.58 17.32 23.88
N VAL B 132 31.69 17.93 24.26
CA VAL B 132 33.02 17.38 24.06
C VAL B 132 33.77 17.41 25.39
N LYS B 133 34.77 16.55 25.51
CA LYS B 133 35.58 16.46 26.73
C LYS B 133 37.02 16.85 26.40
N LEU B 134 37.57 17.73 27.22
CA LEU B 134 38.94 18.22 27.06
C LEU B 134 39.79 17.78 28.23
N THR B 135 40.92 17.13 27.93
CA THR B 135 41.90 16.72 28.94
C THR B 135 43.21 17.42 28.63
N THR B 136 43.70 18.20 29.58
CA THR B 136 44.89 19.01 29.34
C THR B 136 46.15 18.14 29.23
N LEU B 137 47.08 18.62 28.41
CA LEU B 137 48.39 17.99 28.26
C LEU B 137 49.53 18.91 28.68
N GLY B 138 49.23 20.08 29.23
CA GLY B 138 50.23 21.06 29.56
C GLY B 138 49.82 22.46 29.11
N LYS B 139 50.49 23.49 29.63
CA LYS B 139 50.13 24.85 29.27
C LYS B 139 50.37 25.14 27.80
N ASN B 140 51.50 24.66 27.27
CA ASN B 140 51.88 24.90 25.89
C ASN B 140 51.81 23.64 25.03
N GLN B 141 51.14 22.59 25.51
CA GLN B 141 51.04 21.34 24.77
C GLN B 141 49.64 21.06 24.24
N GLY B 142 48.65 21.86 24.60
CA GLY B 142 47.30 21.64 24.14
C GLY B 142 46.54 20.66 25.01
N ALA B 143 45.38 20.26 24.49
CA ALA B 143 44.49 19.34 25.19
C ALA B 143 43.98 18.27 24.23
N MET B 144 43.63 17.12 24.80
CA MET B 144 43.06 16.01 24.04
C MET B 144 41.54 16.16 24.00
N VAL B 145 40.98 16.10 22.80
CA VAL B 145 39.55 16.30 22.58
C VAL B 145 38.93 14.97 22.16
N GLU B 146 37.85 14.59 22.82
CA GLU B 146 37.12 13.37 22.51
C GLU B 146 35.66 13.72 22.24
N LEU B 147 35.12 13.19 21.15
CA LEU B 147 33.74 13.47 20.74
C LEU B 147 33.04 12.17 20.43
N LEU B 148 31.97 11.89 21.17
CA LEU B 148 31.16 10.70 20.97
C LEU B 148 29.71 11.10 20.72
N TYR B 149 29.09 10.49 19.72
CA TYR B 149 27.73 10.87 19.33
C TYR B 149 27.08 9.70 18.61
N PRO B 150 25.77 9.53 18.74
CA PRO B 150 25.05 8.55 17.92
C PRO B 150 24.69 9.11 16.56
N THR B 151 24.52 8.21 15.60
CA THR B 151 24.24 8.63 14.24
C THR B 151 23.43 7.55 13.52
N ILE B 152 22.75 7.98 12.46
CA ILE B 152 22.02 7.08 11.57
C ILE B 152 22.54 7.31 10.16
N TYR B 153 23.06 6.27 9.54
CA TYR B 153 23.72 6.38 8.23
C TYR B 153 22.80 5.84 7.14
N LYS B 154 22.69 6.61 6.05
CA LYS B 154 21.97 6.19 4.85
C LYS B 154 23.03 5.97 3.77
N ILE B 155 23.44 4.71 3.60
CA ILE B 155 24.57 4.35 2.76
C ILE B 155 24.04 3.74 1.47
N SER B 156 24.50 4.29 0.34
CA SER B 156 24.12 3.78 -0.97
C SER B 156 25.16 2.76 -1.44
N CYS B 157 24.73 1.51 -1.60
CA CYS B 157 25.60 0.44 -2.04
C CYS B 157 24.90 -0.38 -3.13
N LEU B 158 25.70 -0.89 -4.06
CA LEU B 158 25.17 -1.70 -5.14
C LEU B 158 24.84 -3.10 -4.63
N LEU B 159 23.64 -3.58 -4.96
CA LEU B 159 23.15 -4.88 -4.50
C LEU B 159 23.00 -5.81 -5.69
N ASN B 160 23.50 -7.03 -5.54
CA ASN B 160 23.40 -8.07 -6.56
C ASN B 160 22.37 -9.09 -6.10
N LEU B 161 21.26 -9.19 -6.85
CA LEU B 161 20.16 -10.08 -6.50
C LEU B 161 20.11 -11.29 -7.42
N LYS B 162 21.26 -11.77 -7.88
CA LYS B 162 21.30 -12.92 -8.78
C LYS B 162 20.97 -14.23 -8.06
N TYR B 163 21.37 -14.37 -6.80
CA TYR B 163 21.17 -15.61 -6.05
C TYR B 163 20.06 -15.48 -5.02
N PHE B 164 19.11 -14.58 -5.23
CA PHE B 164 18.02 -14.41 -4.28
C PHE B 164 17.19 -15.70 -4.20
N PRO B 165 16.78 -16.12 -3.00
CA PRO B 165 16.98 -15.49 -1.69
C PRO B 165 18.22 -16.00 -0.95
N PHE B 166 19.18 -16.60 -1.64
CA PHE B 166 20.40 -17.11 -1.02
C PHE B 166 21.58 -16.16 -1.25
N ASP B 167 21.31 -14.86 -1.32
CA ASP B 167 22.32 -13.88 -1.70
C ASP B 167 23.01 -13.29 -0.49
N THR B 168 24.26 -12.87 -0.67
CA THR B 168 25.03 -12.14 0.33
C THR B 168 25.48 -10.83 -0.28
N GLN B 169 25.46 -9.76 0.50
CA GLN B 169 25.77 -8.43 0.01
C GLN B 169 26.93 -7.82 0.79
N THR B 170 27.63 -6.89 0.16
CA THR B 170 28.75 -6.19 0.78
C THR B 170 28.66 -4.73 0.40
N CYS B 171 28.45 -3.86 1.40
CA CYS B 171 28.36 -2.42 1.18
C CYS B 171 29.52 -1.74 1.90
N ARG B 172 30.09 -0.73 1.23
CA ARG B 172 31.26 -0.03 1.72
C ARG B 172 30.89 1.32 2.30
N MET B 173 31.57 1.69 3.38
CA MET B 173 31.45 3.02 3.98
C MET B 173 32.79 3.73 3.85
N THR B 174 32.78 4.92 3.25
CA THR B 174 33.99 5.70 3.02
C THR B 174 33.95 6.96 3.88
N PHE B 175 35.01 7.18 4.65
CA PHE B 175 35.12 8.33 5.55
C PHE B 175 36.38 9.12 5.22
N GLY B 176 36.32 10.42 5.46
CA GLY B 176 37.45 11.27 5.20
C GLY B 176 37.09 12.74 5.38
N SER B 177 38.02 13.59 4.98
CA SER B 177 37.84 15.04 5.06
C SER B 177 37.37 15.57 3.71
N TRP B 178 36.34 16.41 3.74
CA TRP B 178 35.75 16.89 2.49
C TRP B 178 36.62 17.94 1.81
N SER B 179 37.33 18.76 2.59
CA SER B 179 38.05 19.90 2.04
C SER B 179 39.52 19.97 2.41
N PHE B 180 39.98 19.19 3.39
CA PHE B 180 41.35 19.30 3.89
C PHE B 180 42.17 18.11 3.40
N ASP B 181 43.36 18.41 2.88
CA ASP B 181 44.30 17.38 2.48
C ASP B 181 45.02 16.82 3.70
N ASN B 182 45.75 15.71 3.49
CA ASN B 182 46.39 15.02 4.60
C ASN B 182 47.57 15.79 5.19
N SER B 183 48.03 16.87 4.55
CA SER B 183 49.05 17.72 5.14
C SER B 183 48.49 18.59 6.26
N LEU B 184 47.16 18.65 6.40
CA LEU B 184 46.50 19.39 7.46
C LEU B 184 45.78 18.47 8.44
N ILE B 185 44.96 17.53 7.94
CA ILE B 185 44.22 16.59 8.77
C ILE B 185 44.48 15.19 8.26
N ASP B 186 44.89 14.29 9.15
CA ASP B 186 45.14 12.90 8.83
C ASP B 186 44.19 12.01 9.64
N TYR B 187 43.81 10.89 9.05
CA TYR B 187 42.85 9.97 9.64
C TYR B 187 43.47 8.59 9.83
N PHE B 188 43.21 8.00 10.99
CA PHE B 188 43.64 6.65 11.31
C PHE B 188 42.49 5.87 11.92
N PRO B 189 42.40 4.57 11.64
CA PRO B 189 41.33 3.75 12.21
C PRO B 189 41.67 3.20 13.59
N ARG B 190 40.62 2.96 14.36
CA ARG B 190 40.74 2.33 15.67
C ARG B 190 39.85 1.10 15.69
N THR B 191 40.43 -0.06 15.97
CA THR B 191 39.74 -1.34 15.89
C THR B 191 39.47 -1.89 17.29
N PHE B 192 38.52 -2.82 17.35
CA PHE B 192 38.15 -3.47 18.59
C PHE B 192 38.73 -4.88 18.65
N THR B 193 38.42 -5.59 19.73
CA THR B 193 38.98 -6.93 19.93
C THR B 193 38.49 -7.91 18.87
N ASN B 194 37.19 -7.92 18.60
CA ASN B 194 36.61 -8.87 17.66
C ASN B 194 36.74 -8.44 16.21
N GLY B 195 37.09 -7.18 15.95
CA GLY B 195 37.22 -6.71 14.59
C GLY B 195 37.25 -5.19 14.51
N PRO B 196 37.36 -4.67 13.28
CA PRO B 196 37.38 -3.20 13.11
C PRO B 196 36.12 -2.52 13.61
N ILE B 197 34.96 -3.16 13.51
CA ILE B 197 33.70 -2.58 13.92
C ILE B 197 33.16 -3.37 15.10
N GLY B 198 32.84 -2.69 16.18
CA GLY B 198 32.33 -3.35 17.37
C GLY B 198 30.96 -3.95 17.11
N LEU B 199 30.76 -5.20 17.53
CA LEU B 199 29.49 -5.90 17.36
C LEU B 199 29.02 -6.53 18.67
N ALA B 200 29.55 -6.08 19.81
CA ALA B 200 29.19 -6.68 21.09
C ALA B 200 27.79 -6.29 21.55
N ASN B 201 27.25 -5.18 21.05
CA ASN B 201 25.91 -4.72 21.43
C ASN B 201 24.98 -4.67 20.23
N PHE B 202 25.28 -5.45 19.20
CA PHE B 202 24.46 -5.46 18.00
C PHE B 202 23.11 -6.12 18.28
N LEU B 203 22.06 -5.57 17.69
CA LEU B 203 20.71 -6.10 17.81
C LEU B 203 20.44 -7.01 16.61
N GLU B 204 20.08 -8.26 16.89
CA GLU B 204 19.91 -9.24 15.83
C GLU B 204 18.77 -8.85 14.90
N ASN B 205 19.00 -9.01 13.61
CA ASN B 205 17.99 -8.73 12.60
C ASN B 205 17.26 -10.01 12.23
N ASP B 206 15.98 -9.88 11.88
CA ASP B 206 15.13 -11.02 11.54
C ASP B 206 15.28 -11.45 10.08
N ALA B 207 16.05 -10.71 9.27
CA ALA B 207 16.22 -11.05 7.87
C ALA B 207 17.67 -11.08 7.40
N TRP B 208 18.61 -10.50 8.15
CA TRP B 208 20.00 -10.43 7.74
C TRP B 208 20.90 -10.85 8.89
N SER B 209 22.05 -11.42 8.54
CA SER B 209 23.06 -11.83 9.49
C SER B 209 24.41 -11.27 9.06
N VAL B 210 25.18 -10.79 10.03
CA VAL B 210 26.49 -10.19 9.78
C VAL B 210 27.56 -11.25 9.87
N LEU B 211 28.38 -11.36 8.83
CA LEU B 211 29.43 -12.38 8.77
C LEU B 211 30.80 -11.86 9.19
N GLY B 212 31.14 -10.63 8.85
CA GLY B 212 32.44 -10.09 9.22
C GLY B 212 32.57 -8.65 8.78
N THR B 213 33.69 -8.05 9.17
CA THR B 213 33.97 -6.65 8.86
C THR B 213 35.44 -6.49 8.49
N LYS B 214 35.73 -5.47 7.70
CA LYS B 214 37.09 -5.16 7.27
C LYS B 214 37.28 -3.65 7.28
N VAL B 215 38.55 -3.23 7.37
CA VAL B 215 38.92 -1.83 7.33
C VAL B 215 40.17 -1.67 6.49
N ASN B 216 40.26 -0.55 5.78
CA ASN B 216 41.41 -0.28 4.91
C ASN B 216 41.63 1.22 4.85
N ARG B 217 42.89 1.63 5.00
CA ARG B 217 43.29 3.03 4.93
C ARG B 217 44.03 3.27 3.62
N GLU B 218 43.59 4.29 2.87
CA GLU B 218 44.13 4.58 1.56
C GLU B 218 44.44 6.06 1.43
N GLU B 219 45.53 6.36 0.73
CA GLU B 219 45.89 7.74 0.38
C GLU B 219 45.65 7.95 -1.10
N LYS B 220 44.88 8.98 -1.42
CA LYS B 220 44.46 9.25 -2.80
C LYS B 220 45.00 10.59 -3.26
N LYS B 221 45.33 10.67 -4.55
CA LYS B 221 45.92 11.86 -5.13
C LYS B 221 44.87 12.72 -5.81
N TYR B 222 44.94 14.03 -5.58
CA TYR B 222 44.12 14.97 -6.32
C TYR B 222 44.50 14.95 -7.79
N THR B 223 43.52 15.20 -8.66
CA THR B 223 43.72 15.10 -10.10
C THR B 223 43.94 16.49 -10.69
N CYS B 224 44.25 17.44 -9.80
CA CYS B 224 44.55 18.79 -10.23
C CYS B 224 45.76 19.36 -9.50
N CYS B 225 46.17 18.72 -8.41
CA CYS B 225 47.22 19.22 -7.53
C CYS B 225 48.11 18.08 -7.07
N PRO B 226 49.37 18.38 -6.72
CA PRO B 226 50.27 17.33 -6.21
C PRO B 226 50.17 17.16 -4.70
N VAL B 227 48.95 16.93 -4.20
CA VAL B 227 48.72 16.70 -2.78
C VAL B 227 47.83 15.47 -2.61
N ASN B 228 47.89 14.87 -1.43
CA ASN B 228 47.15 13.65 -1.14
C ASN B 228 46.07 13.92 -0.10
N TYR B 229 45.15 12.97 0.01
CA TYR B 229 44.15 12.98 1.07
C TYR B 229 43.87 11.54 1.48
N THR B 230 43.47 11.38 2.74
CA THR B 230 43.31 10.06 3.35
C THR B 230 41.84 9.66 3.38
N LEU B 231 41.57 8.39 3.05
CA LEU B 231 40.22 7.83 3.07
C LEU B 231 40.23 6.54 3.86
N LEU B 232 39.16 6.32 4.63
CA LEU B 232 38.97 5.10 5.40
C LEU B 232 37.81 4.32 4.83
N HIS B 233 38.04 3.04 4.52
CA HIS B 233 37.03 2.17 3.92
C HIS B 233 36.63 1.11 4.93
N TYR B 234 35.32 1.01 5.18
CA TYR B 234 34.76 0.00 6.08
C TYR B 234 33.87 -0.93 5.27
N ASP B 235 34.13 -2.23 5.39
CA ASP B 235 33.39 -3.26 4.66
C ASP B 235 32.53 -4.06 5.64
N VAL B 236 31.25 -4.22 5.29
CA VAL B 236 30.32 -5.03 6.06
C VAL B 236 29.73 -6.09 5.14
N VAL B 237 29.76 -7.34 5.58
CA VAL B 237 29.23 -8.47 4.82
C VAL B 237 27.99 -8.98 5.53
N ILE B 238 26.87 -9.02 4.81
CA ILE B 238 25.59 -9.46 5.36
C ILE B 238 25.01 -10.54 4.45
N GLN B 239 24.38 -11.54 5.05
CA GLN B 239 23.77 -12.64 4.32
C GLN B 239 22.29 -12.73 4.66
N ARG B 240 21.47 -13.01 3.65
CA ARG B 240 20.03 -13.12 3.83
C ARG B 240 19.67 -14.46 4.47
N LYS B 241 18.53 -14.47 5.17
CA LYS B 241 17.99 -15.69 5.74
C LYS B 241 16.84 -16.18 4.87
N PRO B 242 16.98 -17.30 4.18
CA PRO B 242 15.96 -17.73 3.20
C PRO B 242 14.86 -18.63 3.74
N LEU B 243 14.80 -18.85 5.05
CA LEU B 243 13.80 -19.78 5.60
C LEU B 243 12.38 -19.30 5.33
N TYR B 244 12.13 -18.00 5.49
CA TYR B 244 10.78 -17.48 5.26
C TYR B 244 10.35 -17.70 3.81
N TYR B 245 11.20 -17.35 2.86
CA TYR B 245 10.84 -17.55 1.45
C TYR B 245 10.69 -19.03 1.11
N VAL B 246 11.59 -19.88 1.62
CA VAL B 246 11.50 -21.31 1.34
C VAL B 246 10.19 -21.88 1.86
N LEU B 247 9.81 -21.53 3.08
CA LEU B 247 8.59 -22.05 3.68
C LEU B 247 7.32 -21.40 3.13
N ASN B 248 7.42 -20.23 2.51
CA ASN B 248 6.23 -19.48 2.11
C ASN B 248 5.94 -19.49 0.62
N LEU B 249 6.94 -19.65 -0.25
CA LEU B 249 6.71 -19.58 -1.69
C LEU B 249 7.09 -20.86 -2.41
N ILE B 250 8.27 -21.42 -2.14
CA ILE B 250 8.77 -22.54 -2.93
C ILE B 250 7.92 -23.79 -2.69
N ALA B 251 7.63 -24.11 -1.43
CA ALA B 251 6.91 -25.35 -1.13
C ALA B 251 5.49 -25.36 -1.69
N PRO B 252 4.65 -24.33 -1.48
CA PRO B 252 3.27 -24.43 -2.01
C PRO B 252 3.21 -24.56 -3.52
N THR B 253 4.03 -23.80 -4.25
CA THR B 253 4.05 -23.90 -5.70
C THR B 253 4.53 -25.27 -6.18
N ALA B 254 5.56 -25.83 -5.54
CA ALA B 254 6.02 -27.16 -5.89
C ALA B 254 4.95 -28.22 -5.62
N VAL B 255 4.23 -28.10 -4.51
CA VAL B 255 3.15 -29.04 -4.22
C VAL B 255 2.03 -28.92 -5.26
N ILE B 256 1.66 -27.68 -5.59
CA ILE B 256 0.57 -27.46 -6.54
C ILE B 256 0.95 -28.00 -7.92
N THR B 257 2.19 -27.75 -8.36
CA THR B 257 2.63 -28.24 -9.67
C THR B 257 2.61 -29.76 -9.72
N PHE B 258 3.08 -30.43 -8.66
CA PHE B 258 3.05 -31.88 -8.62
C PHE B 258 1.62 -32.40 -8.64
N ILE B 259 0.73 -31.77 -7.88
CA ILE B 259 -0.67 -32.19 -7.87
C ILE B 259 -1.29 -32.05 -9.25
N SER B 260 -1.02 -30.93 -9.93
CA SER B 260 -1.55 -30.71 -11.27
C SER B 260 -0.98 -31.73 -12.25
N ILE B 261 0.31 -32.05 -12.12
CA ILE B 261 0.92 -33.05 -13.00
C ILE B 261 0.25 -34.41 -12.81
N ILE B 262 0.01 -34.79 -11.55
CA ILE B 262 -0.68 -36.06 -11.29
C ILE B 262 -2.09 -36.03 -11.89
N GLY B 263 -2.80 -34.92 -11.71
CA GLY B 263 -4.16 -34.82 -12.24
C GLY B 263 -4.23 -34.86 -13.75
N PHE B 264 -3.21 -34.33 -14.43
CA PHE B 264 -3.25 -34.23 -15.88
C PHE B 264 -3.30 -35.60 -16.54
N PHE B 265 -2.52 -36.55 -16.04
CA PHE B 265 -2.33 -37.84 -16.71
C PHE B 265 -2.90 -38.99 -15.89
N THR B 266 -4.10 -38.80 -15.34
CA THR B 266 -4.79 -39.84 -14.60
C THR B 266 -6.23 -39.93 -15.08
N SER B 267 -6.69 -41.14 -15.37
CA SER B 267 -8.03 -41.38 -15.86
C SER B 267 -8.70 -42.47 -15.04
N SER B 268 -10.02 -42.37 -14.92
CA SER B 268 -10.78 -43.36 -14.15
C SER B 268 -10.90 -44.69 -14.89
N SER B 269 -11.14 -44.64 -16.20
CA SER B 269 -11.32 -45.84 -17.00
C SER B 269 -10.51 -45.74 -18.27
N VAL B 270 -9.90 -46.87 -18.67
CA VAL B 270 -9.11 -46.89 -19.90
C VAL B 270 -10.00 -46.77 -21.13
N HIS B 271 -11.12 -47.48 -21.14
CA HIS B 271 -12.03 -47.47 -22.28
C HIS B 271 -13.17 -46.48 -22.04
N ASP B 272 -12.81 -45.20 -21.95
CA ASP B 272 -13.77 -44.14 -21.71
C ASP B 272 -13.22 -42.83 -22.25
N LEU B 273 -14.13 -41.94 -22.64
CA LEU B 273 -13.73 -40.62 -23.11
C LEU B 273 -13.22 -39.78 -21.95
N ARG B 274 -12.18 -38.99 -22.21
CA ARG B 274 -11.54 -38.19 -21.19
C ARG B 274 -12.08 -36.76 -21.21
N GLN B 275 -11.82 -36.04 -20.12
CA GLN B 275 -12.26 -34.66 -19.97
C GLN B 275 -11.27 -33.70 -20.63
N GLU B 276 -11.67 -32.43 -20.71
CA GLU B 276 -10.92 -31.42 -21.45
C GLU B 276 -9.52 -31.18 -20.88
N LYS B 277 -9.42 -31.08 -19.56
CA LYS B 277 -8.22 -30.77 -18.79
C LYS B 277 -7.74 -29.34 -19.00
N ILE B 278 -8.40 -28.56 -19.86
CA ILE B 278 -7.99 -27.18 -20.09
C ILE B 278 -8.29 -26.30 -18.88
N THR B 279 -9.47 -26.49 -18.27
CA THR B 279 -9.84 -25.69 -17.11
C THR B 279 -8.91 -25.93 -15.93
N LEU B 280 -8.46 -27.18 -15.73
CA LEU B 280 -7.53 -27.46 -14.64
C LEU B 280 -6.21 -26.74 -14.83
N GLY B 281 -5.69 -26.70 -16.06
CA GLY B 281 -4.45 -26.01 -16.35
C GLY B 281 -4.55 -24.51 -16.15
N ILE B 282 -5.65 -23.92 -16.60
CA ILE B 282 -5.85 -22.49 -16.43
C ILE B 282 -5.97 -22.15 -14.94
N THR B 283 -6.71 -22.96 -14.19
CA THR B 283 -6.86 -22.72 -12.75
C THR B 283 -5.53 -22.83 -12.04
N THR B 284 -4.70 -23.82 -12.42
CA THR B 284 -3.38 -23.96 -11.82
C THR B 284 -2.51 -22.75 -12.14
N LEU B 285 -2.54 -22.29 -13.40
CA LEU B 285 -1.78 -21.10 -13.76
C LEU B 285 -2.30 -19.86 -13.03
N LEU B 286 -3.62 -19.73 -12.91
CA LEU B 286 -4.19 -18.59 -12.19
C LEU B 286 -3.78 -18.61 -10.72
N SER B 287 -3.81 -19.79 -10.10
CA SER B 287 -3.42 -19.89 -8.69
C SER B 287 -1.94 -19.55 -8.51
N MET B 288 -1.09 -20.06 -9.39
CA MET B 288 0.35 -19.78 -9.28
C MET B 288 0.66 -18.32 -9.60
N SER B 289 -0.06 -17.74 -10.57
CA SER B 289 0.15 -16.33 -10.89
C SER B 289 -0.29 -15.44 -9.74
N ILE B 290 -1.32 -15.85 -8.99
CA ILE B 290 -1.75 -15.08 -7.83
C ILE B 290 -0.66 -15.03 -6.76
N MET B 291 -0.01 -16.17 -6.50
CA MET B 291 0.96 -16.23 -5.42
C MET B 291 2.22 -15.42 -5.71
N ILE B 292 2.73 -15.45 -6.95
CA ILE B 292 4.00 -14.82 -7.25
C ILE B 292 3.90 -13.29 -7.17
N PHE B 293 2.85 -12.72 -7.75
CA PHE B 293 2.77 -11.27 -7.88
C PHE B 293 2.10 -10.58 -6.70
N MET B 294 1.41 -11.33 -5.84
CA MET B 294 0.77 -10.72 -4.68
C MET B 294 1.63 -10.83 -3.43
N VAL B 295 2.78 -11.49 -3.52
CA VAL B 295 3.77 -11.55 -2.45
C VAL B 295 4.96 -10.76 -2.98
N SER B 296 4.77 -10.11 -4.12
CA SER B 296 5.82 -9.38 -4.83
C SER B 296 6.27 -8.12 -4.10
N ASP B 297 5.74 -7.85 -2.90
CA ASP B 297 6.25 -6.74 -2.11
C ASP B 297 7.70 -6.95 -1.70
N LYS B 298 8.16 -8.19 -1.64
CA LYS B 298 9.52 -8.52 -1.24
C LYS B 298 10.37 -9.07 -2.37
N MET B 299 9.80 -9.24 -3.57
CA MET B 299 10.57 -9.78 -4.69
C MET B 299 11.54 -8.75 -5.23
N PRO B 300 12.64 -9.20 -5.86
CA PRO B 300 13.63 -8.24 -6.39
C PRO B 300 13.06 -7.26 -7.40
N SER B 301 12.30 -7.74 -8.38
CA SER B 301 11.72 -6.91 -9.44
C SER B 301 12.80 -6.13 -10.18
N THR B 302 13.83 -6.83 -10.65
CA THR B 302 14.94 -6.24 -11.36
C THR B 302 14.98 -6.74 -12.81
N SER B 303 15.44 -5.86 -13.70
CA SER B 303 15.58 -6.18 -15.11
C SER B 303 17.03 -6.42 -15.54
N THR B 304 17.98 -6.33 -14.61
CA THR B 304 19.38 -6.55 -14.96
C THR B 304 19.67 -8.01 -15.21
N CYS B 305 19.12 -8.90 -14.39
CA CYS B 305 19.35 -10.34 -14.53
C CYS B 305 18.10 -11.08 -14.09
N VAL B 306 18.16 -12.40 -14.15
CA VAL B 306 17.08 -13.29 -13.74
C VAL B 306 17.50 -13.95 -12.43
N PRO B 307 16.90 -13.62 -11.30
CA PRO B 307 17.28 -14.24 -10.03
C PRO B 307 16.97 -15.73 -10.01
N LEU B 308 17.48 -16.39 -8.97
CA LEU B 308 17.28 -17.83 -8.83
C LEU B 308 15.80 -18.17 -8.66
N ILE B 309 15.09 -17.38 -7.86
CA ILE B 309 13.67 -17.63 -7.64
C ILE B 309 12.87 -17.40 -8.92
N ALA B 310 13.27 -16.42 -9.73
CA ALA B 310 12.59 -16.17 -10.99
C ALA B 310 12.75 -17.34 -11.95
N LEU B 311 13.97 -17.91 -12.02
CA LEU B 311 14.20 -19.06 -12.90
C LEU B 311 13.36 -20.25 -12.47
N PHE B 312 13.20 -20.45 -11.16
CA PHE B 312 12.39 -21.55 -10.66
C PHE B 312 10.93 -21.40 -11.08
N TYR B 313 10.39 -20.19 -11.01
CA TYR B 313 8.96 -19.99 -11.27
C TYR B 313 8.64 -20.17 -12.75
N THR B 314 9.53 -19.74 -13.64
CA THR B 314 9.28 -19.89 -15.07
C THR B 314 9.21 -21.35 -15.48
N LEU B 315 10.09 -22.18 -14.94
CA LEU B 315 10.13 -23.59 -15.33
C LEU B 315 8.84 -24.30 -14.92
N MET B 316 8.28 -23.96 -13.76
CA MET B 316 7.01 -24.56 -13.35
C MET B 316 5.89 -24.16 -14.29
N ILE B 317 5.93 -22.92 -14.81
CA ILE B 317 4.87 -22.45 -15.71
C ILE B 317 4.92 -23.19 -17.03
N THR B 318 6.11 -23.39 -17.60
CA THR B 318 6.23 -24.02 -18.90
C THR B 318 5.75 -25.47 -18.87
N ILE B 319 6.17 -26.23 -17.84
CA ILE B 319 5.78 -27.64 -17.78
C ILE B 319 4.27 -27.78 -17.54
N ILE B 320 3.66 -26.81 -16.84
CA ILE B 320 2.21 -26.80 -16.73
C ILE B 320 1.57 -26.46 -18.07
N SER B 321 2.11 -25.46 -18.76
CA SER B 321 1.58 -25.10 -20.08
C SER B 321 1.82 -26.20 -21.10
N VAL B 322 3.01 -26.81 -21.08
CA VAL B 322 3.27 -27.95 -21.96
C VAL B 322 2.41 -29.14 -21.57
N GLY B 323 2.17 -29.32 -20.27
CA GLY B 323 1.37 -30.44 -19.81
C GLY B 323 -0.07 -30.38 -20.29
N THR B 324 -0.65 -29.18 -20.35
CA THR B 324 -2.03 -29.06 -20.81
C THR B 324 -2.15 -29.35 -22.30
N LEU B 325 -1.09 -29.06 -23.08
CA LEU B 325 -1.09 -29.44 -24.48
C LEU B 325 -0.85 -30.92 -24.68
N ALA B 326 0.00 -31.53 -23.86
CA ALA B 326 0.24 -32.97 -23.95
C ALA B 326 -1.02 -33.76 -23.58
N ALA B 327 -1.77 -33.29 -22.58
CA ALA B 327 -3.01 -33.96 -22.21
C ALA B 327 -4.05 -33.84 -23.32
N SER B 328 -4.05 -32.74 -24.06
CA SER B 328 -4.98 -32.59 -25.17
C SER B 328 -4.64 -33.50 -26.33
N SER B 329 -3.36 -33.82 -26.52
CA SER B 329 -2.96 -34.71 -27.60
C SER B 329 -3.39 -36.16 -27.35
N VAL B 330 -3.56 -36.55 -26.09
CA VAL B 330 -4.04 -37.90 -25.79
C VAL B 330 -5.47 -38.08 -26.26
N ILE B 331 -6.31 -37.04 -26.07
CA ILE B 331 -7.69 -37.10 -26.54
C ILE B 331 -7.74 -37.21 -28.06
N PHE B 332 -6.89 -36.44 -28.75
CA PHE B 332 -6.86 -36.47 -30.21
C PHE B 332 -6.48 -37.85 -30.73
N VAL B 333 -5.52 -38.51 -30.07
CA VAL B 333 -5.12 -39.85 -30.47
C VAL B 333 -6.26 -40.84 -30.22
N GLN B 334 -6.93 -40.72 -29.06
CA GLN B 334 -8.00 -41.66 -28.73
C GLN B 334 -9.17 -41.52 -29.70
N LYS B 335 -9.51 -40.30 -30.10
CA LYS B 335 -10.63 -40.07 -30.99
C LYS B 335 -10.37 -40.54 -32.42
N LEU B 336 -9.13 -40.90 -32.75
CA LEU B 336 -8.83 -41.41 -34.09
C LEU B 336 -9.53 -42.73 -34.38
N GLY B 337 -10.02 -43.42 -33.35
CA GLY B 337 -10.73 -44.67 -33.55
C GLY B 337 -12.13 -44.53 -34.09
N SER B 338 -12.67 -43.32 -34.13
CA SER B 338 -13.99 -43.08 -34.68
C SER B 338 -14.00 -43.06 -36.21
N ILE B 339 -12.83 -42.98 -36.84
CA ILE B 339 -12.77 -42.98 -38.30
C ILE B 339 -12.91 -44.38 -38.87
N GLY B 340 -12.45 -45.40 -38.15
CA GLY B 340 -12.58 -46.79 -38.59
C GLY B 340 -11.32 -47.39 -39.16
N ASN B 341 -10.21 -46.65 -39.22
CA ASN B 341 -8.97 -47.22 -39.73
C ASN B 341 -8.14 -47.78 -38.58
N PRO B 342 -7.84 -49.08 -38.60
CA PRO B 342 -7.05 -49.66 -37.51
C PRO B 342 -5.65 -49.10 -37.49
N PRO B 343 -4.99 -49.10 -36.33
CA PRO B 343 -3.60 -48.63 -36.28
C PRO B 343 -2.67 -49.54 -37.08
N ALA B 344 -1.57 -48.95 -37.54
CA ALA B 344 -0.62 -49.69 -38.37
C ALA B 344 0.01 -50.84 -37.57
N SER B 345 0.52 -51.82 -38.31
CA SER B 345 1.12 -53.00 -37.68
C SER B 345 2.34 -52.62 -36.83
N LYS B 346 3.17 -51.73 -37.34
CA LYS B 346 4.35 -51.29 -36.57
C LYS B 346 3.93 -50.46 -35.36
N THR B 347 2.84 -49.69 -35.48
CA THR B 347 2.37 -48.90 -34.35
C THR B 347 1.93 -49.79 -33.19
N MET B 348 1.21 -50.88 -33.50
CA MET B 348 0.79 -51.80 -32.45
C MET B 348 1.95 -52.64 -31.93
N LYS B 349 2.93 -52.95 -32.79
CA LYS B 349 4.09 -53.72 -32.35
C LYS B 349 4.89 -52.96 -31.30
N TRP B 350 5.13 -51.67 -31.54
CA TRP B 350 5.88 -50.85 -30.59
C TRP B 350 5.10 -50.66 -29.29
N THR B 351 3.77 -50.62 -29.37
CA THR B 351 2.96 -50.39 -28.18
C THR B 351 3.07 -51.54 -27.18
N HIS B 352 3.11 -52.79 -27.67
CA HIS B 352 3.08 -53.93 -26.77
C HIS B 352 4.40 -54.14 -26.03
N ARG B 353 5.50 -53.57 -26.49
CA ARG B 353 6.76 -53.79 -25.78
C ARG B 353 7.06 -52.69 -24.77
N ILE B 354 6.59 -51.46 -25.00
CA ILE B 354 6.79 -50.40 -24.03
C ILE B 354 5.92 -50.62 -22.79
N ALA B 355 4.77 -51.27 -22.96
CA ALA B 355 3.83 -51.46 -21.84
C ALA B 355 4.43 -52.21 -20.66
N PRO B 356 5.13 -53.34 -20.84
CA PRO B 356 5.71 -54.00 -19.65
C PRO B 356 6.67 -53.13 -18.86
N PHE B 357 7.47 -52.31 -19.53
CA PHE B 357 8.33 -51.37 -18.82
C PHE B 357 7.51 -50.24 -18.21
N VAL B 358 6.49 -49.77 -18.93
CA VAL B 358 5.58 -48.77 -18.43
C VAL B 358 4.75 -49.26 -17.24
N LEU B 359 4.63 -50.58 -17.08
CA LEU B 359 3.82 -51.21 -16.03
C LEU B 359 2.33 -50.88 -16.22
N ILE B 360 1.84 -51.24 -17.40
CA ILE B 360 0.42 -51.16 -17.72
C ILE B 360 -0.03 -52.53 -18.22
N GLN B 361 -1.32 -52.83 -18.06
CA GLN B 361 -1.86 -54.12 -18.41
C GLN B 361 -3.07 -53.97 -19.32
N MET B 362 -3.27 -54.96 -20.18
CA MET B 362 -4.39 -54.94 -21.10
C MET B 362 -5.69 -55.21 -20.34
N PRO B 363 -6.77 -54.50 -20.67
CA PRO B 363 -8.05 -54.75 -20.01
C PRO B 363 -8.65 -56.07 -20.44
N LEU B 364 -9.57 -56.58 -19.61
CA LEU B 364 -10.19 -57.87 -19.87
C LEU B 364 -11.03 -57.84 -21.15
N VAL B 365 -11.76 -56.76 -21.38
CA VAL B 365 -12.63 -56.69 -22.55
C VAL B 365 -11.82 -56.65 -23.84
N MET B 366 -10.60 -56.10 -23.78
CA MET B 366 -9.74 -56.12 -24.96
C MET B 366 -9.24 -57.52 -25.26
N LYS B 367 -8.94 -58.30 -24.21
CA LYS B 367 -8.54 -59.69 -24.42
C LYS B 367 -9.67 -60.52 -24.99
N GLN B 368 -10.90 -60.27 -24.54
CA GLN B 368 -12.05 -61.01 -25.05
C GLN B 368 -12.30 -60.70 -26.52
N ALA B 369 -12.09 -59.45 -26.94
CA ALA B 369 -12.27 -59.10 -28.34
C ALA B 369 -11.29 -59.84 -29.24
N TYR B 370 -10.04 -59.99 -28.80
CA TYR B 370 -9.06 -60.73 -29.58
C TYR B 370 -9.46 -62.21 -29.68
N ALA B 371 -9.95 -62.79 -28.59
CA ALA B 371 -10.36 -64.19 -28.62
C ALA B 371 -11.53 -64.41 -29.56
N LYS B 372 -12.51 -63.51 -29.54
CA LYS B 372 -13.66 -63.64 -30.42
C LYS B 372 -13.26 -63.52 -31.89
N ARG B 373 -12.35 -62.58 -32.20
CA ARG B 373 -11.85 -62.46 -33.56
C ARG B 373 -11.05 -63.69 -33.98
N ALA B 374 -10.29 -64.26 -33.04
CA ALA B 374 -9.49 -65.44 -33.36
C ALA B 374 -10.38 -66.63 -33.74
N LYS B 375 -11.51 -66.79 -33.05
CA LYS B 375 -12.44 -67.87 -33.38
C LYS B 375 -12.99 -67.70 -34.79
N GLU B 376 -13.35 -66.46 -35.16
CA GLU B 376 -13.81 -66.20 -36.52
C GLU B 376 -12.70 -66.41 -37.54
N GLU B 377 -11.45 -66.10 -37.17
CA GLU B 377 -10.32 -66.35 -38.06
C GLU B 377 -10.16 -67.83 -38.34
N LYS B 378 -10.29 -68.67 -37.31
CA LYS B 378 -10.20 -70.11 -37.50
C LYS B 378 -11.44 -70.65 -38.21
N HIS B 379 -12.61 -70.09 -37.92
CA HIS B 379 -13.83 -70.52 -38.61
C HIS B 379 -13.78 -70.16 -40.08
N ARG B 380 -13.25 -68.98 -40.42
CA ARG B 380 -13.17 -68.57 -41.82
C ARG B 380 -12.27 -69.51 -42.62
N LYS B 381 -11.11 -69.88 -42.06
CA LYS B 381 -10.20 -70.76 -42.79
C LYS B 381 -10.74 -72.17 -42.89
N ARG B 382 -11.47 -72.64 -41.89
CA ARG B 382 -12.02 -73.99 -41.94
C ARG B 382 -13.06 -74.13 -43.06
N MET B 383 -13.92 -73.13 -43.22
CA MET B 383 -14.89 -73.16 -44.32
C MET B 383 -14.20 -73.02 -45.67
N SER B 384 -13.04 -72.35 -45.72
CA SER B 384 -12.30 -72.23 -46.97
C SER B 384 -11.81 -73.60 -47.44
N ARG B 385 -11.33 -74.42 -46.52
CA ARG B 385 -10.84 -75.75 -46.87
C ARG B 385 -11.99 -76.74 -47.01
N ASN B 550 -16.42 -52.08 -30.41
CA ASN B 550 -15.69 -52.12 -31.67
C ASN B 550 -14.20 -52.36 -31.43
N ILE B 551 -13.64 -53.31 -32.17
CA ILE B 551 -12.22 -53.65 -32.00
C ILE B 551 -11.33 -52.50 -32.42
N VAL B 552 -11.73 -51.75 -33.45
CA VAL B 552 -10.93 -50.60 -33.90
C VAL B 552 -10.86 -49.54 -32.82
N GLU B 553 -12.00 -49.25 -32.17
CA GLU B 553 -12.01 -48.27 -31.09
C GLU B 553 -11.16 -48.74 -29.92
N LEU B 554 -11.21 -50.03 -29.59
CA LEU B 554 -10.45 -50.55 -28.46
C LEU B 554 -8.95 -50.43 -28.71
N GLU B 555 -8.50 -50.69 -29.94
CA GLU B 555 -7.08 -50.63 -30.25
C GLU B 555 -6.53 -49.23 -30.07
N TRP B 556 -7.26 -48.21 -30.56
CA TRP B 556 -6.82 -46.84 -30.38
C TRP B 556 -6.96 -46.38 -28.93
N ASP B 557 -7.88 -46.98 -28.17
CA ASP B 557 -8.01 -46.62 -26.76
C ASP B 557 -6.76 -47.02 -25.97
N TRP B 558 -6.20 -48.20 -26.26
CA TRP B 558 -5.02 -48.65 -25.54
C TRP B 558 -3.76 -47.89 -25.94
N VAL B 559 -3.69 -47.43 -27.19
CA VAL B 559 -2.54 -46.64 -27.63
C VAL B 559 -2.47 -45.34 -26.85
N ALA B 560 -3.61 -44.68 -26.64
CA ALA B 560 -3.62 -43.46 -25.84
C ALA B 560 -3.32 -43.75 -24.37
N ALA B 561 -3.72 -44.92 -23.87
CA ALA B 561 -3.45 -45.27 -22.48
C ALA B 561 -1.96 -45.46 -22.24
N VAL B 562 -1.27 -46.13 -23.17
CA VAL B 562 0.17 -46.31 -23.03
C VAL B 562 0.89 -44.98 -23.18
N LEU B 563 0.44 -44.15 -24.12
CA LEU B 563 1.06 -42.84 -24.31
C LEU B 563 0.88 -41.94 -23.09
N GLU B 564 -0.29 -42.03 -22.44
CA GLU B 564 -0.55 -41.18 -21.28
C GLU B 564 0.39 -41.51 -20.13
N ARG B 565 0.63 -42.80 -19.88
CA ARG B 565 1.53 -43.17 -18.79
C ARG B 565 2.98 -42.79 -19.09
N VAL B 566 3.36 -42.78 -20.37
CA VAL B 566 4.70 -42.32 -20.74
C VAL B 566 4.87 -40.85 -20.38
N PHE B 567 3.85 -40.03 -20.66
CA PHE B 567 3.91 -38.61 -20.30
C PHE B 567 4.01 -38.43 -18.79
N LEU B 568 3.30 -39.26 -18.02
CA LEU B 568 3.33 -39.13 -16.57
C LEU B 568 4.72 -39.37 -16.02
N ILE B 569 5.41 -40.41 -16.52
CA ILE B 569 6.77 -40.69 -16.05
C ILE B 569 7.72 -39.57 -16.48
N PHE B 570 7.60 -39.10 -17.72
CA PHE B 570 8.52 -38.09 -18.23
C PHE B 570 8.39 -36.77 -17.47
N PHE B 571 7.16 -36.35 -17.19
CA PHE B 571 6.94 -35.03 -16.59
C PHE B 571 7.29 -34.97 -15.12
N THR B 572 7.33 -36.10 -14.41
CA THR B 572 7.80 -36.11 -13.03
C THR B 572 9.31 -36.05 -12.95
N ILE B 573 10.03 -36.63 -13.91
CA ILE B 573 11.48 -36.52 -13.93
C ILE B 573 11.91 -35.07 -14.12
N CYS B 574 11.25 -34.36 -15.04
CA CYS B 574 11.54 -32.95 -15.25
C CYS B 574 11.22 -32.13 -14.01
N PHE B 575 10.10 -32.43 -13.36
CA PHE B 575 9.71 -31.70 -12.15
C PHE B 575 10.72 -31.93 -11.03
N LEU B 576 11.16 -33.18 -10.85
CA LEU B 576 12.12 -33.48 -9.80
C LEU B 576 13.46 -32.80 -10.06
N PHE B 577 13.93 -32.83 -11.30
CA PHE B 577 15.22 -32.22 -11.62
C PHE B 577 15.18 -30.71 -11.43
N SER B 578 14.10 -30.06 -11.88
CA SER B 578 14.03 -28.60 -11.81
C SER B 578 13.87 -28.13 -10.37
N ALA B 579 12.95 -28.72 -9.62
CA ALA B 579 12.68 -28.25 -8.26
C ALA B 579 13.84 -28.56 -7.32
N ILE B 580 14.32 -29.80 -7.33
CA ILE B 580 15.41 -30.18 -6.43
C ILE B 580 16.72 -29.55 -6.86
N GLY B 581 17.01 -29.56 -8.16
CA GLY B 581 18.31 -29.11 -8.63
C GLY B 581 18.56 -27.63 -8.37
N ILE B 582 17.56 -26.79 -8.63
CA ILE B 582 17.73 -25.36 -8.44
C ILE B 582 17.87 -25.02 -6.96
N ASN B 583 17.00 -25.59 -6.11
CA ASN B 583 17.03 -25.27 -4.69
C ASN B 583 18.29 -25.82 -4.03
N LEU B 584 18.71 -27.03 -4.40
CA LEU B 584 19.92 -27.60 -3.82
C LEU B 584 21.15 -26.81 -4.24
N TYR B 585 21.21 -26.35 -5.49
CA TYR B 585 22.33 -25.54 -5.94
C TYR B 585 22.39 -24.21 -5.18
N GLY B 586 21.23 -23.60 -4.93
CA GLY B 586 21.22 -22.37 -4.15
C GLY B 586 21.65 -22.57 -2.72
N TRP B 587 21.23 -23.68 -2.10
CA TRP B 587 21.65 -23.96 -0.73
C TRP B 587 23.15 -24.20 -0.64
N TYR B 588 23.72 -24.88 -1.63
CA TYR B 588 25.15 -25.14 -1.60
C TYR B 588 25.96 -23.85 -1.65
N ILE B 589 25.53 -22.90 -2.48
CA ILE B 589 26.19 -21.60 -2.52
C ILE B 589 26.03 -20.88 -1.18
N TRP B 590 24.83 -20.93 -0.60
CA TRP B 590 24.58 -20.28 0.68
C TRP B 590 25.42 -20.91 1.79
N TYR B 591 25.57 -22.24 1.76
CA TYR B 591 26.30 -22.91 2.83
C TYR B 591 27.79 -22.60 2.79
N THR B 592 28.39 -22.62 1.59
CA THR B 592 29.83 -22.40 1.50
C THR B 592 30.24 -21.00 1.94
N GLU B 593 29.49 -19.98 1.51
CA GLU B 593 29.85 -18.61 1.90
C GLU B 593 29.63 -18.39 3.39
N ASN B 594 28.65 -19.07 3.98
CA ASN B 594 28.40 -18.93 5.41
C ASN B 594 29.57 -19.46 6.24
N HIS B 595 30.13 -20.60 5.85
CA HIS B 595 31.14 -21.27 6.66
C HIS B 595 32.56 -20.91 6.26
N PHE B 596 32.78 -20.34 5.07
CA PHE B 596 34.11 -19.97 4.61
C PHE B 596 34.43 -18.50 4.85
N LEU B 597 33.56 -17.78 5.55
CA LEU B 597 33.79 -16.38 5.85
C LEU B 597 33.68 -16.12 7.34
N PRO C 22 8.31 50.08 41.13
CA PRO C 22 6.98 50.65 41.38
C PRO C 22 6.03 50.48 40.20
N ASP C 23 6.44 50.98 39.04
CA ASP C 23 5.65 50.88 37.81
C ASP C 23 6.13 49.76 36.90
N ILE C 24 7.01 48.89 37.40
CA ILE C 24 7.50 47.75 36.63
C ILE C 24 7.29 46.49 37.45
N PRO C 25 7.14 45.33 36.81
CA PRO C 25 6.94 44.09 37.59
C PRO C 25 8.16 43.77 38.44
N ILE C 26 7.88 43.18 39.61
CA ILE C 26 8.95 42.72 40.49
C ILE C 26 9.75 41.61 39.85
N GLN C 27 9.13 40.84 38.94
CA GLN C 27 9.84 39.78 38.24
C GLN C 27 11.01 40.34 37.43
N TYR C 28 10.87 41.55 36.88
CA TYR C 28 11.97 42.17 36.14
C TYR C 28 13.20 42.31 37.03
N GLU C 29 13.05 42.92 38.20
CA GLU C 29 14.16 43.12 39.11
C GLU C 29 14.71 41.80 39.63
N LEU C 30 13.82 40.84 39.95
CA LEU C 30 14.30 39.56 40.45
C LEU C 30 15.13 38.82 39.40
N ALA C 31 14.65 38.81 38.15
CA ALA C 31 15.40 38.16 37.08
C ALA C 31 16.72 38.87 36.81
N ASN C 32 16.71 40.21 36.82
CA ASN C 32 17.95 40.94 36.62
C ASN C 32 18.95 40.67 37.73
N ASN C 33 18.47 40.50 38.96
CA ASN C 33 19.36 40.22 40.08
C ASN C 33 19.95 38.82 39.98
N ILE C 34 19.10 37.82 39.68
CA ILE C 34 19.59 36.44 39.73
C ILE C 34 20.31 36.05 38.44
N MET C 35 20.15 36.81 37.37
CA MET C 35 20.76 36.50 36.08
C MET C 35 22.05 37.28 35.83
N GLU C 36 22.61 37.92 36.86
CA GLU C 36 23.73 38.84 36.64
C GLU C 36 25.02 38.08 36.31
N ASN C 37 25.47 37.22 37.23
CA ASN C 37 26.74 36.52 37.08
C ASN C 37 26.57 35.09 36.58
N TYR C 38 25.40 34.73 36.10
CA TYR C 38 25.13 33.35 35.67
C TYR C 38 25.73 33.09 34.29
N GLN C 39 26.29 31.90 34.12
CA GLN C 39 26.76 31.40 32.84
C GLN C 39 26.10 30.04 32.61
N LYS C 40 25.16 29.98 31.67
CA LYS C 40 24.36 28.78 31.43
C LYS C 40 25.13 27.69 30.69
N GLY C 41 26.29 28.01 30.12
CA GLY C 41 27.04 27.02 29.36
C GLY C 41 27.86 26.06 30.20
N LEU C 42 27.97 26.27 31.50
CA LEU C 42 28.76 25.44 32.38
C LEU C 42 27.92 24.98 33.56
N ILE C 43 28.30 23.82 34.11
CA ILE C 43 27.54 23.23 35.23
C ILE C 43 27.67 24.13 36.45
N PRO C 44 26.56 24.45 37.14
CA PRO C 44 26.63 25.31 38.34
C PRO C 44 26.93 24.52 39.62
N LYS C 45 28.16 24.03 39.71
CA LYS C 45 28.62 23.25 40.86
C LYS C 45 29.55 24.12 41.70
N VAL C 46 29.03 24.64 42.80
CA VAL C 46 29.84 25.46 43.70
C VAL C 46 30.49 24.62 44.80
N ARG C 47 29.78 23.66 45.36
CA ARG C 47 30.32 22.80 46.41
C ARG C 47 31.11 21.66 45.78
N LYS C 48 32.34 21.47 46.27
CA LYS C 48 33.23 20.47 45.68
C LYS C 48 32.86 19.06 46.12
N GLY C 49 32.35 18.90 47.34
CA GLY C 49 32.20 17.57 47.91
C GLY C 49 31.17 16.71 47.20
N SER C 50 30.01 17.27 46.88
CA SER C 50 28.90 16.45 46.42
C SER C 50 28.53 16.76 44.98
N PRO C 51 28.03 15.77 44.24
CA PRO C 51 27.52 16.03 42.89
C PRO C 51 26.12 16.61 42.90
N ILE C 52 25.53 16.77 41.73
CA ILE C 52 24.17 17.29 41.58
C ILE C 52 23.23 16.12 41.39
N ASN C 53 22.21 16.02 42.24
CA ASN C 53 21.25 14.92 42.18
C ASN C 53 20.04 15.33 41.34
N VAL C 54 19.68 14.47 40.38
CA VAL C 54 18.54 14.70 39.50
C VAL C 54 17.54 13.57 39.70
N THR C 55 16.28 13.93 39.93
CA THR C 55 15.20 12.98 40.13
C THR C 55 14.28 12.99 38.91
N LEU C 56 13.97 11.81 38.39
CA LEU C 56 13.19 11.67 37.17
C LEU C 56 11.97 10.78 37.41
N SER C 57 10.83 11.21 36.88
CA SER C 57 9.61 10.41 36.94
C SER C 57 8.93 10.47 35.58
N LEU C 58 8.26 9.37 35.22
CA LEU C 58 7.62 9.23 33.93
C LEU C 58 6.17 8.81 34.09
N GLN C 59 5.30 9.36 33.23
CA GLN C 59 3.90 8.98 33.16
C GLN C 59 3.58 8.58 31.73
N LEU C 60 2.97 7.42 31.55
CA LEU C 60 2.62 6.91 30.23
C LEU C 60 1.19 7.30 29.88
N TYR C 61 1.01 7.78 28.66
CA TYR C 61 -0.29 8.24 28.19
C TYR C 61 -0.83 7.44 27.01
N GLN C 62 0.02 6.99 26.10
CA GLN C 62 -0.45 6.30 24.91
C GLN C 62 0.66 5.40 24.37
N ILE C 63 0.24 4.31 23.73
CA ILE C 63 1.12 3.47 22.93
C ILE C 63 0.72 3.69 21.48
N ILE C 64 1.54 4.44 20.74
CA ILE C 64 1.15 4.88 19.41
C ILE C 64 1.30 3.76 18.39
N GLN C 65 2.45 3.10 18.37
CA GLN C 65 2.72 2.10 17.34
C GLN C 65 3.74 1.11 17.85
N VAL C 66 3.57 -0.15 17.44
CA VAL C 66 4.56 -1.21 17.65
C VAL C 66 4.97 -1.70 16.27
N ASN C 67 6.26 -1.59 15.95
CA ASN C 67 6.79 -1.93 14.64
C ASN C 67 7.69 -3.14 14.78
N GLU C 68 7.24 -4.28 14.26
CA GLU C 68 8.00 -5.52 14.31
C GLU C 68 9.09 -5.58 13.24
N PRO C 69 8.80 -5.28 11.96
CA PRO C 69 9.87 -5.37 10.95
C PRO C 69 11.07 -4.48 11.24
N GLN C 70 10.84 -3.28 11.76
CA GLN C 70 11.92 -2.36 12.09
C GLN C 70 12.34 -2.40 13.55
N GLN C 71 11.61 -3.15 14.38
CA GLN C 71 11.98 -3.39 15.78
C GLN C 71 12.11 -2.08 16.56
N TYR C 72 11.00 -1.36 16.66
CA TYR C 72 10.96 -0.16 17.50
C TYR C 72 9.56 0.03 18.05
N LEU C 73 9.47 0.80 19.13
CA LEU C 73 8.22 1.07 19.82
C LEU C 73 8.06 2.58 19.98
N LEU C 74 6.84 3.07 19.76
CA LEU C 74 6.54 4.50 19.84
C LEU C 74 5.62 4.75 21.02
N LEU C 75 6.02 5.67 21.90
CA LEU C 75 5.28 5.98 23.11
C LEU C 75 5.10 7.49 23.25
N ASN C 76 4.05 7.86 23.97
CA ASN C 76 3.77 9.25 24.33
C ASN C 76 3.75 9.34 25.85
N ALA C 77 4.61 10.18 26.41
CA ALA C 77 4.81 10.22 27.85
C ALA C 77 5.14 11.64 28.30
N TRP C 78 4.98 11.86 29.61
CA TRP C 78 5.34 13.11 30.26
C TRP C 78 6.50 12.86 31.21
N ALA C 79 7.48 13.76 31.20
CA ALA C 79 8.68 13.61 32.01
C ALA C 79 8.85 14.82 32.92
N VAL C 80 9.24 14.56 34.17
CA VAL C 80 9.49 15.60 35.16
C VAL C 80 10.89 15.39 35.73
N GLU C 81 11.69 16.45 35.76
CA GLU C 81 13.03 16.41 36.33
C GLU C 81 13.18 17.50 37.37
N ARG C 82 13.83 17.17 38.49
CA ARG C 82 14.02 18.10 39.59
C ARG C 82 15.47 18.07 40.04
N TRP C 83 16.05 19.25 40.25
CA TRP C 83 17.41 19.37 40.78
C TRP C 83 17.55 20.74 41.42
N VAL C 84 18.69 20.95 42.08
CA VAL C 84 18.96 22.18 42.80
C VAL C 84 20.11 22.90 42.10
N ASP C 85 19.86 24.15 41.71
CA ASP C 85 20.89 25.00 41.12
C ASP C 85 21.48 25.86 42.22
N GLN C 86 22.80 25.73 42.43
CA GLN C 86 23.48 26.38 43.54
C GLN C 86 23.87 27.82 43.26
N MET C 87 23.46 28.38 42.12
CA MET C 87 23.84 29.73 41.75
C MET C 87 22.66 30.67 41.52
N LEU C 88 21.44 30.26 41.88
CA LEU C 88 20.24 31.03 41.61
C LEU C 88 19.41 31.26 42.86
N GLY C 89 20.07 31.57 43.98
CA GLY C 89 19.37 31.84 45.21
C GLY C 89 19.18 33.33 45.47
N TRP C 90 18.09 33.65 46.17
CA TRP C 90 17.78 35.03 46.50
C TRP C 90 17.01 35.08 47.80
N ASP C 91 17.02 36.24 48.45
CA ASP C 91 16.30 36.45 49.70
C ASP C 91 14.89 36.96 49.39
N PRO C 92 13.84 36.24 49.79
CA PRO C 92 12.47 36.70 49.48
C PRO C 92 12.13 38.07 50.04
N SER C 93 12.62 38.42 51.23
CA SER C 93 12.25 39.68 51.85
C SER C 93 12.73 40.89 51.06
N GLU C 94 13.81 40.73 50.29
CA GLU C 94 14.34 41.83 49.49
C GLU C 94 13.48 42.10 48.25
N PHE C 95 12.64 41.15 47.85
CA PHE C 95 11.89 41.26 46.61
C PHE C 95 10.40 41.10 46.82
N ASP C 96 9.86 41.84 47.80
CA ASP C 96 8.41 41.86 48.08
C ASP C 96 7.88 40.49 48.43
N ASN C 97 8.66 39.73 49.20
CA ASN C 97 8.27 38.39 49.68
C ASN C 97 7.86 37.48 48.52
N GLU C 98 8.69 37.46 47.48
CA GLU C 98 8.48 36.57 46.34
C GLU C 98 9.36 35.33 46.50
N THR C 99 8.74 34.16 46.37
CA THR C 99 9.44 32.89 46.54
C THR C 99 9.40 32.01 45.30
N GLU C 100 8.89 32.52 44.18
CA GLU C 100 8.81 31.72 42.97
C GLU C 100 8.96 32.63 41.76
N ILE C 101 9.39 32.05 40.64
CA ILE C 101 9.54 32.76 39.39
C ILE C 101 9.57 31.74 38.25
N MET C 102 9.24 32.20 37.05
CA MET C 102 9.23 31.38 35.85
C MET C 102 10.22 31.93 34.85
N ALA C 103 11.06 31.06 34.29
CA ALA C 103 12.07 31.46 33.33
C ALA C 103 12.08 30.49 32.16
N ARG C 104 12.52 31.00 31.00
CA ARG C 104 12.63 30.17 29.82
C ARG C 104 13.76 29.15 29.97
N HIS C 105 13.58 27.98 29.35
CA HIS C 105 14.55 26.91 29.45
C HIS C 105 15.89 27.27 28.81
N ASP C 106 15.91 28.24 27.91
CA ASP C 106 17.17 28.64 27.28
C ASP C 106 18.02 29.51 28.19
N ASP C 107 17.45 30.07 29.25
CA ASP C 107 18.18 30.99 30.10
C ASP C 107 19.11 30.28 31.09
N ILE C 108 18.74 29.09 31.54
CA ILE C 108 19.45 28.42 32.62
C ILE C 108 20.05 27.09 32.10
N TRP C 109 20.93 26.52 32.92
CA TRP C 109 21.57 25.26 32.60
C TRP C 109 20.64 24.09 32.91
N LEU C 110 20.64 23.10 32.02
CA LEU C 110 19.82 21.91 32.17
C LEU C 110 20.66 20.65 32.02
N PRO C 111 20.39 19.61 32.82
CA PRO C 111 21.11 18.36 32.65
C PRO C 111 20.76 17.69 31.32
N ASP C 112 21.72 16.91 30.80
CA ASP C 112 21.55 16.24 29.52
C ASP C 112 21.03 14.82 29.75
N THR C 113 19.74 14.74 30.06
CA THR C 113 19.09 13.43 30.20
C THR C 113 18.83 12.86 28.81
N THR C 114 19.35 11.66 28.56
CA THR C 114 19.33 11.05 27.23
C THR C 114 18.78 9.64 27.31
N LEU C 115 17.95 9.27 26.33
CA LEU C 115 17.51 7.91 26.15
C LEU C 115 18.54 7.18 25.28
N TYR C 116 19.24 6.22 25.89
CA TYR C 116 20.38 5.60 25.21
C TYR C 116 19.96 4.82 23.97
N ASN C 117 18.89 4.04 24.08
CA ASN C 117 18.41 3.24 22.95
C ASN C 117 17.28 3.97 22.22
N SER C 118 17.64 5.10 21.62
CA SER C 118 16.71 5.93 20.87
C SER C 118 17.04 5.90 19.39
N LEU C 119 15.99 5.88 18.56
CA LEU C 119 16.13 5.85 17.12
C LEU C 119 15.83 7.20 16.47
N GLU C 120 15.75 8.26 17.27
CA GLU C 120 15.47 9.60 16.77
C GLU C 120 16.65 10.51 17.09
N MET C 121 17.17 11.19 16.07
CA MET C 121 18.33 12.04 16.23
C MET C 121 18.01 13.51 16.43
N ASP C 122 16.80 13.94 16.07
CA ASP C 122 16.39 15.33 16.21
C ASP C 122 15.49 15.48 17.42
N ASP C 123 15.88 16.37 18.34
CA ASP C 123 15.14 16.58 19.57
C ASP C 123 13.96 17.54 19.42
N SER C 124 13.85 18.22 18.27
CA SER C 124 12.73 19.12 18.05
C SER C 124 11.45 18.40 17.66
N ALA C 125 11.55 17.14 17.25
CA ALA C 125 10.38 16.35 16.88
C ALA C 125 10.00 15.31 17.92
N SER C 126 10.68 15.30 19.07
CA SER C 126 10.40 14.33 20.13
C SER C 126 10.37 14.97 21.51
N LYS C 127 10.44 16.29 21.60
CA LYS C 127 10.44 16.97 22.88
C LYS C 127 9.95 18.40 22.69
N LYS C 128 9.48 18.99 23.78
CA LYS C 128 8.95 20.36 23.75
C LYS C 128 9.19 20.99 25.11
N LEU C 129 10.21 21.85 25.20
CA LEU C 129 10.55 22.55 26.43
C LEU C 129 10.16 24.02 26.31
N THR C 130 9.41 24.50 27.29
CA THR C 130 8.92 25.88 27.26
C THR C 130 9.45 26.72 28.41
N HIS C 131 9.26 26.25 29.64
CA HIS C 131 9.59 27.04 30.82
C HIS C 131 10.05 26.13 31.95
N VAL C 132 10.71 26.75 32.94
CA VAL C 132 11.12 26.09 34.16
C VAL C 132 10.66 26.93 35.34
N LYS C 133 10.52 26.29 36.49
CA LYS C 133 10.08 26.95 37.72
C LYS C 133 11.19 26.92 38.74
N LEU C 134 11.49 28.07 39.35
CA LEU C 134 12.54 28.20 40.34
C LEU C 134 11.93 28.58 41.67
N THR C 135 12.25 27.81 42.71
CA THR C 135 11.83 28.09 44.08
C THR C 135 13.08 28.29 44.93
N THR C 136 13.19 29.46 45.54
CA THR C 136 14.40 29.80 46.27
C THR C 136 14.53 28.99 47.56
N LEU C 137 15.79 28.72 47.93
CA LEU C 137 16.10 28.04 49.18
C LEU C 137 16.94 28.90 50.11
N GLY C 138 17.17 30.16 49.75
CA GLY C 138 18.04 31.04 50.52
C GLY C 138 18.99 31.80 49.61
N LYS C 139 19.62 32.85 50.15
CA LYS C 139 20.51 33.66 49.33
C LYS C 139 21.73 32.87 48.88
N ASN C 140 22.31 32.07 49.77
CA ASN C 140 23.50 31.30 49.48
C ASN C 140 23.24 29.81 49.42
N GLN C 141 21.98 29.40 49.29
CA GLN C 141 21.62 27.99 49.23
C GLN C 141 21.11 27.54 47.86
N GLY C 142 20.92 28.47 46.93
CA GLY C 142 20.44 28.12 45.61
C GLY C 142 18.93 28.02 45.55
N ALA C 143 18.45 27.48 44.43
CA ALA C 143 17.03 27.33 44.16
C ALA C 143 16.74 25.95 43.61
N MET C 144 15.50 25.49 43.84
CA MET C 144 15.03 24.22 43.31
C MET C 144 14.43 24.43 41.93
N VAL C 145 14.89 23.64 40.96
CA VAL C 145 14.47 23.76 39.57
C VAL C 145 13.63 22.55 39.20
N GLU C 146 12.46 22.80 38.62
CA GLU C 146 11.56 21.74 38.17
C GLU C 146 11.27 21.95 36.70
N LEU C 147 11.37 20.88 35.91
CA LEU C 147 11.15 20.93 34.47
C LEU C 147 10.21 19.81 34.06
N LEU C 148 9.06 20.18 33.49
CA LEU C 148 8.07 19.23 33.01
C LEU C 148 7.80 19.49 31.53
N TYR C 149 7.76 18.42 30.74
CA TYR C 149 7.60 18.56 29.30
C TYR C 149 7.03 17.27 28.75
N PRO C 150 6.22 17.34 27.70
CA PRO C 150 5.79 16.13 26.99
C PRO C 150 6.83 15.68 25.98
N THR C 151 6.79 14.38 25.67
CA THR C 151 7.78 13.81 24.77
C THR C 151 7.18 12.61 24.05
N ILE C 152 7.80 12.28 22.91
CA ILE C 152 7.45 11.08 22.14
C ILE C 152 8.73 10.28 21.97
N TYR C 153 8.73 9.04 22.45
CA TYR C 153 9.93 8.20 22.48
C TYR C 153 9.86 7.17 21.37
N LYS C 154 10.96 7.01 20.64
CA LYS C 154 11.13 5.96 19.63
C LYS C 154 12.17 4.99 20.18
N ILE C 155 11.69 3.92 20.79
CA ILE C 155 12.53 2.99 21.55
C ILE C 155 12.73 1.72 20.72
N SER C 156 13.98 1.34 20.51
CA SER C 156 14.33 0.12 19.79
C SER C 156 14.47 -1.03 20.79
N CYS C 157 13.60 -2.03 20.67
CA CYS C 157 13.63 -3.19 21.53
C CYS C 157 13.48 -4.46 20.70
N LEU C 158 14.13 -5.53 21.15
CA LEU C 158 14.07 -6.81 20.46
C LEU C 158 12.73 -7.47 20.73
N LEU C 159 12.08 -7.95 19.68
CA LEU C 159 10.76 -8.57 19.77
C LEU C 159 10.86 -10.04 19.40
N ASN C 160 10.25 -10.89 20.22
CA ASN C 160 10.21 -12.33 19.99
C ASN C 160 8.80 -12.70 19.53
N LEU C 161 8.69 -13.17 18.29
CA LEU C 161 7.40 -13.51 17.69
C LEU C 161 7.20 -15.01 17.58
N LYS C 162 7.75 -15.78 18.54
CA LYS C 162 7.62 -17.23 18.52
C LYS C 162 6.21 -17.70 18.86
N TYR C 163 5.51 -17.00 19.75
CA TYR C 163 4.18 -17.40 20.20
C TYR C 163 3.08 -16.53 19.61
N PHE C 164 3.32 -15.92 18.45
CA PHE C 164 2.32 -15.08 17.83
C PHE C 164 1.09 -15.92 17.48
N PRO C 165 -0.12 -15.39 17.71
CA PRO C 165 -0.47 -14.07 18.25
C PRO C 165 -0.66 -14.05 19.77
N PHE C 166 -0.15 -15.05 20.49
CA PHE C 166 -0.27 -15.11 21.94
C PHE C 166 1.01 -14.67 22.63
N ASP C 167 1.73 -13.72 22.04
CA ASP C 167 3.05 -13.33 22.50
C ASP C 167 2.97 -12.15 23.46
N THR C 168 3.93 -12.07 24.37
CA THR C 168 4.12 -10.92 25.25
C THR C 168 5.53 -10.39 25.07
N GLN C 169 5.68 -9.08 25.09
CA GLN C 169 6.96 -8.44 24.81
C GLN C 169 7.38 -7.57 25.99
N THR C 170 8.68 -7.36 26.10
CA THR C 170 9.26 -6.52 27.15
C THR C 170 10.37 -5.68 26.54
N CYS C 171 10.17 -4.35 26.54
CA CYS C 171 11.13 -3.41 26.01
C CYS C 171 11.66 -2.53 27.13
N ARG C 172 12.97 -2.27 27.10
CA ARG C 172 13.65 -1.53 28.14
C ARG C 172 13.94 -0.10 27.69
N MET C 173 13.81 0.83 28.62
CA MET C 173 14.20 2.23 28.42
C MET C 173 15.35 2.55 29.36
N THR C 174 16.44 3.05 28.80
CA THR C 174 17.64 3.38 29.56
C THR C 174 17.86 4.88 29.55
N PHE C 175 18.01 5.47 30.74
CA PHE C 175 18.21 6.90 30.89
C PHE C 175 19.50 7.17 31.66
N GLY C 176 20.12 8.30 31.37
CA GLY C 176 21.34 8.66 32.04
C GLY C 176 21.95 9.91 31.41
N SER C 177 23.17 10.20 31.84
CA SER C 177 23.93 11.34 31.34
C SER C 177 24.89 10.88 30.25
N TRP C 178 24.90 11.61 29.13
CA TRP C 178 25.70 11.19 27.99
C TRP C 178 27.19 11.45 28.21
N SER C 179 27.55 12.51 28.93
CA SER C 179 28.94 12.93 29.04
C SER C 179 29.44 13.10 30.47
N PHE C 180 28.56 13.14 31.47
CA PHE C 180 28.94 13.43 32.85
C PHE C 180 28.92 12.15 33.67
N ASP C 181 29.99 11.93 34.43
CA ASP C 181 30.06 10.82 35.37
C ASP C 181 29.27 11.16 36.63
N ASN C 182 29.07 10.13 37.47
CA ASN C 182 28.25 10.29 38.67
C ASN C 182 28.90 11.17 39.74
N SER C 183 30.19 11.50 39.60
CA SER C 183 30.81 12.44 40.52
C SER C 183 30.39 13.88 40.25
N LEU C 184 29.71 14.13 39.12
CA LEU C 184 29.18 15.44 38.78
C LEU C 184 27.66 15.46 38.77
N ILE C 185 27.02 14.50 38.10
CA ILE C 185 25.56 14.42 38.03
C ILE C 185 25.15 13.01 38.42
N ASP C 186 24.22 12.91 39.37
CA ASP C 186 23.68 11.64 39.82
C ASP C 186 22.19 11.59 39.54
N TYR C 187 21.67 10.39 39.27
CA TYR C 187 20.29 10.19 38.90
C TYR C 187 19.61 9.24 39.87
N PHE C 188 18.38 9.59 40.27
CA PHE C 188 17.56 8.76 41.12
C PHE C 188 16.15 8.68 40.57
N PRO C 189 15.49 7.54 40.72
CA PRO C 189 14.11 7.40 40.21
C PRO C 189 13.07 7.87 41.21
N ARG C 190 11.93 8.29 40.67
CA ARG C 190 10.78 8.68 41.46
C ARG C 190 9.58 7.86 41.00
N THR C 191 8.97 7.14 41.93
CA THR C 191 7.90 6.20 41.63
C THR C 191 6.56 6.73 42.09
N PHE C 192 5.50 6.17 41.53
CA PHE C 192 4.13 6.53 41.86
C PHE C 192 3.51 5.47 42.77
N THR C 193 2.23 5.69 43.12
CA THR C 193 1.56 4.78 44.05
C THR C 193 1.39 3.39 43.45
N ASN C 194 0.94 3.31 42.20
CA ASN C 194 0.66 2.03 41.55
C ASN C 194 1.92 1.37 40.96
N GLY C 195 3.01 2.11 40.84
CA GLY C 195 4.23 1.56 40.29
C GLY C 195 5.23 2.61 39.89
N PRO C 196 6.38 2.19 39.36
CA PRO C 196 7.40 3.15 38.92
C PRO C 196 6.91 4.11 37.84
N ILE C 197 6.03 3.65 36.95
CA ILE C 197 5.54 4.47 35.85
C ILE C 197 4.05 4.71 36.06
N GLY C 198 3.63 5.97 36.04
CA GLY C 198 2.24 6.30 36.24
C GLY C 198 1.39 5.80 35.08
N LEU C 199 0.26 5.16 35.41
CA LEU C 199 -0.67 4.65 34.41
C LEU C 199 -2.10 5.08 34.69
N ALA C 200 -2.29 6.12 35.49
CA ALA C 200 -3.65 6.56 35.85
C ALA C 200 -4.35 7.27 34.70
N ASN C 201 -3.61 7.82 33.74
CA ASN C 201 -4.19 8.53 32.60
C ASN C 201 -3.84 7.84 31.28
N PHE C 202 -3.54 6.55 31.34
CA PHE C 202 -3.18 5.82 30.13
C PHE C 202 -4.39 5.63 29.23
N LEU C 203 -4.18 5.73 27.93
CA LEU C 203 -5.22 5.53 26.93
C LEU C 203 -5.14 4.08 26.45
N GLU C 204 -6.26 3.37 26.57
CA GLU C 204 -6.28 1.95 26.25
C GLU C 204 -5.99 1.72 24.77
N ASN C 205 -5.17 0.73 24.49
CA ASN C 205 -4.84 0.35 23.13
C ASN C 205 -5.74 -0.79 22.68
N ASP C 206 -6.03 -0.82 21.38
CA ASP C 206 -6.92 -1.81 20.80
C ASP C 206 -6.20 -3.11 20.46
N ALA C 207 -4.88 -3.17 20.61
CA ALA C 207 -4.11 -4.37 20.28
C ALA C 207 -3.16 -4.82 21.37
N TRP C 208 -2.83 -3.97 22.34
CA TRP C 208 -1.87 -4.30 23.38
C TRP C 208 -2.43 -3.92 24.75
N SER C 209 -2.01 -4.70 25.75
CA SER C 209 -2.39 -4.44 27.14
C SER C 209 -1.15 -4.43 28.01
N VAL C 210 -1.09 -3.49 28.95
CA VAL C 210 0.06 -3.33 29.83
C VAL C 210 -0.16 -4.15 31.09
N LEU C 211 0.82 -4.99 31.42
CA LEU C 211 0.73 -5.87 32.58
C LEU C 211 1.43 -5.32 33.81
N GLY C 212 2.56 -4.66 33.66
CA GLY C 212 3.28 -4.13 34.80
C GLY C 212 4.50 -3.35 34.37
N THR C 213 5.15 -2.74 35.35
CA THR C 213 6.33 -1.93 35.11
C THR C 213 7.36 -2.19 36.22
N LYS C 214 8.63 -1.98 35.88
CA LYS C 214 9.73 -2.14 36.82
C LYS C 214 10.75 -1.03 36.61
N VAL C 215 11.55 -0.77 37.63
CA VAL C 215 12.61 0.22 37.58
C VAL C 215 13.83 -0.33 38.30
N ASN C 216 15.02 0.02 37.80
CA ASN C 216 16.26 -0.45 38.39
C ASN C 216 17.34 0.60 38.18
N ARG C 217 18.09 0.90 39.23
CA ARG C 217 19.19 1.87 39.18
C ARG C 217 20.51 1.12 39.24
N GLU C 218 21.40 1.42 38.30
CA GLU C 218 22.66 0.71 38.17
C GLU C 218 23.81 1.69 38.01
N GLU C 219 24.95 1.37 38.60
CA GLU C 219 26.18 2.12 38.43
C GLU C 219 27.13 1.32 37.55
N LYS C 220 27.62 1.94 36.48
CA LYS C 220 28.44 1.26 35.49
C LYS C 220 29.82 1.91 35.43
N LYS C 221 30.83 1.09 35.19
CA LYS C 221 32.22 1.53 35.15
C LYS C 221 32.67 1.81 33.73
N TYR C 222 33.38 2.93 33.55
CA TYR C 222 34.02 3.21 32.28
C TYR C 222 35.13 2.18 32.03
N THR C 223 35.36 1.88 30.76
CA THR C 223 36.30 0.82 30.37
C THR C 223 37.63 1.46 29.97
N CYS C 224 37.80 2.72 30.35
CA CYS C 224 39.05 3.42 30.10
C CYS C 224 39.51 4.22 31.31
N CYS C 225 38.62 4.43 32.27
CA CYS C 225 38.87 5.30 33.41
C CYS C 225 38.31 4.68 34.68
N PRO C 226 38.86 5.04 35.85
CA PRO C 226 38.31 4.52 37.11
C PRO C 226 37.22 5.41 37.67
N VAL C 227 36.18 5.67 36.87
CA VAL C 227 35.04 6.46 37.31
C VAL C 227 33.76 5.73 36.90
N ASN C 228 32.67 6.05 37.59
CA ASN C 228 31.37 5.41 37.38
C ASN C 228 30.38 6.39 36.77
N TYR C 229 29.29 5.84 36.25
CA TYR C 229 28.16 6.64 35.80
C TYR C 229 26.88 5.86 36.10
N THR C 230 25.79 6.61 36.30
CA THR C 230 24.52 6.04 36.75
C THR C 230 23.57 5.89 35.57
N LEU C 231 22.87 4.75 35.53
CA LEU C 231 21.87 4.46 34.51
C LEU C 231 20.58 4.02 35.16
N LEU C 232 19.45 4.46 34.59
CA LEU C 232 18.13 4.08 35.05
C LEU C 232 17.45 3.22 34.00
N HIS C 233 16.98 2.04 34.41
CA HIS C 233 16.35 1.09 33.52
C HIS C 233 14.86 1.00 33.84
N TYR C 234 14.02 1.20 32.82
CA TYR C 234 12.57 1.10 32.95
C TYR C 234 12.09 -0.06 32.09
N ASP C 235 11.33 -0.96 32.70
CA ASP C 235 10.80 -2.15 32.03
C ASP C 235 9.30 -2.02 31.87
N VAL C 236 8.81 -2.27 30.65
CA VAL C 236 7.38 -2.28 30.35
C VAL C 236 7.04 -3.63 29.75
N VAL C 237 5.99 -4.27 30.27
CA VAL C 237 5.54 -5.57 29.79
C VAL C 237 4.19 -5.37 29.12
N ILE C 238 4.09 -5.79 27.87
CA ILE C 238 2.87 -5.65 27.08
C ILE C 238 2.51 -7.00 26.48
N GLN C 239 1.21 -7.29 26.42
CA GLN C 239 0.70 -8.54 25.89
C GLN C 239 -0.27 -8.25 24.75
N ARG C 240 -0.19 -9.07 23.70
CA ARG C 240 -1.05 -8.90 22.54
C ARG C 240 -2.45 -9.44 22.81
N LYS C 241 -3.42 -8.88 22.10
CA LYS C 241 -4.80 -9.37 22.17
C LYS C 241 -5.10 -10.22 20.94
N PRO C 242 -5.29 -11.53 21.08
CA PRO C 242 -5.40 -12.40 19.91
C PRO C 242 -6.82 -12.62 19.40
N LEU C 243 -7.82 -11.91 19.92
CA LEU C 243 -9.20 -12.15 19.51
C LEU C 243 -9.41 -11.85 18.04
N TYR C 244 -8.83 -10.76 17.53
CA TYR C 244 -8.99 -10.41 16.12
C TYR C 244 -8.44 -11.51 15.22
N TYR C 245 -7.21 -11.95 15.48
CA TYR C 245 -6.61 -13.00 14.67
C TYR C 245 -7.38 -14.31 14.78
N VAL C 246 -7.81 -14.68 15.99
CA VAL C 246 -8.55 -15.93 16.17
C VAL C 246 -9.85 -15.90 15.38
N LEU C 247 -10.59 -14.78 15.45
CA LEU C 247 -11.86 -14.68 14.74
C LEU C 247 -11.71 -14.45 13.24
N ASN C 248 -10.54 -13.99 12.79
CA ASN C 248 -10.39 -13.61 11.39
C ASN C 248 -9.60 -14.58 10.53
N LEU C 249 -8.67 -15.36 11.09
CA LEU C 249 -7.84 -16.24 10.29
C LEU C 249 -7.99 -17.71 10.67
N ILE C 250 -7.95 -18.04 11.96
CA ILE C 250 -7.91 -19.45 12.37
C ILE C 250 -9.22 -20.14 12.04
N ALA C 251 -10.36 -19.51 12.39
CA ALA C 251 -11.65 -20.17 12.20
C ALA C 251 -11.97 -20.44 10.73
N PRO C 252 -11.87 -19.46 9.80
CA PRO C 252 -12.24 -19.76 8.41
C PRO C 252 -11.40 -20.86 7.78
N THR C 253 -10.09 -20.85 8.01
CA THR C 253 -9.23 -21.90 7.47
C THR C 253 -9.55 -23.26 8.05
N ALA C 254 -9.80 -23.35 9.36
CA ALA C 254 -10.19 -24.61 9.96
C ALA C 254 -11.51 -25.12 9.42
N VAL C 255 -12.48 -24.24 9.19
CA VAL C 255 -13.75 -24.66 8.61
C VAL C 255 -13.55 -25.15 7.18
N ILE C 256 -12.75 -24.42 6.39
CA ILE C 256 -12.52 -24.81 5.00
C ILE C 256 -11.81 -26.14 4.91
N THR C 257 -10.80 -26.36 5.77
CA THR C 257 -10.08 -27.62 5.76
C THR C 257 -10.98 -28.79 6.11
N PHE C 258 -11.84 -28.62 7.11
CA PHE C 258 -12.78 -29.68 7.50
C PHE C 258 -13.76 -29.96 6.37
N ILE C 259 -14.27 -28.91 5.72
CA ILE C 259 -15.20 -29.10 4.60
C ILE C 259 -14.53 -29.86 3.47
N SER C 260 -13.29 -29.48 3.14
CA SER C 260 -12.56 -30.18 2.08
C SER C 260 -12.29 -31.64 2.45
N ILE C 261 -11.97 -31.89 3.71
CA ILE C 261 -11.74 -33.27 4.15
C ILE C 261 -13.01 -34.10 4.00
N ILE C 262 -14.16 -33.53 4.39
CA ILE C 262 -15.42 -34.23 4.22
C ILE C 262 -15.71 -34.49 2.74
N GLY C 263 -15.46 -33.49 1.90
CA GLY C 263 -15.71 -33.66 0.47
C GLY C 263 -14.81 -34.68 -0.20
N PHE C 264 -13.57 -34.81 0.29
CA PHE C 264 -12.61 -35.72 -0.35
C PHE C 264 -13.07 -37.16 -0.30
N PHE C 265 -13.61 -37.61 0.82
CA PHE C 265 -13.89 -39.02 1.07
C PHE C 265 -15.39 -39.28 1.18
N THR C 266 -16.17 -38.67 0.30
CA THR C 266 -17.61 -38.90 0.26
C THR C 266 -18.03 -39.17 -1.17
N SER C 267 -18.83 -40.22 -1.37
CA SER C 267 -19.29 -40.61 -2.69
C SER C 267 -20.80 -40.82 -2.66
N SER C 268 -21.44 -40.56 -3.79
CA SER C 268 -22.89 -40.70 -3.90
C SER C 268 -23.30 -42.17 -3.97
N SER C 269 -22.55 -42.99 -4.71
CA SER C 269 -22.88 -44.39 -4.88
C SER C 269 -21.62 -45.24 -4.69
N VAL C 270 -21.78 -46.39 -4.03
CA VAL C 270 -20.65 -47.29 -3.83
C VAL C 270 -20.22 -47.95 -5.13
N HIS C 271 -21.18 -48.38 -5.94
CA HIS C 271 -20.90 -49.05 -7.21
C HIS C 271 -20.97 -48.07 -8.37
N ASP C 272 -20.07 -47.08 -8.34
CA ASP C 272 -20.01 -46.05 -9.36
C ASP C 272 -18.61 -45.48 -9.44
N LEU C 273 -18.24 -45.00 -10.63
CA LEU C 273 -16.95 -44.37 -10.81
C LEU C 273 -16.92 -43.01 -10.11
N ARG C 274 -15.77 -42.70 -9.50
CA ARG C 274 -15.63 -41.47 -8.75
C ARG C 274 -14.99 -40.38 -9.59
N GLN C 275 -15.11 -39.14 -9.11
CA GLN C 275 -14.55 -37.98 -9.79
C GLN C 275 -13.08 -37.79 -9.44
N GLU C 276 -12.43 -36.87 -10.16
CA GLU C 276 -10.99 -36.67 -10.06
C GLU C 276 -10.54 -36.23 -8.67
N LYS C 277 -11.27 -35.29 -8.07
CA LYS C 277 -11.00 -34.65 -6.78
C LYS C 277 -9.76 -33.76 -6.83
N ILE C 278 -9.04 -33.70 -7.95
CA ILE C 278 -7.85 -32.86 -8.04
C ILE C 278 -8.23 -31.39 -8.06
N THR C 279 -9.28 -31.01 -8.79
CA THR C 279 -9.69 -29.62 -8.85
C THR C 279 -10.14 -29.09 -7.50
N LEU C 280 -10.83 -29.92 -6.70
CA LEU C 280 -11.24 -29.49 -5.37
C LEU C 280 -10.06 -29.20 -4.47
N GLY C 281 -9.02 -30.03 -4.52
CA GLY C 281 -7.83 -29.81 -3.73
C GLY C 281 -7.07 -28.55 -4.12
N ILE C 282 -6.94 -28.32 -5.43
CA ILE C 282 -6.27 -27.12 -5.91
C ILE C 282 -7.04 -25.87 -5.51
N THR C 283 -8.37 -25.91 -5.65
CA THR C 283 -9.19 -24.77 -5.26
C THR C 283 -9.09 -24.50 -3.76
N THR C 284 -9.07 -25.54 -2.94
CA THR C 284 -8.91 -25.35 -1.51
C THR C 284 -7.55 -24.76 -1.18
N LEU C 285 -6.49 -25.24 -1.84
CA LEU C 285 -5.17 -24.66 -1.62
C LEU C 285 -5.10 -23.21 -2.11
N LEU C 286 -5.73 -22.93 -3.25
CA LEU C 286 -5.75 -21.56 -3.76
C LEU C 286 -6.49 -20.63 -2.80
N SER C 287 -7.64 -21.09 -2.27
CA SER C 287 -8.38 -20.27 -1.33
C SER C 287 -7.60 -20.02 -0.05
N MET C 288 -6.94 -21.05 0.48
CA MET C 288 -6.18 -20.89 1.71
C MET C 288 -4.93 -20.05 1.48
N SER C 289 -4.30 -20.20 0.30
CA SER C 289 -3.13 -19.38 -0.02
C SER C 289 -3.51 -17.91 -0.17
N ILE C 290 -4.73 -17.64 -0.65
CA ILE C 290 -5.19 -16.26 -0.77
C ILE C 290 -5.31 -15.61 0.60
N MET C 291 -5.88 -16.33 1.57
CA MET C 291 -6.14 -15.74 2.89
C MET C 291 -4.85 -15.44 3.65
N ILE C 292 -3.86 -16.32 3.60
CA ILE C 292 -2.68 -16.17 4.44
C ILE C 292 -1.83 -14.97 3.99
N PHE C 293 -1.61 -14.84 2.69
CA PHE C 293 -0.68 -13.83 2.19
C PHE C 293 -1.31 -12.49 1.89
N MET C 294 -2.64 -12.42 1.83
CA MET C 294 -3.29 -11.14 1.58
C MET C 294 -3.75 -10.46 2.87
N VAL C 295 -3.55 -11.12 4.01
CA VAL C 295 -3.79 -10.53 5.32
C VAL C 295 -2.41 -10.39 5.95
N SER C 296 -1.38 -10.65 5.14
CA SER C 296 0.01 -10.67 5.60
C SER C 296 0.54 -9.29 5.96
N ASP C 297 -0.30 -8.25 5.90
CA ASP C 297 0.12 -6.94 6.38
C ASP C 297 0.43 -6.93 7.87
N LYS C 298 -0.17 -7.87 8.63
CA LYS C 298 0.02 -7.96 10.06
C LYS C 298 0.80 -9.19 10.51
N MET C 299 1.18 -10.07 9.57
CA MET C 299 1.91 -11.27 9.93
C MET C 299 3.35 -10.95 10.30
N PRO C 300 3.99 -11.80 11.12
CA PRO C 300 5.38 -11.51 11.53
C PRO C 300 6.35 -11.40 10.37
N SER C 301 6.31 -12.36 9.43
CA SER C 301 7.22 -12.39 8.28
C SER C 301 8.68 -12.39 8.72
N THR C 302 9.02 -13.32 9.62
CA THR C 302 10.37 -13.43 10.15
C THR C 302 10.99 -14.77 9.74
N SER C 303 12.30 -14.75 9.56
CA SER C 303 13.06 -15.95 9.19
C SER C 303 13.88 -16.52 10.35
N THR C 304 13.79 -15.92 11.53
CA THR C 304 14.54 -16.43 12.68
C THR C 304 13.93 -17.72 13.22
N CYS C 305 12.61 -17.78 13.31
CA CYS C 305 11.92 -18.96 13.82
C CYS C 305 10.59 -19.11 13.09
N VAL C 306 9.85 -20.14 13.46
CA VAL C 306 8.53 -20.43 12.90
C VAL C 306 7.49 -20.10 13.98
N PRO C 307 6.70 -19.05 13.82
CA PRO C 307 5.70 -18.70 14.83
C PRO C 307 4.62 -19.76 14.95
N LEU C 308 3.80 -19.62 15.99
CA LEU C 308 2.73 -20.58 16.23
C LEU C 308 1.72 -20.59 15.10
N ILE C 309 1.36 -19.40 14.59
CA ILE C 309 0.40 -19.33 13.49
C ILE C 309 0.97 -19.94 12.22
N ALA C 310 2.28 -19.78 12.00
CA ALA C 310 2.90 -20.37 10.82
C ALA C 310 2.87 -21.90 10.88
N LEU C 311 3.13 -22.47 12.07
CA LEU C 311 3.09 -23.92 12.21
C LEU C 311 1.68 -24.46 11.96
N PHE C 312 0.65 -23.72 12.40
CA PHE C 312 -0.72 -24.14 12.18
C PHE C 312 -1.06 -24.19 10.69
N TYR C 313 -0.60 -23.18 9.93
CA TYR C 313 -0.98 -23.10 8.52
C TYR C 313 -0.32 -24.19 7.69
N THR C 314 0.94 -24.54 8.00
CA THR C 314 1.62 -25.57 7.24
C THR C 314 0.94 -26.92 7.39
N LEU C 315 0.51 -27.26 8.61
CA LEU C 315 -0.10 -28.56 8.84
C LEU C 315 -1.40 -28.72 8.06
N MET C 316 -2.18 -27.65 7.95
CA MET C 316 -3.41 -27.71 7.15
C MET C 316 -3.10 -27.94 5.69
N ILE C 317 -1.99 -27.37 5.20
CA ILE C 317 -1.64 -27.52 3.79
C ILE C 317 -1.24 -28.96 3.49
N THR C 318 -0.44 -29.57 4.35
CA THR C 318 0.05 -30.92 4.09
C THR C 318 -1.10 -31.94 4.07
N ILE C 319 -2.01 -31.86 5.04
CA ILE C 319 -3.10 -32.83 5.09
C ILE C 319 -4.05 -32.65 3.91
N ILE C 320 -4.17 -31.42 3.39
CA ILE C 320 -4.93 -31.20 2.16
C ILE C 320 -4.18 -31.79 0.97
N SER C 321 -2.87 -31.56 0.91
CA SER C 321 -2.07 -32.11 -0.18
C SER C 321 -1.98 -33.63 -0.09
N VAL C 322 -1.82 -34.17 1.11
CA VAL C 322 -1.83 -35.62 1.28
C VAL C 322 -3.22 -36.17 1.00
N GLY C 323 -4.27 -35.43 1.37
CA GLY C 323 -5.62 -35.89 1.12
C GLY C 323 -5.97 -36.04 -0.34
N THR C 324 -5.46 -35.14 -1.18
CA THR C 324 -5.75 -35.24 -2.61
C THR C 324 -5.04 -36.44 -3.24
N LEU C 325 -3.88 -36.82 -2.70
CA LEU C 325 -3.22 -38.04 -3.17
C LEU C 325 -3.91 -39.29 -2.66
N ALA C 326 -4.39 -39.27 -1.41
CA ALA C 326 -5.11 -40.42 -0.88
C ALA C 326 -6.42 -40.66 -1.62
N ALA C 327 -7.12 -39.58 -2.00
CA ALA C 327 -8.34 -39.73 -2.77
C ALA C 327 -8.07 -40.29 -4.15
N SER C 328 -6.92 -39.96 -4.74
CA SER C 328 -6.57 -40.50 -6.04
C SER C 328 -6.24 -41.98 -5.98
N SER C 329 -5.71 -42.45 -4.84
CA SER C 329 -5.39 -43.88 -4.70
C SER C 329 -6.64 -44.74 -4.59
N VAL C 330 -7.76 -44.18 -4.14
CA VAL C 330 -9.01 -44.94 -4.09
C VAL C 330 -9.49 -45.26 -5.49
N ILE C 331 -9.37 -44.31 -6.42
CA ILE C 331 -9.76 -44.55 -7.80
C ILE C 331 -8.89 -45.63 -8.42
N PHE C 332 -7.59 -45.58 -8.16
CA PHE C 332 -6.68 -46.57 -8.71
C PHE C 332 -7.01 -47.98 -8.23
N VAL C 333 -7.38 -48.11 -6.95
CA VAL C 333 -7.77 -49.41 -6.43
C VAL C 333 -9.08 -49.88 -7.06
N GLN C 334 -10.04 -48.97 -7.20
CA GLN C 334 -11.33 -49.36 -7.78
C GLN C 334 -11.19 -49.80 -9.23
N LYS C 335 -10.35 -49.13 -10.00
CA LYS C 335 -10.17 -49.45 -11.41
C LYS C 335 -9.44 -50.77 -11.63
N LEU C 336 -8.87 -51.36 -10.57
CA LEU C 336 -8.20 -52.66 -10.72
C LEU C 336 -9.16 -53.77 -11.11
N GLY C 337 -10.47 -53.56 -10.95
CA GLY C 337 -11.44 -54.56 -11.32
C GLY C 337 -11.69 -54.70 -12.81
N SER C 338 -11.15 -53.78 -13.61
CA SER C 338 -11.28 -53.86 -15.06
C SER C 338 -10.32 -54.85 -15.68
N ILE C 339 -9.32 -55.31 -14.93
CA ILE C 339 -8.36 -56.28 -15.46
C ILE C 339 -8.93 -57.70 -15.46
N GLY C 340 -9.81 -58.02 -14.50
CA GLY C 340 -10.44 -59.32 -14.43
C GLY C 340 -9.86 -60.26 -13.39
N ASN C 341 -8.85 -59.84 -12.64
CA ASN C 341 -8.28 -60.70 -11.61
C ASN C 341 -8.97 -60.44 -10.28
N PRO C 342 -9.61 -61.44 -9.67
CA PRO C 342 -10.29 -61.21 -8.40
C PRO C 342 -9.29 -60.91 -7.30
N PRO C 343 -9.72 -60.19 -6.25
CA PRO C 343 -8.80 -59.91 -5.14
C PRO C 343 -8.42 -61.20 -4.41
N ALA C 344 -7.25 -61.18 -3.78
CA ALA C 344 -6.74 -62.34 -3.08
C ALA C 344 -7.64 -62.72 -1.92
N SER C 345 -7.54 -63.99 -1.50
CA SER C 345 -8.39 -64.49 -0.42
C SER C 345 -8.11 -63.75 0.88
N LYS C 346 -6.84 -63.49 1.18
CA LYS C 346 -6.52 -62.76 2.40
C LYS C 346 -6.95 -61.30 2.31
N THR C 347 -6.92 -60.72 1.12
CA THR C 347 -7.37 -59.34 0.95
C THR C 347 -8.85 -59.20 1.26
N MET C 348 -9.67 -60.16 0.79
CA MET C 348 -11.09 -60.11 1.07
C MET C 348 -11.40 -60.48 2.53
N LYS C 349 -10.58 -61.36 3.12
CA LYS C 349 -10.78 -61.75 4.52
C LYS C 349 -10.59 -60.56 5.45
N TRP C 350 -9.53 -59.78 5.22
CA TRP C 350 -9.29 -58.59 6.05
C TRP C 350 -10.36 -57.53 5.84
N THR C 351 -10.91 -57.44 4.64
CA THR C 351 -11.90 -56.41 4.35
C THR C 351 -13.18 -56.61 5.14
N HIS C 352 -13.62 -57.87 5.30
CA HIS C 352 -14.91 -58.11 5.93
C HIS C 352 -14.89 -57.88 7.44
N ARG C 353 -13.71 -57.86 8.07
CA ARG C 353 -13.71 -57.67 9.52
C ARG C 353 -13.53 -56.20 9.91
N ILE C 354 -12.85 -55.41 9.09
CA ILE C 354 -12.72 -53.98 9.38
C ILE C 354 -14.04 -53.25 9.17
N ALA C 355 -14.88 -53.75 8.26
CA ALA C 355 -16.13 -53.07 7.94
C ALA C 355 -17.06 -52.89 9.13
N PRO C 356 -17.32 -53.91 9.97
CA PRO C 356 -18.20 -53.67 11.13
C PRO C 356 -17.71 -52.58 12.06
N PHE C 357 -16.40 -52.48 12.29
CA PHE C 357 -15.87 -51.38 13.08
C PHE C 357 -15.95 -50.07 12.31
N VAL C 358 -15.68 -50.11 11.01
CA VAL C 358 -15.82 -48.95 10.14
C VAL C 358 -17.25 -48.46 10.03
N LEU C 359 -18.22 -49.32 10.32
CA LEU C 359 -19.66 -49.03 10.20
C LEU C 359 -20.04 -48.79 8.73
N ILE C 360 -19.74 -49.80 7.91
CA ILE C 360 -20.16 -49.82 6.51
C ILE C 360 -20.90 -51.13 6.28
N GLN C 361 -21.79 -51.13 5.29
CA GLN C 361 -22.64 -52.29 5.02
C GLN C 361 -22.54 -52.68 3.55
N MET C 362 -22.70 -53.97 3.29
CA MET C 362 -22.64 -54.47 1.92
C MET C 362 -23.89 -54.06 1.16
N PRO C 363 -23.75 -53.66 -0.10
CA PRO C 363 -24.93 -53.30 -0.89
C PRO C 363 -25.76 -54.52 -1.25
N LEU C 364 -27.03 -54.26 -1.60
CA LEU C 364 -27.95 -55.34 -1.91
C LEU C 364 -27.51 -56.11 -3.17
N VAL C 365 -27.05 -55.39 -4.19
CA VAL C 365 -26.69 -56.04 -5.44
C VAL C 365 -25.47 -56.93 -5.26
N MET C 366 -24.59 -56.59 -4.31
CA MET C 366 -23.45 -57.45 -4.02
C MET C 366 -23.89 -58.74 -3.34
N LYS C 367 -24.88 -58.65 -2.45
CA LYS C 367 -25.42 -59.85 -1.82
C LYS C 367 -26.10 -60.76 -2.83
N GLN C 368 -26.82 -60.16 -3.80
CA GLN C 368 -27.49 -60.96 -4.82
C GLN C 368 -26.49 -61.68 -5.71
N ALA C 369 -25.36 -61.05 -6.01
CA ALA C 369 -24.34 -61.71 -6.84
C ALA C 369 -23.78 -62.93 -6.14
N TYR C 370 -23.56 -62.85 -4.83
CA TYR C 370 -23.06 -64.01 -4.08
C TYR C 370 -24.08 -65.14 -4.10
N ALA C 371 -25.37 -64.81 -3.93
CA ALA C 371 -26.41 -65.84 -3.94
C ALA C 371 -26.51 -66.52 -5.29
N LYS C 372 -26.43 -65.75 -6.38
CA LYS C 372 -26.49 -66.34 -7.71
C LYS C 372 -25.30 -67.26 -7.97
N ARG C 373 -24.11 -66.84 -7.54
CA ARG C 373 -22.93 -67.70 -7.69
C ARG C 373 -23.05 -68.95 -6.84
N ALA C 374 -23.63 -68.83 -5.64
CA ALA C 374 -23.78 -69.99 -4.76
C ALA C 374 -24.69 -71.03 -5.39
N LYS C 375 -25.76 -70.60 -6.07
CA LYS C 375 -26.65 -71.55 -6.73
C LYS C 375 -25.92 -72.31 -7.83
N GLU C 376 -25.09 -71.61 -8.61
CA GLU C 376 -24.30 -72.28 -9.63
C GLU C 376 -23.26 -73.20 -9.01
N GLU C 377 -22.71 -72.83 -7.84
CA GLU C 377 -21.77 -73.70 -7.15
C GLU C 377 -22.44 -75.00 -6.73
N LYS C 378 -23.66 -74.93 -6.21
CA LYS C 378 -24.39 -76.14 -5.85
C LYS C 378 -24.85 -76.91 -7.07
N HIS C 379 -25.25 -76.20 -8.14
CA HIS C 379 -25.65 -76.87 -9.36
C HIS C 379 -24.48 -77.59 -10.02
N ARG C 380 -23.28 -76.98 -9.99
CA ARG C 380 -22.11 -77.61 -10.59
C ARG C 380 -21.76 -78.91 -9.88
N LYS C 381 -21.80 -78.92 -8.54
CA LYS C 381 -21.45 -80.13 -7.80
C LYS C 381 -22.51 -81.21 -7.95
N ARG C 382 -23.78 -80.82 -8.07
CA ARG C 382 -24.84 -81.82 -8.22
C ARG C 382 -24.70 -82.58 -9.54
N MET C 383 -24.39 -81.87 -10.63
CA MET C 383 -24.18 -82.53 -11.91
C MET C 383 -22.91 -83.39 -11.89
N SER C 384 -21.93 -83.01 -11.06
CA SER C 384 -20.71 -83.82 -10.95
C SER C 384 -21.02 -85.20 -10.35
N ARG C 385 -21.89 -85.24 -9.34
CA ARG C 385 -22.26 -86.50 -8.70
C ARG C 385 -23.31 -87.23 -9.52
N ASN C 550 -20.68 -57.51 -13.13
CA ASN C 550 -19.56 -58.43 -12.99
C ASN C 550 -19.16 -58.58 -11.52
N ILE C 551 -19.01 -59.82 -11.07
CA ILE C 551 -18.67 -60.08 -9.68
C ILE C 551 -17.26 -59.58 -9.36
N VAL C 552 -16.34 -59.67 -10.32
CA VAL C 552 -14.97 -59.19 -10.10
C VAL C 552 -14.97 -57.69 -9.88
N GLU C 553 -15.74 -56.95 -10.69
CA GLU C 553 -15.82 -55.50 -10.53
C GLU C 553 -16.45 -55.13 -9.18
N LEU C 554 -17.47 -55.88 -8.76
CA LEU C 554 -18.14 -55.58 -7.50
C LEU C 554 -17.20 -55.79 -6.32
N GLU C 555 -16.38 -56.83 -6.36
CA GLU C 555 -15.48 -57.11 -5.24
C GLU C 555 -14.45 -56.00 -5.05
N TRP C 556 -13.87 -55.51 -6.15
CA TRP C 556 -12.94 -54.40 -6.05
C TRP C 556 -13.63 -53.09 -5.71
N ASP C 557 -14.91 -52.95 -6.06
CA ASP C 557 -15.64 -51.74 -5.69
C ASP C 557 -15.80 -51.61 -4.18
N TRP C 558 -16.08 -52.73 -3.49
CA TRP C 558 -16.25 -52.69 -2.05
C TRP C 558 -14.94 -52.50 -1.31
N VAL C 559 -13.83 -52.99 -1.87
CA VAL C 559 -12.52 -52.79 -1.24
C VAL C 559 -12.18 -51.31 -1.20
N ALA C 560 -12.45 -50.58 -2.28
CA ALA C 560 -12.21 -49.15 -2.30
C ALA C 560 -13.17 -48.42 -1.36
N ALA C 561 -14.39 -48.92 -1.21
CA ALA C 561 -15.36 -48.28 -0.32
C ALA C 561 -14.92 -48.39 1.13
N VAL C 562 -14.43 -49.56 1.54
CA VAL C 562 -13.95 -49.72 2.91
C VAL C 562 -12.69 -48.90 3.14
N LEU C 563 -11.79 -48.85 2.14
CA LEU C 563 -10.58 -48.06 2.26
C LEU C 563 -10.88 -46.57 2.36
N GLU C 564 -11.89 -46.11 1.63
CA GLU C 564 -12.22 -44.69 1.64
C GLU C 564 -12.70 -44.25 3.02
N ARG C 565 -13.55 -45.06 3.67
CA ARG C 565 -14.04 -44.68 4.99
C ARG C 565 -12.93 -44.72 6.04
N VAL C 566 -11.94 -45.60 5.86
CA VAL C 566 -10.79 -45.61 6.77
C VAL C 566 -10.02 -44.30 6.68
N PHE C 567 -9.83 -43.79 5.46
CA PHE C 567 -9.16 -42.51 5.29
C PHE C 567 -9.95 -41.37 5.94
N LEU C 568 -11.29 -41.42 5.83
CA LEU C 568 -12.10 -40.37 6.41
C LEU C 568 -11.94 -40.30 7.92
N ILE C 569 -11.93 -41.46 8.60
CA ILE C 569 -11.76 -41.47 10.04
C ILE C 569 -10.36 -41.00 10.42
N PHE C 570 -9.34 -41.46 9.69
CA PHE C 570 -7.96 -41.13 10.04
C PHE C 570 -7.69 -39.64 9.88
N PHE C 571 -8.18 -39.03 8.79
CA PHE C 571 -7.85 -37.64 8.51
C PHE C 571 -8.58 -36.65 9.40
N THR C 572 -9.70 -37.02 10.00
CA THR C 572 -10.36 -36.15 10.97
C THR C 572 -9.67 -36.17 12.33
N ILE C 573 -9.07 -37.30 12.71
CA ILE C 573 -8.31 -37.37 13.95
C ILE C 573 -7.09 -36.45 13.88
N CYS C 574 -6.39 -36.48 12.74
CA CYS C 574 -5.25 -35.59 12.55
C CYS C 574 -5.68 -34.13 12.55
N PHE C 575 -6.80 -33.83 11.90
CA PHE C 575 -7.29 -32.45 11.86
C PHE C 575 -7.67 -31.96 13.26
N LEU C 576 -8.36 -32.80 14.04
CA LEU C 576 -8.74 -32.40 15.39
C LEU C 576 -7.52 -32.18 16.29
N PHE C 577 -6.54 -33.08 16.21
CA PHE C 577 -5.35 -32.95 17.05
C PHE C 577 -4.56 -31.70 16.70
N SER C 578 -4.38 -31.42 15.40
CA SER C 578 -3.57 -30.28 14.99
C SER C 578 -4.24 -28.96 15.31
N ALA C 579 -5.53 -28.83 14.96
CA ALA C 579 -6.22 -27.55 15.14
C ALA C 579 -6.45 -27.26 16.62
N ILE C 580 -6.99 -28.23 17.36
CA ILE C 580 -7.28 -28.00 18.77
C ILE C 580 -5.99 -27.92 19.59
N GLY C 581 -5.05 -28.83 19.32
CA GLY C 581 -3.86 -28.91 20.16
C GLY C 581 -3.00 -27.67 20.10
N ILE C 582 -2.79 -27.12 18.90
CA ILE C 582 -1.94 -25.94 18.75
C ILE C 582 -2.61 -24.73 19.39
N ASN C 583 -3.89 -24.51 19.10
CA ASN C 583 -4.58 -23.34 19.62
C ASN C 583 -4.74 -23.41 21.14
N LEU C 584 -5.06 -24.59 21.67
CA LEU C 584 -5.20 -24.74 23.12
C LEU C 584 -3.87 -24.53 23.83
N TYR C 585 -2.77 -25.02 23.24
CA TYR C 585 -1.46 -24.81 23.84
C TYR C 585 -1.10 -23.33 23.85
N GLY C 586 -1.43 -22.60 22.78
CA GLY C 586 -1.16 -21.18 22.76
C GLY C 586 -1.97 -20.41 23.77
N TRP C 587 -3.25 -20.79 23.95
CA TRP C 587 -4.10 -20.12 24.92
C TRP C 587 -3.60 -20.37 26.34
N TYR C 588 -3.12 -21.58 26.64
CA TYR C 588 -2.62 -21.88 27.97
C TYR C 588 -1.42 -21.02 28.31
N ILE C 589 -0.51 -20.82 27.36
CA ILE C 589 0.63 -19.94 27.59
C ILE C 589 0.15 -18.50 27.79
N TRP C 590 -0.81 -18.06 26.98
CA TRP C 590 -1.33 -16.70 27.11
C TRP C 590 -2.03 -16.50 28.46
N TYR C 591 -2.74 -17.52 28.94
CA TYR C 591 -3.50 -17.38 30.18
C TYR C 591 -2.57 -17.30 31.39
N THR C 592 -1.55 -18.15 31.44
CA THR C 592 -0.67 -18.18 32.61
C THR C 592 0.11 -16.88 32.77
N GLU C 593 0.66 -16.34 31.69
CA GLU C 593 1.42 -15.10 31.79
C GLU C 593 0.51 -13.93 32.15
N ASN C 594 -0.74 -13.96 31.70
CA ASN C 594 -1.68 -12.88 32.02
C ASN C 594 -1.98 -12.82 33.51
N HIS C 595 -2.18 -13.98 34.15
CA HIS C 595 -2.62 -14.02 35.54
C HIS C 595 -1.47 -14.14 36.54
N PHE C 596 -0.27 -14.52 36.09
CA PHE C 596 0.87 -14.67 36.98
C PHE C 596 1.78 -13.44 36.98
N LEU C 597 1.38 -12.38 36.30
CA LEU C 597 2.17 -11.15 36.26
C LEU C 597 1.32 -9.95 36.70
N PRO D 22 53.31 34.01 16.39
CA PRO D 22 54.31 33.05 16.91
C PRO D 22 53.65 31.84 17.57
N ASP D 23 52.80 32.09 18.58
CA ASP D 23 52.11 31.04 19.30
C ASP D 23 50.66 30.90 18.82
N ILE D 24 50.30 31.53 17.72
CA ILE D 24 48.96 31.43 17.16
C ILE D 24 49.08 31.01 15.70
N PRO D 25 48.08 30.34 15.13
CA PRO D 25 48.17 29.94 13.71
C PRO D 25 48.23 31.15 12.80
N ILE D 26 48.97 30.98 11.69
CA ILE D 26 49.04 32.03 10.68
C ILE D 26 47.68 32.24 10.02
N GLN D 27 46.84 31.21 10.00
CA GLN D 27 45.50 31.34 9.43
C GLN D 27 44.69 32.39 10.17
N TYR D 28 44.89 32.52 11.48
CA TYR D 28 44.19 33.55 12.25
C TYR D 28 44.48 34.93 11.69
N GLU D 29 45.76 35.27 11.55
CA GLU D 29 46.15 36.58 11.03
C GLU D 29 45.72 36.77 9.59
N LEU D 30 45.84 35.74 8.76
CA LEU D 30 45.44 35.86 7.36
C LEU D 30 43.94 36.13 7.24
N ALA D 31 43.13 35.39 8.00
CA ALA D 31 41.69 35.59 7.96
C ALA D 31 41.31 36.97 8.51
N ASN D 32 41.97 37.40 9.59
CA ASN D 32 41.68 38.73 10.13
C ASN D 32 42.05 39.82 9.15
N ASN D 33 43.12 39.62 8.37
CA ASN D 33 43.52 40.61 7.39
C ASN D 33 42.56 40.67 6.22
N ILE D 34 42.16 39.50 5.69
CA ILE D 34 41.36 39.50 4.48
C ILE D 34 39.87 39.71 4.78
N MET D 35 39.45 39.56 6.03
CA MET D 35 38.05 39.70 6.41
C MET D 35 37.73 41.07 7.01
N GLU D 36 38.63 42.05 6.87
CA GLU D 36 38.46 43.31 7.58
C GLU D 36 37.36 44.16 6.96
N ASN D 37 37.50 44.52 5.68
CA ASN D 37 36.56 45.41 5.02
C ASN D 37 35.54 44.67 4.16
N TYR D 38 35.44 43.35 4.30
CA TYR D 38 34.54 42.56 3.47
C TYR D 38 33.10 42.68 3.94
N GLN D 39 32.18 42.77 2.98
CA GLN D 39 30.75 42.71 3.24
C GLN D 39 30.17 41.61 2.35
N LYS D 40 29.76 40.51 2.97
CA LYS D 40 29.30 39.33 2.24
C LYS D 40 27.89 39.48 1.68
N GLY D 41 27.16 40.51 2.08
CA GLY D 41 25.79 40.69 1.59
C GLY D 41 25.68 41.32 0.22
N LEU D 42 26.78 41.81 -0.34
CA LEU D 42 26.76 42.47 -1.64
C LEU D 42 27.79 41.84 -2.56
N ILE D 43 27.53 41.94 -3.86
CA ILE D 43 28.41 41.33 -4.86
C ILE D 43 29.77 42.04 -4.84
N PRO D 44 30.89 41.30 -4.82
CA PRO D 44 32.22 41.93 -4.80
C PRO D 44 32.73 42.26 -6.20
N LYS D 45 32.11 43.24 -6.83
CA LYS D 45 32.46 43.69 -8.19
C LYS D 45 33.18 45.02 -8.07
N VAL D 46 34.50 44.99 -8.20
CA VAL D 46 35.30 46.21 -8.16
C VAL D 46 35.51 46.80 -9.55
N ARG D 47 35.76 45.97 -10.55
CA ARG D 47 35.97 46.43 -11.91
C ARG D 47 34.63 46.63 -12.60
N LYS D 48 34.45 47.81 -13.20
CA LYS D 48 33.17 48.15 -13.81
C LYS D 48 32.97 47.46 -15.16
N GLY D 49 34.06 47.24 -15.91
CA GLY D 49 33.93 46.80 -17.29
C GLY D 49 33.35 45.41 -17.44
N SER D 50 33.81 44.46 -16.63
CA SER D 50 33.48 43.07 -16.89
C SER D 50 32.64 42.48 -15.77
N PRO D 51 31.76 41.52 -16.09
CA PRO D 51 31.01 40.81 -15.04
C PRO D 51 31.84 39.72 -14.39
N ILE D 52 31.22 38.94 -13.50
CA ILE D 52 31.89 37.85 -12.80
C ILE D 52 31.51 36.55 -13.50
N ASN D 53 32.53 35.79 -13.93
CA ASN D 53 32.32 34.54 -14.64
C ASN D 53 32.33 33.37 -13.68
N VAL D 54 31.30 32.52 -13.79
CA VAL D 54 31.15 31.35 -12.94
C VAL D 54 31.15 30.11 -13.83
N THR D 55 31.99 29.14 -13.49
CA THR D 55 32.10 27.89 -14.22
C THR D 55 31.48 26.76 -13.39
N LEU D 56 30.63 25.96 -14.01
CA LEU D 56 29.90 24.90 -13.32
C LEU D 56 30.12 23.56 -14.02
N SER D 57 30.35 22.53 -13.21
CA SER D 57 30.48 21.17 -13.70
C SER D 57 29.70 20.23 -12.80
N LEU D 58 29.14 19.17 -13.40
CA LEU D 58 28.30 18.23 -12.68
C LEU D 58 28.78 16.81 -12.91
N GLN D 59 28.70 15.99 -11.86
CA GLN D 59 29.00 14.57 -11.93
C GLN D 59 27.79 13.80 -11.40
N LEU D 60 27.34 12.81 -12.16
CA LEU D 60 26.18 12.01 -11.78
C LEU D 60 26.64 10.74 -11.07
N TYR D 61 25.98 10.44 -9.95
CA TYR D 61 26.32 9.28 -9.13
C TYR D 61 25.22 8.25 -9.05
N GLN D 62 23.95 8.66 -9.01
CA GLN D 62 22.86 7.71 -8.85
C GLN D 62 21.58 8.30 -9.44
N ILE D 63 20.71 7.41 -9.90
CA ILE D 63 19.33 7.74 -10.26
C ILE D 63 18.45 7.09 -9.20
N ILE D 64 17.92 7.90 -8.29
CA ILE D 64 17.23 7.36 -7.13
C ILE D 64 15.82 6.90 -7.49
N GLN D 65 15.05 7.73 -8.17
CA GLN D 65 13.67 7.39 -8.45
C GLN D 65 13.19 8.12 -9.69
N VAL D 66 12.33 7.45 -10.46
CA VAL D 66 11.61 8.06 -11.57
C VAL D 66 10.12 7.94 -11.26
N ASN D 67 9.44 9.07 -11.17
CA ASN D 67 8.03 9.12 -10.78
C ASN D 67 7.22 9.59 -11.98
N GLU D 68 6.43 8.68 -12.54
CA GLU D 68 5.59 8.97 -13.70
C GLU D 68 4.29 9.68 -13.30
N PRO D 69 3.54 9.20 -12.29
CA PRO D 69 2.29 9.91 -11.94
C PRO D 69 2.49 11.36 -11.55
N GLN D 70 3.57 11.68 -10.84
CA GLN D 70 3.85 13.05 -10.43
C GLN D 70 4.83 13.77 -11.35
N GLN D 71 5.40 13.06 -12.32
CA GLN D 71 6.25 13.66 -13.36
C GLN D 71 7.44 14.40 -12.75
N TYR D 72 8.30 13.64 -12.06
CA TYR D 72 9.54 14.21 -11.56
C TYR D 72 10.61 13.12 -11.51
N LEU D 73 11.86 13.56 -11.48
CA LEU D 73 13.02 12.67 -11.46
C LEU D 73 13.93 13.06 -10.31
N LEU D 74 14.46 12.06 -9.61
CA LEU D 74 15.31 12.27 -8.44
C LEU D 74 16.73 11.80 -8.79
N LEU D 75 17.70 12.69 -8.58
CA LEU D 75 19.10 12.40 -8.90
C LEU D 75 19.99 12.76 -7.74
N ASN D 76 21.14 12.10 -7.68
CA ASN D 76 22.20 12.40 -6.72
C ASN D 76 23.45 12.78 -7.50
N ALA D 77 23.97 13.97 -7.26
CA ALA D 77 25.06 14.52 -8.07
C ALA D 77 25.96 15.39 -7.22
N TRP D 78 27.16 15.64 -7.74
CA TRP D 78 28.14 16.54 -7.14
C TRP D 78 28.33 17.74 -8.04
N ALA D 79 28.38 18.93 -7.45
CA ALA D 79 28.48 20.17 -8.19
C ALA D 79 29.72 20.95 -7.74
N VAL D 80 30.43 21.52 -8.72
CA VAL D 80 31.61 22.33 -8.47
C VAL D 80 31.43 23.68 -9.17
N GLU D 81 31.65 24.76 -8.42
CA GLU D 81 31.56 26.11 -8.97
C GLU D 81 32.86 26.85 -8.69
N ARG D 82 33.33 27.61 -9.68
CA ARG D 82 34.57 28.36 -9.58
C ARG D 82 34.35 29.79 -10.06
N TRP D 83 34.87 30.75 -9.31
CA TRP D 83 34.82 32.16 -9.69
C TRP D 83 35.93 32.89 -8.97
N VAL D 84 36.12 34.16 -9.32
CA VAL D 84 37.18 35.00 -8.77
C VAL D 84 36.54 36.10 -7.95
N ASP D 85 36.91 36.19 -6.68
CA ASP D 85 36.46 37.26 -5.79
C ASP D 85 37.51 38.36 -5.80
N GLN D 86 37.12 39.57 -6.21
CA GLN D 86 38.04 40.67 -6.42
C GLN D 86 38.36 41.43 -5.13
N MET D 87 37.89 40.97 -3.97
CA MET D 87 38.09 41.67 -2.72
C MET D 87 38.83 40.84 -1.67
N LEU D 88 39.38 39.68 -2.03
CA LEU D 88 39.99 38.76 -1.08
C LEU D 88 41.41 38.40 -1.48
N GLY D 89 42.19 39.38 -1.95
CA GLY D 89 43.56 39.13 -2.32
C GLY D 89 44.55 39.50 -1.23
N TRP D 90 45.67 38.78 -1.20
CA TRP D 90 46.71 39.03 -0.23
C TRP D 90 48.07 38.65 -0.81
N ASP D 91 49.12 39.21 -0.22
CA ASP D 91 50.49 38.92 -0.66
C ASP D 91 51.02 37.73 0.13
N PRO D 92 51.40 36.63 -0.53
CA PRO D 92 51.89 35.46 0.21
C PRO D 92 53.13 35.73 1.06
N SER D 93 54.04 36.58 0.60
CA SER D 93 55.29 36.81 1.33
C SER D 93 55.04 37.45 2.69
N GLU D 94 53.96 38.21 2.84
CA GLU D 94 53.66 38.84 4.12
C GLU D 94 53.14 37.85 5.15
N PHE D 95 52.67 36.67 4.72
CA PHE D 95 52.04 35.73 5.63
C PHE D 95 52.71 34.36 5.59
N ASP D 96 54.04 34.34 5.70
CA ASP D 96 54.83 33.11 5.78
C ASP D 96 54.65 32.25 4.53
N ASN D 97 54.58 32.91 3.37
CA ASN D 97 54.47 32.24 2.07
C ASN D 97 53.27 31.28 2.04
N GLU D 98 52.12 31.76 2.49
CA GLU D 98 50.88 31.02 2.44
C GLU D 98 50.08 31.44 1.22
N THR D 99 49.65 30.46 0.43
CA THR D 99 48.92 30.73 -0.81
C THR D 99 47.53 30.10 -0.82
N GLU D 100 47.08 29.52 0.30
CA GLU D 100 45.77 28.89 0.35
C GLU D 100 45.20 29.04 1.75
N ILE D 101 43.87 28.96 1.84
CA ILE D 101 43.16 29.03 3.11
C ILE D 101 41.76 28.45 2.91
N MET D 102 41.17 28.01 4.01
CA MET D 102 39.83 27.43 4.01
C MET D 102 38.92 28.28 4.90
N ALA D 103 37.74 28.61 4.38
CA ALA D 103 36.78 29.45 5.10
C ALA D 103 35.39 28.85 4.98
N ARG D 104 34.56 29.14 5.97
CA ARG D 104 33.17 28.68 5.95
C ARG D 104 32.38 29.41 4.88
N HIS D 105 31.40 28.71 4.31
CA HIS D 105 30.59 29.28 3.23
C HIS D 105 29.75 30.46 3.69
N ASP D 106 29.49 30.58 5.00
CA ASP D 106 28.71 31.70 5.50
C ASP D 106 29.51 32.99 5.55
N ASP D 107 30.84 32.91 5.50
CA ASP D 107 31.68 34.09 5.67
C ASP D 107 31.75 34.94 4.41
N ILE D 108 31.68 34.32 3.23
CA ILE D 108 31.94 35.01 1.98
C ILE D 108 30.67 34.99 1.10
N TRP D 109 30.70 35.81 0.05
CA TRP D 109 29.60 35.91 -0.89
C TRP D 109 29.63 34.74 -1.88
N LEU D 110 28.45 34.21 -2.19
CA LEU D 110 28.32 33.10 -3.12
C LEU D 110 27.28 33.42 -4.18
N PRO D 111 27.51 33.03 -5.43
CA PRO D 111 26.50 33.23 -6.47
C PRO D 111 25.27 32.37 -6.22
N ASP D 112 24.13 32.86 -6.69
CA ASP D 112 22.85 32.17 -6.48
C ASP D 112 22.55 31.30 -7.69
N THR D 113 23.24 30.17 -7.77
CA THR D 113 22.98 29.17 -8.80
C THR D 113 21.70 28.42 -8.46
N THR D 114 20.74 28.43 -9.36
CA THR D 114 19.41 27.89 -9.11
C THR D 114 19.00 26.95 -10.22
N LEU D 115 18.37 25.84 -9.84
CA LEU D 115 17.73 24.94 -10.80
C LEU D 115 16.31 25.44 -11.05
N TYR D 116 16.05 25.90 -12.26
CA TYR D 116 14.79 26.58 -12.56
C TYR D 116 13.60 25.63 -12.42
N ASN D 117 13.71 24.42 -12.97
CA ASN D 117 12.63 23.44 -12.92
C ASN D 117 12.83 22.47 -11.75
N SER D 118 12.77 23.04 -10.54
CA SER D 118 12.94 22.27 -9.31
C SER D 118 11.62 22.20 -8.55
N LEU D 119 11.35 21.03 -7.95
CA LEU D 119 10.14 20.80 -7.19
C LEU D 119 10.39 20.82 -5.69
N GLU D 120 11.56 21.28 -5.25
CA GLU D 120 11.92 21.35 -3.84
C GLU D 120 12.16 22.80 -3.45
N MET D 121 11.48 23.24 -2.39
CA MET D 121 11.56 24.63 -1.96
C MET D 121 12.55 24.86 -0.82
N ASP D 122 12.94 23.82 -0.10
CA ASP D 122 13.88 23.94 1.01
C ASP D 122 15.25 23.45 0.57
N ASP D 123 16.26 24.33 0.73
CA ASP D 123 17.62 24.01 0.31
C ASP D 123 18.40 23.22 1.35
N SER D 124 17.87 23.06 2.56
CA SER D 124 18.55 22.28 3.58
C SER D 124 18.39 20.78 3.38
N ALA D 125 17.42 20.36 2.58
CA ALA D 125 17.20 18.94 2.32
C ALA D 125 17.67 18.51 0.94
N SER D 126 18.31 19.41 0.18
CA SER D 126 18.79 19.10 -1.17
C SER D 126 20.20 19.61 -1.41
N LYS D 127 20.87 20.12 -0.40
CA LYS D 127 22.21 20.67 -0.57
C LYS D 127 22.93 20.64 0.77
N LYS D 128 24.27 20.66 0.70
CA LYS D 128 25.09 20.63 1.92
C LYS D 128 26.38 21.39 1.63
N LEU D 129 26.47 22.62 2.12
CA LEU D 129 27.65 23.46 1.96
C LEU D 129 28.41 23.55 3.28
N THR D 130 29.71 23.26 3.23
CA THR D 130 30.52 23.26 4.43
C THR D 130 31.64 24.30 4.39
N HIS D 131 32.45 24.27 3.34
CA HIS D 131 33.64 25.11 3.27
C HIS D 131 33.92 25.51 1.84
N VAL D 132 34.73 26.56 1.69
CA VAL D 132 35.23 27.02 0.40
C VAL D 132 36.74 27.16 0.49
N LYS D 133 37.40 27.11 -0.66
CA LYS D 133 38.85 27.22 -0.75
C LYS D 133 39.22 28.47 -1.52
N LEU D 134 40.13 29.27 -0.96
CA LEU D 134 40.58 30.51 -1.57
C LEU D 134 42.05 30.41 -1.92
N THR D 135 42.38 30.69 -3.18
CA THR D 135 43.75 30.73 -3.66
C THR D 135 44.04 32.14 -4.16
N THR D 136 45.04 32.78 -3.57
CA THR D 136 45.32 34.17 -3.86
C THR D 136 45.90 34.34 -5.28
N LEU D 137 45.58 35.48 -5.88
CA LEU D 137 46.12 35.86 -7.18
C LEU D 137 46.94 37.13 -7.12
N GLY D 138 47.18 37.67 -5.94
CA GLY D 138 47.87 38.94 -5.79
C GLY D 138 47.16 39.84 -4.78
N LYS D 139 47.84 40.88 -4.31
CA LYS D 139 47.24 41.76 -3.32
C LYS D 139 46.04 42.51 -3.88
N ASN D 140 46.15 42.98 -5.13
CA ASN D 140 45.09 43.76 -5.76
C ASN D 140 44.42 43.01 -6.91
N GLN D 141 44.61 41.70 -6.97
CA GLN D 141 44.02 40.89 -8.04
C GLN D 141 42.91 39.95 -7.56
N GLY D 142 42.71 39.85 -6.25
CA GLY D 142 41.68 38.96 -5.73
C GLY D 142 42.16 37.55 -5.55
N ALA D 143 41.19 36.66 -5.30
CA ALA D 143 41.47 35.25 -5.07
C ALA D 143 40.48 34.39 -5.85
N MET D 144 40.91 33.17 -6.16
CA MET D 144 40.06 32.20 -6.83
C MET D 144 39.30 31.38 -5.80
N VAL D 145 37.99 31.30 -5.96
CA VAL D 145 37.10 30.63 -5.02
C VAL D 145 36.55 29.38 -5.68
N GLU D 146 36.66 28.25 -4.99
CA GLU D 146 36.14 26.97 -5.46
C GLU D 146 35.19 26.41 -4.42
N LEU D 147 34.02 25.95 -4.87
CA LEU D 147 32.99 25.43 -3.98
C LEU D 147 32.48 24.11 -4.53
N LEU D 148 32.66 23.04 -3.74
CA LEU D 148 32.20 21.71 -4.10
C LEU D 148 31.27 21.18 -3.02
N TYR D 149 30.14 20.60 -3.43
CA TYR D 149 29.13 20.16 -2.49
C TYR D 149 28.29 19.07 -3.15
N PRO D 150 27.80 18.10 -2.38
CA PRO D 150 26.83 17.14 -2.91
C PRO D 150 25.42 17.70 -2.85
N THR D 151 24.57 17.16 -3.73
CA THR D 151 23.20 17.66 -3.83
C THR D 151 22.29 16.54 -4.32
N ILE D 152 21.00 16.71 -4.03
CA ILE D 152 19.94 15.82 -4.52
C ILE D 152 18.93 16.69 -5.26
N TYR D 153 18.73 16.40 -6.54
CA TYR D 153 17.88 17.21 -7.40
C TYR D 153 16.53 16.55 -7.61
N LYS D 154 15.46 17.33 -7.49
CA LYS D 154 14.11 16.89 -7.79
C LYS D 154 13.67 17.65 -9.04
N ILE D 155 13.82 17.01 -10.20
CA ILE D 155 13.65 17.65 -11.49
C ILE D 155 12.31 17.22 -12.09
N SER D 156 11.49 18.19 -12.46
CA SER D 156 10.20 17.92 -13.09
C SER D 156 10.38 17.92 -14.60
N CYS D 157 10.13 16.78 -15.23
CA CYS D 157 10.25 16.63 -16.67
C CYS D 157 9.04 15.88 -17.21
N LEU D 158 8.64 16.22 -18.43
CA LEU D 158 7.50 15.58 -19.07
C LEU D 158 7.92 14.20 -19.58
N LEU D 159 7.11 13.20 -19.28
CA LEU D 159 7.38 11.82 -19.64
C LEU D 159 6.35 11.33 -20.65
N ASN D 160 6.82 10.70 -21.72
CA ASN D 160 5.96 10.13 -22.75
C ASN D 160 5.97 8.61 -22.59
N LEU D 161 4.81 8.05 -22.26
CA LEU D 161 4.65 6.62 -22.02
C LEU D 161 3.92 5.92 -23.16
N LYS D 162 4.11 6.41 -24.39
CA LYS D 162 3.44 5.80 -25.54
C LYS D 162 4.02 4.45 -25.91
N TYR D 163 5.33 4.26 -25.75
CA TYR D 163 6.00 3.02 -26.14
C TYR D 163 6.38 2.16 -24.94
N PHE D 164 5.66 2.30 -23.83
CA PHE D 164 5.95 1.50 -22.65
C PHE D 164 5.75 0.02 -22.96
N PRO D 165 6.64 -0.86 -22.48
CA PRO D 165 7.84 -0.61 -21.67
C PRO D 165 9.12 -0.41 -22.48
N PHE D 166 9.02 -0.10 -23.77
CA PHE D 166 10.18 0.13 -24.63
C PHE D 166 10.45 1.61 -24.83
N ASP D 167 10.15 2.43 -23.82
CA ASP D 167 10.21 3.88 -23.97
C ASP D 167 11.55 4.42 -23.52
N THR D 168 11.95 5.55 -24.12
CA THR D 168 13.12 6.31 -23.70
C THR D 168 12.69 7.73 -23.37
N GLN D 169 13.28 8.30 -22.33
CA GLN D 169 12.88 9.61 -21.83
C GLN D 169 14.07 10.57 -21.85
N THR D 170 13.76 11.87 -21.93
CA THR D 170 14.77 12.92 -21.93
C THR D 170 14.28 14.06 -21.05
N CYS D 171 14.97 14.30 -19.94
CA CYS D 171 14.63 15.36 -19.01
C CYS D 171 15.74 16.41 -19.01
N ARG D 172 15.34 17.68 -18.97
CA ARG D 172 16.27 18.80 -19.04
C ARG D 172 16.48 19.43 -17.67
N MET D 173 17.72 19.84 -17.41
CA MET D 173 18.08 20.60 -16.23
C MET D 173 18.54 21.99 -16.65
N THR D 174 17.90 23.01 -16.09
CA THR D 174 18.20 24.40 -16.42
C THR D 174 18.84 25.09 -15.22
N PHE D 175 19.99 25.71 -15.44
CA PHE D 175 20.73 26.39 -14.38
C PHE D 175 20.98 27.84 -14.78
N GLY D 176 21.05 28.71 -13.79
CA GLY D 176 21.28 30.12 -14.04
C GLY D 176 21.14 30.93 -12.77
N SER D 177 21.16 32.24 -12.94
CA SER D 177 21.03 33.19 -11.84
C SER D 177 19.58 33.64 -11.74
N TRP D 178 19.04 33.63 -10.51
CA TRP D 178 17.63 33.95 -10.32
C TRP D 178 17.35 35.44 -10.45
N SER D 179 18.30 36.29 -10.04
CA SER D 179 18.05 37.72 -9.97
C SER D 179 19.08 38.58 -10.70
N PHE D 180 20.22 38.03 -11.10
CA PHE D 180 21.29 38.81 -11.70
C PHE D 180 21.35 38.58 -13.19
N ASP D 181 21.43 39.67 -13.96
CA ASP D 181 21.61 39.58 -15.40
C ASP D 181 23.07 39.29 -15.74
N ASN D 182 23.32 38.98 -17.01
CA ASN D 182 24.66 38.57 -17.43
C ASN D 182 25.68 39.71 -17.42
N SER D 183 25.23 40.95 -17.26
CA SER D 183 26.16 42.06 -17.09
C SER D 183 26.80 42.08 -15.71
N LEU D 184 26.30 41.27 -14.78
CA LEU D 184 26.85 41.12 -13.44
C LEU D 184 27.45 39.75 -13.20
N ILE D 185 26.70 38.69 -13.52
CA ILE D 185 27.16 37.32 -13.33
C ILE D 185 26.95 36.56 -14.64
N ASP D 186 28.00 35.92 -15.13
CA ASP D 186 27.96 35.11 -16.34
C ASP D 186 28.30 33.67 -16.01
N TYR D 187 27.69 32.75 -16.76
CA TYR D 187 27.84 31.32 -16.51
C TYR D 187 28.41 30.63 -17.74
N PHE D 188 29.35 29.72 -17.51
CA PHE D 188 29.95 28.90 -18.55
C PHE D 188 30.02 27.45 -18.09
N PRO D 189 29.84 26.51 -19.02
CA PRO D 189 29.89 25.09 -18.64
C PRO D 189 31.31 24.53 -18.68
N ARG D 190 31.52 23.50 -17.87
CA ARG D 190 32.78 22.76 -17.83
C ARG D 190 32.47 21.30 -18.07
N THR D 191 33.10 20.72 -19.09
CA THR D 191 32.82 19.37 -19.54
C THR D 191 33.96 18.43 -19.17
N PHE D 192 33.65 17.14 -19.17
CA PHE D 192 34.60 16.10 -18.86
C PHE D 192 35.05 15.40 -20.15
N THR D 193 35.91 14.40 -19.98
CA THR D 193 36.47 13.70 -21.14
C THR D 193 35.39 12.95 -21.92
N ASN D 194 34.55 12.21 -21.21
CA ASN D 194 33.53 11.37 -21.85
C ASN D 194 32.28 12.16 -22.24
N GLY D 195 32.10 13.37 -21.72
CA GLY D 195 30.94 14.17 -22.04
C GLY D 195 30.75 15.33 -21.09
N PRO D 196 29.68 16.11 -21.31
CA PRO D 196 29.41 17.25 -20.42
C PRO D 196 29.20 16.85 -18.96
N ILE D 197 28.62 15.69 -18.70
CA ILE D 197 28.33 15.23 -17.35
C ILE D 197 29.18 14.00 -17.06
N GLY D 198 29.93 14.04 -15.97
CA GLY D 198 30.78 12.92 -15.61
C GLY D 198 29.96 11.70 -15.25
N LEU D 199 30.34 10.54 -15.79
CA LEU D 199 29.65 9.29 -15.51
C LEU D 199 30.63 8.19 -15.11
N ALA D 200 31.84 8.55 -14.69
CA ALA D 200 32.84 7.55 -14.34
C ALA D 200 32.56 6.85 -13.02
N ASN D 201 31.77 7.47 -12.14
CA ASN D 201 31.43 6.90 -10.84
C ASN D 201 29.94 6.68 -10.70
N PHE D 202 29.24 6.54 -11.82
CA PHE D 202 27.80 6.33 -11.79
C PHE D 202 27.47 4.94 -11.27
N LEU D 203 26.40 4.86 -10.48
CA LEU D 203 25.91 3.60 -9.93
C LEU D 203 24.81 3.07 -10.85
N GLU D 204 24.99 1.85 -11.34
CA GLU D 204 24.07 1.29 -12.31
C GLU D 204 22.68 1.12 -11.71
N ASN D 205 21.66 1.48 -12.47
CA ASN D 205 20.28 1.32 -12.06
C ASN D 205 19.72 0.01 -12.61
N ASP D 206 18.80 -0.58 -11.85
CA ASP D 206 18.20 -1.85 -12.21
C ASP D 206 17.03 -1.72 -13.18
N ALA D 207 16.62 -0.48 -13.49
CA ALA D 207 15.49 -0.26 -14.39
C ALA D 207 15.77 0.73 -15.51
N TRP D 208 16.82 1.55 -15.41
CA TRP D 208 17.11 2.56 -16.41
C TRP D 208 18.58 2.52 -16.79
N SER D 209 18.86 2.88 -18.04
CA SER D 209 20.22 2.96 -18.56
C SER D 209 20.43 4.31 -19.22
N VAL D 210 21.61 4.89 -18.99
CA VAL D 210 21.93 6.22 -19.52
C VAL D 210 22.62 6.06 -20.88
N LEU D 211 22.11 6.75 -21.88
CA LEU D 211 22.62 6.66 -23.24
C LEU D 211 23.61 7.77 -23.59
N GLY D 212 23.35 9.00 -23.12
CA GLY D 212 24.25 10.10 -23.44
C GLY D 212 23.80 11.37 -22.73
N THR D 213 24.63 12.40 -22.89
CA THR D 213 24.37 13.69 -22.26
C THR D 213 24.73 14.80 -23.23
N LYS D 214 24.08 15.95 -23.05
CA LYS D 214 24.32 17.13 -23.88
C LYS D 214 24.29 18.37 -22.99
N VAL D 215 24.92 19.44 -23.48
CA VAL D 215 24.95 20.72 -22.79
C VAL D 215 24.79 21.83 -23.82
N ASN D 216 24.11 22.91 -23.42
CA ASN D 216 23.87 24.04 -24.31
C ASN D 216 23.79 25.31 -23.49
N ARG D 217 24.49 26.35 -23.95
CA ARG D 217 24.49 27.65 -23.29
C ARG D 217 23.67 28.63 -24.12
N GLU D 218 22.73 29.30 -23.48
CA GLU D 218 21.80 30.20 -24.16
C GLU D 218 21.72 31.53 -23.43
N GLU D 219 21.59 32.61 -24.19
CA GLU D 219 21.34 33.93 -23.65
C GLU D 219 19.90 34.32 -23.95
N LYS D 220 19.16 34.72 -22.91
CA LYS D 220 17.74 35.01 -23.01
C LYS D 220 17.48 36.45 -22.66
N LYS D 221 16.50 37.05 -23.33
CA LYS D 221 16.17 38.45 -23.15
C LYS D 221 15.00 38.62 -22.18
N TYR D 222 15.13 39.58 -21.28
CA TYR D 222 14.00 39.96 -20.42
C TYR D 222 12.89 40.56 -21.28
N THR D 223 11.65 40.36 -20.84
CA THR D 223 10.49 40.79 -21.61
C THR D 223 9.96 42.12 -21.07
N CYS D 224 10.80 42.77 -20.27
CA CYS D 224 10.46 44.08 -19.73
C CYS D 224 11.63 45.06 -19.83
N CYS D 225 12.83 44.56 -20.08
CA CYS D 225 14.04 45.34 -20.05
C CYS D 225 14.96 44.93 -21.19
N PRO D 226 15.85 45.84 -21.64
CA PRO D 226 16.81 45.48 -22.68
C PRO D 226 18.09 44.90 -22.13
N VAL D 227 17.98 43.85 -21.32
CA VAL D 227 19.14 43.16 -20.76
C VAL D 227 18.97 41.67 -20.94
N ASN D 228 20.08 40.94 -20.90
CA ASN D 228 20.11 39.50 -21.13
C ASN D 228 20.47 38.78 -19.85
N TYR D 229 20.21 37.46 -19.85
CA TYR D 229 20.67 36.58 -18.79
C TYR D 229 21.03 35.24 -19.40
N THR D 230 21.96 34.54 -18.76
CA THR D 230 22.52 33.30 -19.29
C THR D 230 21.89 32.09 -18.61
N LEU D 231 21.58 31.07 -19.42
CA LEU D 231 21.02 29.82 -18.93
C LEU D 231 21.81 28.65 -19.47
N LEU D 232 22.01 27.64 -18.64
CA LEU D 232 22.70 26.42 -19.01
C LEU D 232 21.71 25.25 -19.03
N HIS D 233 21.66 24.54 -20.14
CA HIS D 233 20.74 23.42 -20.33
C HIS D 233 21.50 22.12 -20.37
N TYR D 234 21.12 21.17 -19.51
CA TYR D 234 21.73 19.85 -19.46
C TYR D 234 20.68 18.81 -19.85
N ASP D 235 21.02 17.97 -20.82
CA ASP D 235 20.12 16.94 -21.33
C ASP D 235 20.64 15.57 -20.93
N VAL D 236 19.75 14.75 -20.37
CA VAL D 236 20.05 13.37 -20.01
C VAL D 236 19.05 12.46 -20.71
N VAL D 237 19.56 11.43 -21.38
CA VAL D 237 18.74 10.47 -22.11
C VAL D 237 18.81 9.14 -21.38
N ILE D 238 17.66 8.60 -20.99
CA ILE D 238 17.57 7.35 -20.26
C ILE D 238 16.60 6.43 -20.98
N GLN D 239 16.90 5.14 -21.00
CA GLN D 239 16.08 4.14 -21.64
C GLN D 239 15.68 3.06 -20.62
N ARG D 240 14.43 2.61 -20.71
CA ARG D 240 13.93 1.60 -19.79
C ARG D 240 14.42 0.21 -20.18
N LYS D 241 14.50 -0.68 -19.20
CA LYS D 241 14.85 -2.06 -19.44
C LYS D 241 13.59 -2.91 -19.39
N PRO D 242 13.14 -3.48 -20.51
CA PRO D 242 11.83 -4.17 -20.54
C PRO D 242 11.87 -5.65 -20.23
N LEU D 243 13.01 -6.21 -19.79
CA LEU D 243 13.10 -7.65 -19.57
C LEU D 243 12.15 -8.10 -18.46
N TYR D 244 12.06 -7.33 -17.37
CA TYR D 244 11.18 -7.71 -16.27
C TYR D 244 9.73 -7.78 -16.73
N TYR D 245 9.25 -6.73 -17.42
CA TYR D 245 7.87 -6.73 -17.90
C TYR D 245 7.62 -7.84 -18.92
N VAL D 246 8.57 -8.06 -19.84
CA VAL D 246 8.39 -9.10 -20.85
C VAL D 246 8.29 -10.47 -20.20
N LEU D 247 9.16 -10.76 -19.22
CA LEU D 247 9.15 -12.06 -18.57
C LEU D 247 8.01 -12.21 -17.55
N ASN D 248 7.41 -11.11 -17.10
CA ASN D 248 6.44 -11.18 -16.01
C ASN D 248 4.99 -10.98 -16.43
N LEU D 249 4.72 -10.26 -17.51
CA LEU D 249 3.34 -9.98 -17.91
C LEU D 249 2.99 -10.51 -19.28
N ILE D 250 3.83 -10.28 -20.28
CA ILE D 250 3.47 -10.60 -21.66
C ILE D 250 3.38 -12.10 -21.87
N ALA D 251 4.39 -12.84 -21.39
CA ALA D 251 4.41 -14.28 -21.63
C ALA D 251 3.25 -15.02 -20.97
N PRO D 252 2.95 -14.83 -19.68
CA PRO D 252 1.85 -15.61 -19.07
C PRO D 252 0.50 -15.36 -19.73
N THR D 253 0.18 -14.10 -20.05
CA THR D 253 -1.07 -13.79 -20.72
C THR D 253 -1.15 -14.39 -22.11
N ALA D 254 -0.06 -14.33 -22.87
CA ALA D 254 -0.04 -14.95 -24.19
C ALA D 254 -0.21 -16.47 -24.11
N VAL D 255 0.41 -17.11 -23.13
CA VAL D 255 0.24 -18.55 -22.96
C VAL D 255 -1.21 -18.87 -22.59
N ILE D 256 -1.80 -18.10 -21.66
CA ILE D 256 -3.16 -18.36 -21.22
C ILE D 256 -4.14 -18.16 -22.36
N THR D 257 -3.96 -17.11 -23.16
CA THR D 257 -4.85 -16.86 -24.28
C THR D 257 -4.78 -17.99 -25.31
N PHE D 258 -3.58 -18.47 -25.62
CA PHE D 258 -3.43 -19.58 -26.56
C PHE D 258 -4.08 -20.85 -26.01
N ILE D 259 -3.90 -21.12 -24.72
CA ILE D 259 -4.50 -22.30 -24.11
C ILE D 259 -6.02 -22.22 -24.18
N SER D 260 -6.58 -21.04 -23.87
CA SER D 260 -8.02 -20.87 -23.94
C SER D 260 -8.54 -21.01 -25.38
N ILE D 261 -7.79 -20.49 -26.34
CA ILE D 261 -8.19 -20.63 -27.75
C ILE D 261 -8.22 -22.10 -28.15
N ILE D 262 -7.20 -22.86 -27.74
CA ILE D 262 -7.19 -24.28 -28.04
C ILE D 262 -8.37 -24.98 -27.38
N GLY D 263 -8.65 -24.64 -26.12
CA GLY D 263 -9.76 -25.27 -25.42
C GLY D 263 -11.12 -24.95 -26.01
N PHE D 264 -11.27 -23.74 -26.56
CA PHE D 264 -12.58 -23.31 -27.07
C PHE D 264 -13.06 -24.20 -28.21
N PHE D 265 -12.18 -24.56 -29.13
CA PHE D 265 -12.56 -25.22 -30.37
C PHE D 265 -12.02 -26.65 -30.45
N THR D 266 -12.13 -27.38 -29.34
CA THR D 266 -11.70 -28.78 -29.29
C THR D 266 -12.81 -29.60 -28.64
N SER D 267 -13.17 -30.71 -29.27
CA SER D 267 -14.21 -31.59 -28.78
C SER D 267 -13.71 -33.03 -28.76
N SER D 268 -14.25 -33.80 -27.81
CA SER D 268 -13.84 -35.20 -27.67
C SER D 268 -14.44 -36.07 -28.77
N SER D 269 -15.70 -35.84 -29.12
CA SER D 269 -16.39 -36.63 -30.12
C SER D 269 -17.12 -35.72 -31.09
N VAL D 270 -17.09 -36.09 -32.38
CA VAL D 270 -17.79 -35.30 -33.37
C VAL D 270 -19.31 -35.44 -33.25
N HIS D 271 -19.79 -36.66 -33.01
CA HIS D 271 -21.23 -36.92 -32.89
C HIS D 271 -21.64 -36.94 -31.42
N ASP D 272 -21.48 -35.79 -30.76
CA ASP D 272 -21.82 -35.66 -29.35
C ASP D 272 -22.14 -34.21 -29.04
N LEU D 273 -22.99 -34.01 -28.04
CA LEU D 273 -23.33 -32.66 -27.60
C LEU D 273 -22.14 -32.02 -26.90
N ARG D 274 -21.95 -30.72 -27.14
CA ARG D 274 -20.81 -30.00 -26.59
C ARG D 274 -21.20 -29.26 -25.32
N GLN D 275 -20.18 -28.85 -24.57
CA GLN D 275 -20.39 -28.13 -23.32
C GLN D 275 -20.57 -26.64 -23.57
N GLU D 276 -20.94 -25.92 -22.52
CA GLU D 276 -21.32 -24.52 -22.61
C GLU D 276 -20.19 -23.62 -23.10
N LYS D 277 -18.98 -23.83 -22.56
CA LYS D 277 -17.75 -23.06 -22.80
C LYS D 277 -17.86 -21.65 -22.24
N ILE D 278 -18.98 -21.25 -21.66
CA ILE D 278 -19.11 -19.91 -21.10
C ILE D 278 -18.26 -19.76 -19.83
N THR D 279 -18.27 -20.78 -18.97
CA THR D 279 -17.49 -20.72 -17.74
C THR D 279 -15.99 -20.63 -18.00
N LEU D 280 -15.50 -21.33 -19.02
CA LEU D 280 -14.08 -21.25 -19.37
C LEU D 280 -13.68 -19.85 -19.80
N GLY D 281 -14.52 -19.19 -20.60
CA GLY D 281 -14.24 -17.83 -21.04
C GLY D 281 -14.25 -16.82 -19.91
N ILE D 282 -15.22 -16.95 -18.99
CA ILE D 282 -15.28 -16.06 -17.85
C ILE D 282 -14.06 -16.26 -16.94
N THR D 283 -13.68 -17.52 -16.72
CA THR D 283 -12.51 -17.80 -15.89
C THR D 283 -11.25 -17.25 -16.51
N THR D 284 -11.11 -17.38 -17.84
CA THR D 284 -9.94 -16.82 -18.52
C THR D 284 -9.91 -15.30 -18.40
N LEU D 285 -11.07 -14.65 -18.57
CA LEU D 285 -11.13 -13.21 -18.42
C LEU D 285 -10.84 -12.79 -16.98
N LEU D 286 -11.37 -13.55 -16.01
CA LEU D 286 -11.11 -13.24 -14.61
C LEU D 286 -9.63 -13.38 -14.28
N SER D 287 -8.99 -14.44 -14.79
CA SER D 287 -7.56 -14.63 -14.54
C SER D 287 -6.73 -13.52 -15.18
N MET D 288 -7.05 -13.13 -16.41
CA MET D 288 -6.31 -12.08 -17.08
C MET D 288 -6.57 -10.72 -16.44
N SER D 289 -7.80 -10.47 -16.00
CA SER D 289 -8.10 -9.23 -15.32
C SER D 289 -7.38 -9.13 -13.99
N ILE D 290 -7.16 -10.26 -13.31
CA ILE D 290 -6.42 -10.26 -12.06
C ILE D 290 -4.98 -9.82 -12.29
N MET D 291 -4.34 -10.34 -13.34
CA MET D 291 -2.93 -10.07 -13.57
C MET D 291 -2.66 -8.61 -13.93
N ILE D 292 -3.51 -8.01 -14.77
CA ILE D 292 -3.22 -6.67 -15.28
C ILE D 292 -3.33 -5.62 -14.17
N PHE D 293 -4.38 -5.69 -13.36
CA PHE D 293 -4.65 -4.63 -12.39
C PHE D 293 -3.99 -4.84 -11.04
N MET D 294 -3.49 -6.04 -10.76
CA MET D 294 -2.83 -6.28 -9.49
C MET D 294 -1.32 -6.16 -9.60
N VAL D 295 -0.81 -5.91 -10.81
CA VAL D 295 0.60 -5.62 -11.03
C VAL D 295 0.63 -4.17 -11.47
N SER D 296 -0.52 -3.50 -11.37
CA SER D 296 -0.70 -2.13 -11.84
C SER D 296 0.05 -1.11 -11.00
N ASP D 297 0.82 -1.54 -10.00
CA ASP D 297 1.66 -0.62 -9.26
C ASP D 297 2.72 0.03 -10.14
N LYS D 298 3.10 -0.64 -11.24
CA LYS D 298 4.12 -0.15 -12.15
C LYS D 298 3.58 0.26 -13.51
N MET D 299 2.28 0.10 -13.75
CA MET D 299 1.70 0.46 -15.04
C MET D 299 1.60 1.97 -15.19
N PRO D 300 1.59 2.47 -16.44
CA PRO D 300 1.52 3.93 -16.62
C PRO D 300 0.28 4.57 -16.03
N SER D 301 -0.90 4.00 -16.27
CA SER D 301 -2.16 4.54 -15.77
C SER D 301 -2.37 5.98 -16.24
N THR D 302 -2.24 6.21 -17.54
CA THR D 302 -2.40 7.52 -18.13
C THR D 302 -3.61 7.55 -19.08
N SER D 303 -4.24 8.72 -19.14
CA SER D 303 -5.39 8.93 -20.02
C SER D 303 -5.06 9.76 -21.25
N THR D 304 -3.79 10.17 -21.42
CA THR D 304 -3.43 10.96 -22.58
C THR D 304 -3.39 10.11 -23.85
N CYS D 305 -2.85 8.90 -23.76
CA CYS D 305 -2.74 8.02 -24.92
C CYS D 305 -2.89 6.58 -24.44
N VAL D 306 -2.80 5.65 -25.39
CA VAL D 306 -2.87 4.22 -25.11
C VAL D 306 -1.47 3.64 -25.31
N PRO D 307 -0.79 3.22 -24.24
CA PRO D 307 0.56 2.68 -24.38
C PRO D 307 0.55 1.37 -25.16
N LEU D 308 1.75 0.92 -25.52
CA LEU D 308 1.90 -0.31 -26.29
C LEU D 308 1.39 -1.51 -25.50
N ILE D 309 1.69 -1.58 -24.21
CA ILE D 309 1.23 -2.70 -23.39
C ILE D 309 -0.29 -2.69 -23.26
N ALA D 310 -0.89 -1.50 -23.19
CA ALA D 310 -2.34 -1.41 -23.09
C ALA D 310 -3.01 -1.92 -24.36
N LEU D 311 -2.45 -1.58 -25.53
CA LEU D 311 -3.01 -2.06 -26.79
C LEU D 311 -2.93 -3.58 -26.88
N PHE D 312 -1.83 -4.16 -26.38
CA PHE D 312 -1.69 -5.61 -26.41
C PHE D 312 -2.75 -6.29 -25.55
N TYR D 313 -3.05 -5.74 -24.37
CA TYR D 313 -3.97 -6.40 -23.46
C TYR D 313 -5.41 -6.36 -23.97
N THR D 314 -5.81 -5.25 -24.61
CA THR D 314 -7.17 -5.14 -25.11
C THR D 314 -7.44 -6.17 -26.21
N LEU D 315 -6.47 -6.39 -27.10
CA LEU D 315 -6.68 -7.32 -28.21
C LEU D 315 -6.87 -8.75 -27.71
N MET D 316 -6.15 -9.13 -26.67
CA MET D 316 -6.34 -10.47 -26.10
C MET D 316 -7.73 -10.61 -25.50
N ILE D 317 -8.26 -9.54 -24.91
CA ILE D 317 -9.58 -9.61 -24.29
C ILE D 317 -10.67 -9.79 -25.35
N THR D 318 -10.58 -9.04 -26.46
CA THR D 318 -11.62 -9.11 -27.48
C THR D 318 -11.68 -10.49 -28.13
N ILE D 319 -10.53 -11.07 -28.47
CA ILE D 319 -10.55 -12.37 -29.14
C ILE D 319 -11.02 -13.45 -28.19
N ILE D 320 -10.79 -13.29 -26.88
CA ILE D 320 -11.37 -14.22 -25.92
C ILE D 320 -12.88 -14.02 -25.83
N SER D 321 -13.32 -12.75 -25.78
CA SER D 321 -14.75 -12.46 -25.73
C SER D 321 -15.45 -12.87 -27.04
N VAL D 322 -14.81 -12.60 -28.18
CA VAL D 322 -15.37 -13.05 -29.45
C VAL D 322 -15.33 -14.57 -29.54
N GLY D 323 -14.28 -15.18 -28.99
CA GLY D 323 -14.17 -16.64 -29.04
C GLY D 323 -15.27 -17.35 -28.29
N THR D 324 -15.70 -16.80 -27.14
CA THR D 324 -16.77 -17.44 -26.38
C THR D 324 -18.10 -17.35 -27.11
N LEU D 325 -18.31 -16.28 -27.88
CA LEU D 325 -19.52 -16.18 -28.70
C LEU D 325 -19.45 -17.10 -29.92
N ALA D 326 -18.27 -17.23 -30.54
CA ALA D 326 -18.13 -18.14 -31.67
C ALA D 326 -18.32 -19.59 -31.25
N ALA D 327 -17.84 -19.97 -30.07
CA ALA D 327 -18.04 -21.32 -29.58
C ALA D 327 -19.52 -21.60 -29.30
N SER D 328 -20.26 -20.58 -28.86
CA SER D 328 -21.68 -20.75 -28.61
C SER D 328 -22.47 -20.93 -29.92
N SER D 329 -22.00 -20.33 -31.01
CA SER D 329 -22.69 -20.46 -32.28
C SER D 329 -22.54 -21.85 -32.87
N VAL D 330 -21.49 -22.59 -32.51
CA VAL D 330 -21.33 -23.96 -32.98
C VAL D 330 -22.41 -24.86 -32.39
N ILE D 331 -22.73 -24.65 -31.11
CA ILE D 331 -23.79 -25.43 -30.46
C ILE D 331 -25.13 -25.13 -31.12
N PHE D 332 -25.41 -23.87 -31.42
CA PHE D 332 -26.67 -23.50 -32.05
C PHE D 332 -26.83 -24.14 -33.41
N VAL D 333 -25.74 -24.22 -34.19
CA VAL D 333 -25.79 -24.87 -35.48
C VAL D 333 -26.02 -26.36 -35.33
N GLN D 334 -25.34 -26.99 -34.36
CA GLN D 334 -25.47 -28.44 -34.17
C GLN D 334 -26.89 -28.81 -33.74
N LYS D 335 -27.50 -28.00 -32.87
CA LYS D 335 -28.84 -28.29 -32.36
C LYS D 335 -29.93 -28.10 -33.41
N LEU D 336 -29.59 -27.53 -34.58
CA LEU D 336 -30.57 -27.37 -35.64
C LEU D 336 -31.06 -28.71 -36.19
N GLY D 337 -30.32 -29.80 -35.93
CA GLY D 337 -30.74 -31.11 -36.39
C GLY D 337 -31.88 -31.73 -35.64
N SER D 338 -32.27 -31.14 -34.51
CA SER D 338 -33.41 -31.64 -33.74
C SER D 338 -34.75 -31.23 -34.33
N ILE D 339 -34.76 -30.29 -35.27
CA ILE D 339 -36.00 -29.86 -35.90
C ILE D 339 -36.46 -30.85 -36.96
N GLY D 340 -35.53 -31.52 -37.64
CA GLY D 340 -35.85 -32.50 -38.66
C GLY D 340 -35.70 -32.03 -40.09
N ASN D 341 -35.30 -30.78 -40.31
CA ASN D 341 -35.11 -30.30 -41.68
C ASN D 341 -33.67 -30.51 -42.12
N PRO D 342 -33.43 -31.29 -43.17
CA PRO D 342 -32.05 -31.52 -43.61
C PRO D 342 -31.42 -30.24 -44.13
N PRO D 343 -30.09 -30.13 -44.07
CA PRO D 343 -29.43 -28.95 -44.61
C PRO D 343 -29.61 -28.84 -46.12
N ALA D 344 -29.55 -27.61 -46.62
CA ALA D 344 -29.76 -27.35 -48.03
C ALA D 344 -28.67 -28.02 -48.87
N SER D 345 -28.99 -28.24 -50.15
CA SER D 345 -28.06 -28.92 -51.04
C SER D 345 -26.78 -28.11 -51.22
N LYS D 346 -26.90 -26.79 -51.36
CA LYS D 346 -25.71 -25.95 -51.49
C LYS D 346 -24.92 -25.89 -50.20
N THR D 347 -25.60 -25.96 -49.05
CA THR D 347 -24.90 -25.96 -47.77
C THR D 347 -24.02 -27.20 -47.63
N MET D 348 -24.53 -28.37 -48.02
CA MET D 348 -23.73 -29.59 -47.94
C MET D 348 -22.66 -29.63 -49.01
N LYS D 349 -22.92 -29.03 -50.18
CA LYS D 349 -21.92 -29.01 -51.25
C LYS D 349 -20.69 -28.21 -50.84
N TRP D 350 -20.90 -27.04 -50.22
CA TRP D 350 -19.77 -26.23 -49.77
C TRP D 350 -19.01 -26.91 -48.64
N THR D 351 -19.71 -27.69 -47.80
CA THR D 351 -19.08 -28.32 -46.65
C THR D 351 -18.05 -29.36 -47.09
N HIS D 352 -18.37 -30.13 -48.14
CA HIS D 352 -17.48 -31.23 -48.51
C HIS D 352 -16.19 -30.78 -49.17
N ARG D 353 -16.13 -29.54 -49.68
CA ARG D 353 -14.89 -29.11 -50.34
C ARG D 353 -13.95 -28.38 -49.39
N ILE D 354 -14.48 -27.69 -48.38
CA ILE D 354 -13.62 -27.04 -47.39
C ILE D 354 -12.93 -28.06 -46.50
N ALA D 355 -13.57 -29.21 -46.28
CA ALA D 355 -13.02 -30.21 -45.36
C ALA D 355 -11.63 -30.72 -45.76
N PRO D 356 -11.36 -31.08 -47.02
CA PRO D 356 -9.99 -31.52 -47.35
C PRO D 356 -8.92 -30.49 -47.05
N PHE D 357 -9.19 -29.20 -47.29
CA PHE D 357 -8.25 -28.16 -46.92
C PHE D 357 -8.19 -28.00 -45.41
N VAL D 358 -9.35 -28.08 -44.75
CA VAL D 358 -9.42 -28.02 -43.29
C VAL D 358 -8.72 -29.21 -42.63
N LEU D 359 -8.53 -30.31 -43.36
CA LEU D 359 -7.95 -31.54 -42.85
C LEU D 359 -8.84 -32.18 -41.77
N ILE D 360 -10.08 -32.44 -42.16
CA ILE D 360 -11.04 -33.17 -41.35
C ILE D 360 -11.57 -34.33 -42.17
N GLN D 361 -12.00 -35.39 -41.49
CA GLN D 361 -12.46 -36.61 -42.15
C GLN D 361 -13.84 -37.00 -41.65
N MET D 362 -14.61 -37.63 -42.54
CA MET D 362 -15.95 -38.07 -42.19
C MET D 362 -15.88 -39.26 -41.24
N PRO D 363 -16.72 -39.32 -40.22
CA PRO D 363 -16.73 -40.47 -39.31
C PRO D 363 -17.28 -41.71 -39.99
N LEU D 364 -16.95 -42.86 -39.41
CA LEU D 364 -17.37 -44.13 -39.98
C LEU D 364 -18.87 -44.30 -39.95
N VAL D 365 -19.53 -43.89 -38.85
CA VAL D 365 -20.97 -44.07 -38.73
C VAL D 365 -21.71 -43.21 -39.74
N MET D 366 -21.14 -42.06 -40.12
CA MET D 366 -21.75 -41.23 -41.15
C MET D 366 -21.66 -41.90 -42.52
N LYS D 367 -20.54 -42.56 -42.80
CA LYS D 367 -20.41 -43.29 -44.06
C LYS D 367 -21.39 -44.46 -44.12
N GLN D 368 -21.59 -45.15 -43.00
CA GLN D 368 -22.53 -46.27 -42.97
C GLN D 368 -23.96 -45.81 -43.20
N ALA D 369 -24.32 -44.64 -42.69
CA ALA D 369 -25.68 -44.13 -42.89
C ALA D 369 -25.94 -43.85 -44.36
N TYR D 370 -24.95 -43.30 -45.07
CA TYR D 370 -25.10 -43.05 -46.51
C TYR D 370 -25.26 -44.36 -47.28
N ALA D 371 -24.48 -45.39 -46.91
CA ALA D 371 -24.58 -46.66 -47.59
C ALA D 371 -25.94 -47.31 -47.37
N LYS D 372 -26.46 -47.25 -46.14
CA LYS D 372 -27.77 -47.83 -45.86
C LYS D 372 -28.87 -47.10 -46.64
N ARG D 373 -28.79 -45.78 -46.71
CA ARG D 373 -29.77 -45.02 -47.48
C ARG D 373 -29.65 -45.33 -48.97
N ALA D 374 -28.42 -45.53 -49.46
CA ALA D 374 -28.23 -45.84 -50.87
C ALA D 374 -28.88 -47.16 -51.25
N LYS D 375 -28.79 -48.16 -50.37
CA LYS D 375 -29.43 -49.44 -50.63
C LYS D 375 -30.94 -49.29 -50.75
N GLU D 376 -31.55 -48.50 -49.85
CA GLU D 376 -32.98 -48.24 -49.94
C GLU D 376 -33.32 -47.45 -51.18
N GLU D 377 -32.44 -46.54 -51.62
CA GLU D 377 -32.67 -45.80 -52.85
C GLU D 377 -32.71 -46.73 -54.05
N LYS D 378 -31.79 -47.70 -54.11
CA LYS D 378 -31.80 -48.67 -55.19
C LYS D 378 -32.96 -49.65 -55.06
N HIS D 379 -33.31 -50.02 -53.82
CA HIS D 379 -34.45 -50.92 -53.62
C HIS D 379 -35.76 -50.24 -54.02
N ARG D 380 -35.89 -48.94 -53.70
CA ARG D 380 -37.12 -48.22 -54.04
C ARG D 380 -37.32 -48.15 -55.55
N LYS D 381 -36.25 -47.88 -56.30
CA LYS D 381 -36.38 -47.77 -57.76
C LYS D 381 -36.61 -49.13 -58.40
N ARG D 382 -36.05 -50.19 -57.84
CA ARG D 382 -36.24 -51.52 -58.41
C ARG D 382 -37.69 -51.96 -58.30
N MET D 383 -38.33 -51.71 -57.16
CA MET D 383 -39.74 -52.05 -57.01
C MET D 383 -40.61 -51.17 -57.90
N SER D 384 -40.17 -49.95 -58.20
CA SER D 384 -40.93 -49.08 -59.09
C SER D 384 -40.99 -49.66 -60.50
N ARG D 385 -39.89 -50.22 -60.98
CA ARG D 385 -39.84 -50.82 -62.31
C ARG D 385 -40.44 -52.23 -62.30
N ASN D 550 -30.03 -40.94 -36.46
CA ASN D 550 -30.80 -40.19 -37.45
C ASN D 550 -29.87 -39.51 -38.45
N ILE D 551 -30.16 -39.68 -39.74
CA ILE D 551 -29.31 -39.11 -40.78
C ILE D 551 -29.36 -37.58 -40.74
N VAL D 552 -30.52 -37.00 -40.42
CA VAL D 552 -30.64 -35.55 -40.34
C VAL D 552 -29.74 -35.00 -39.24
N GLU D 553 -29.73 -35.65 -38.08
CA GLU D 553 -28.88 -35.21 -36.99
C GLU D 553 -27.41 -35.34 -37.35
N LEU D 554 -27.04 -36.41 -38.04
CA LEU D 554 -25.64 -36.62 -38.42
C LEU D 554 -25.15 -35.54 -39.39
N GLU D 555 -26.01 -35.15 -40.33
CA GLU D 555 -25.61 -34.14 -41.31
C GLU D 555 -25.32 -32.80 -40.66
N TRP D 556 -26.17 -32.37 -39.73
CA TRP D 556 -25.92 -31.12 -39.01
C TRP D 556 -24.75 -31.24 -38.04
N ASP D 557 -24.47 -32.45 -37.55
CA ASP D 557 -23.32 -32.64 -36.66
C ASP D 557 -22.01 -32.38 -37.39
N TRP D 558 -21.90 -32.82 -38.64
CA TRP D 558 -20.67 -32.63 -39.41
C TRP D 558 -20.50 -31.18 -39.86
N VAL D 559 -21.61 -30.47 -40.10
CA VAL D 559 -21.51 -29.06 -40.47
C VAL D 559 -20.88 -28.25 -39.34
N ALA D 560 -21.31 -28.52 -38.10
CA ALA D 560 -20.71 -27.83 -36.96
C ALA D 560 -19.26 -28.24 -36.76
N ALA D 561 -18.91 -29.49 -37.07
CA ALA D 561 -17.53 -29.94 -36.92
C ALA D 561 -16.60 -29.23 -37.89
N VAL D 562 -17.04 -29.05 -39.13
CA VAL D 562 -16.21 -28.34 -40.12
C VAL D 562 -16.12 -26.86 -39.76
N LEU D 563 -17.23 -26.28 -39.28
CA LEU D 563 -17.22 -24.87 -38.89
C LEU D 563 -16.31 -24.64 -37.69
N GLU D 564 -16.29 -25.59 -36.75
CA GLU D 564 -15.46 -25.43 -35.55
C GLU D 564 -13.98 -25.39 -35.89
N ARG D 565 -13.53 -26.25 -36.81
CA ARG D 565 -12.12 -26.26 -37.17
C ARG D 565 -11.73 -25.02 -37.95
N VAL D 566 -12.67 -24.43 -38.70
CA VAL D 566 -12.41 -23.17 -39.39
C VAL D 566 -12.15 -22.06 -38.38
N PHE D 567 -12.93 -22.02 -37.31
CA PHE D 567 -12.71 -21.02 -36.27
C PHE D 567 -11.35 -21.22 -35.60
N LEU D 568 -10.95 -22.47 -35.39
CA LEU D 568 -9.67 -22.74 -34.74
C LEU D 568 -8.50 -22.20 -35.55
N ILE D 569 -8.53 -22.41 -36.87
CA ILE D 569 -7.46 -21.90 -37.73
C ILE D 569 -7.48 -20.38 -37.76
N PHE D 570 -8.66 -19.78 -37.87
CA PHE D 570 -8.76 -18.33 -37.99
C PHE D 570 -8.27 -17.62 -36.73
N PHE D 571 -8.64 -18.13 -35.56
CA PHE D 571 -8.33 -17.45 -34.31
C PHE D 571 -6.87 -17.57 -33.89
N THR D 572 -6.15 -18.58 -34.38
CA THR D 572 -4.71 -18.65 -34.13
C THR D 572 -3.92 -17.69 -35.01
N ILE D 573 -4.39 -17.43 -36.23
CA ILE D 573 -3.73 -16.46 -37.08
C ILE D 573 -3.82 -15.06 -36.47
N CYS D 574 -5.00 -14.70 -35.96
CA CYS D 574 -5.16 -13.41 -35.29
C CYS D 574 -4.29 -13.33 -34.03
N PHE D 575 -4.22 -14.41 -33.26
CA PHE D 575 -3.41 -14.42 -32.06
C PHE D 575 -1.92 -14.27 -32.38
N LEU D 576 -1.45 -14.97 -33.42
CA LEU D 576 -0.04 -14.87 -33.80
C LEU D 576 0.30 -13.47 -34.29
N PHE D 577 -0.57 -12.88 -35.12
CA PHE D 577 -0.30 -11.55 -35.65
C PHE D 577 -0.28 -10.50 -34.55
N SER D 578 -1.23 -10.57 -33.62
CA SER D 578 -1.32 -9.55 -32.58
C SER D 578 -0.17 -9.66 -31.59
N ALA D 579 0.10 -10.87 -31.10
CA ALA D 579 1.12 -11.04 -30.07
C ALA D 579 2.52 -10.79 -30.63
N ILE D 580 2.84 -11.42 -31.76
CA ILE D 580 4.18 -11.28 -32.33
C ILE D 580 4.37 -9.87 -32.91
N GLY D 581 3.36 -9.38 -33.63
CA GLY D 581 3.52 -8.11 -34.34
C GLY D 581 3.75 -6.92 -33.41
N ILE D 582 2.98 -6.86 -32.32
CA ILE D 582 3.11 -5.73 -31.40
C ILE D 582 4.45 -5.77 -30.67
N ASN D 583 4.81 -6.95 -30.16
CA ASN D 583 6.05 -7.06 -29.40
C ASN D 583 7.28 -6.87 -30.29
N LEU D 584 7.25 -7.42 -31.50
CA LEU D 584 8.38 -7.25 -32.41
C LEU D 584 8.54 -5.78 -32.83
N TYR D 585 7.42 -5.10 -33.06
CA TYR D 585 7.48 -3.68 -33.42
C TYR D 585 8.06 -2.86 -32.27
N GLY D 586 7.69 -3.18 -31.03
CA GLY D 586 8.25 -2.47 -29.89
C GLY D 586 9.75 -2.73 -29.72
N TRP D 587 10.18 -3.97 -29.95
CA TRP D 587 11.60 -4.29 -29.84
C TRP D 587 12.41 -3.56 -30.90
N TYR D 588 11.87 -3.46 -32.12
CA TYR D 588 12.59 -2.77 -33.20
C TYR D 588 12.81 -1.31 -32.86
N ILE D 589 11.80 -0.65 -32.29
CA ILE D 589 11.97 0.74 -31.86
C ILE D 589 13.01 0.82 -30.74
N TRP D 590 12.95 -0.11 -29.78
CA TRP D 590 13.91 -0.10 -28.69
C TRP D 590 15.33 -0.34 -29.18
N TYR D 591 15.50 -1.22 -30.17
CA TYR D 591 16.83 -1.56 -30.65
C TYR D 591 17.47 -0.39 -31.39
N THR D 592 16.71 0.27 -32.27
CA THR D 592 17.28 1.34 -33.07
C THR D 592 17.74 2.53 -32.23
N GLU D 593 16.93 2.94 -31.25
CA GLU D 593 17.32 4.07 -30.40
C GLU D 593 18.51 3.71 -29.52
N ASN D 594 18.62 2.45 -29.11
CA ASN D 594 19.75 2.03 -28.29
C ASN D 594 21.07 2.13 -29.04
N HIS D 595 21.09 1.73 -30.31
CA HIS D 595 22.34 1.66 -31.06
C HIS D 595 22.63 2.89 -31.88
N PHE D 596 21.63 3.76 -32.12
CA PHE D 596 21.83 4.98 -32.90
C PHE D 596 22.07 6.21 -32.03
N LEU D 597 22.20 6.02 -30.73
CA LEU D 597 22.46 7.13 -29.82
C LEU D 597 23.70 6.86 -28.97
N PRO E 22 8.85 63.81 10.84
CA PRO E 22 8.42 64.52 9.64
C PRO E 22 8.62 63.69 8.37
N ASP E 23 9.85 63.25 8.12
CA ASP E 23 10.18 62.44 6.96
C ASP E 23 10.30 60.96 7.31
N ILE E 24 9.86 60.57 8.51
CA ILE E 24 9.88 59.17 8.93
C ILE E 24 8.48 58.79 9.41
N PRO E 25 8.09 57.52 9.31
CA PRO E 25 6.76 57.13 9.78
C PRO E 25 6.59 57.36 11.27
N ILE E 26 5.35 57.71 11.65
CA ILE E 26 5.02 57.87 13.07
C ILE E 26 5.12 56.55 13.80
N GLN E 27 4.93 55.43 13.09
CA GLN E 27 5.06 54.12 13.71
C GLN E 27 6.46 53.89 14.26
N TYR E 28 7.48 54.44 13.59
CA TYR E 28 8.85 54.32 14.10
C TYR E 28 8.97 54.90 15.51
N GLU E 29 8.52 56.15 15.68
CA GLU E 29 8.60 56.81 16.97
C GLU E 29 7.72 56.12 18.01
N LEU E 30 6.52 55.70 17.61
CA LEU E 30 5.63 55.03 18.56
C LEU E 30 6.22 53.73 19.07
N ALA E 31 6.78 52.92 18.15
CA ALA E 31 7.41 51.67 18.54
C ALA E 31 8.63 51.91 19.40
N ASN E 32 9.44 52.91 19.06
CA ASN E 32 10.62 53.22 19.86
C ASN E 32 10.22 53.67 21.27
N ASN E 33 9.11 54.40 21.38
CA ASN E 33 8.66 54.86 22.69
C ASN E 33 8.12 53.70 23.53
N ILE E 34 7.30 52.84 22.93
CA ILE E 34 6.65 51.80 23.72
C ILE E 34 7.57 50.59 23.94
N MET E 35 8.64 50.46 23.17
CA MET E 35 9.54 49.33 23.27
C MET E 35 10.79 49.62 24.10
N GLU E 36 10.81 50.73 24.83
CA GLU E 36 12.04 51.17 25.50
C GLU E 36 12.38 50.28 26.69
N ASN E 37 11.49 50.21 27.68
CA ASN E 37 11.75 49.49 28.92
C ASN E 37 11.10 48.11 28.94
N TYR E 38 10.63 47.62 27.80
CA TYR E 38 9.93 46.34 27.75
C TYR E 38 10.92 45.17 27.80
N GLN E 39 10.55 44.14 28.54
CA GLN E 39 11.27 42.86 28.55
C GLN E 39 10.27 41.76 28.23
N LYS E 40 10.39 41.18 27.04
CA LYS E 40 9.43 40.20 26.57
C LYS E 40 9.59 38.83 27.21
N GLY E 41 10.68 38.58 27.93
CA GLY E 41 10.91 37.29 28.55
C GLY E 41 10.18 37.05 29.84
N LEU E 42 9.53 38.08 30.40
CA LEU E 42 8.83 37.96 31.67
C LEU E 42 7.40 38.48 31.53
N ILE E 43 6.53 37.96 32.39
CA ILE E 43 5.10 38.32 32.32
C ILE E 43 4.94 39.79 32.70
N PRO E 44 4.19 40.58 31.93
CA PRO E 44 4.00 42.01 32.24
C PRO E 44 2.85 42.24 33.22
N LYS E 45 3.06 41.83 34.47
CA LYS E 45 2.07 41.97 35.54
C LYS E 45 2.53 43.10 36.45
N VAL E 46 1.89 44.27 36.32
CA VAL E 46 2.22 45.40 37.17
C VAL E 46 1.32 45.46 38.41
N ARG E 47 0.03 45.16 38.26
CA ARG E 47 -0.90 45.18 39.37
C ARG E 47 -0.83 43.85 40.12
N LYS E 48 -0.68 43.93 41.44
CA LYS E 48 -0.51 42.73 42.25
C LYS E 48 -1.83 41.99 42.46
N GLY E 49 -2.92 42.73 42.55
CA GLY E 49 -4.18 42.13 42.99
C GLY E 49 -4.75 41.10 42.03
N SER E 50 -4.75 41.41 40.73
CA SER E 50 -5.49 40.58 39.80
C SER E 50 -4.57 39.90 38.80
N PRO E 51 -4.94 38.70 38.32
CA PRO E 51 -4.17 38.05 37.26
C PRO E 51 -4.49 38.61 35.88
N ILE E 52 -3.93 37.99 34.85
CA ILE E 52 -4.15 38.41 33.46
C ILE E 52 -5.20 37.47 32.86
N ASN E 53 -6.28 38.05 32.34
CA ASN E 53 -7.37 37.28 31.76
C ASN E 53 -7.16 37.12 30.26
N VAL E 54 -7.26 35.89 29.77
CA VAL E 54 -7.10 35.57 28.36
C VAL E 54 -8.39 34.96 27.86
N THR E 55 -8.91 35.48 26.75
CA THR E 55 -10.13 34.98 26.13
C THR E 55 -9.78 34.27 24.84
N LEU E 56 -10.33 33.07 24.65
CA LEU E 56 -10.01 32.23 23.51
C LEU E 56 -11.29 31.82 22.78
N SER E 57 -11.24 31.88 21.45
CA SER E 57 -12.33 31.45 20.60
C SER E 57 -11.77 30.63 19.45
N LEU E 58 -12.53 29.64 19.00
CA LEU E 58 -12.10 28.72 17.96
C LEU E 58 -13.14 28.65 16.85
N GLN E 59 -12.68 28.57 15.61
CA GLN E 59 -13.54 28.35 14.45
C GLN E 59 -13.02 27.13 13.70
N LEU E 60 -13.92 26.20 13.38
CA LEU E 60 -13.56 24.98 12.69
C LEU E 60 -13.78 25.14 11.19
N TYR E 61 -12.80 24.72 10.40
CA TYR E 61 -12.83 24.86 8.95
C TYR E 61 -12.84 23.53 8.21
N GLN E 62 -12.14 22.52 8.72
CA GLN E 62 -12.03 21.25 8.00
C GLN E 62 -11.72 20.12 8.99
N ILE E 63 -12.19 18.93 8.64
CA ILE E 63 -11.79 17.69 9.32
C ILE E 63 -10.92 16.93 8.32
N ILE E 64 -9.60 16.94 8.56
CA ILE E 64 -8.69 16.41 7.55
C ILE E 64 -8.66 14.88 7.58
N GLN E 65 -8.51 14.28 8.75
CA GLN E 65 -8.36 12.85 8.82
C GLN E 65 -8.80 12.34 10.19
N VAL E 66 -9.40 11.16 10.19
CA VAL E 66 -9.71 10.42 11.42
C VAL E 66 -8.96 9.11 11.36
N ASN E 67 -8.08 8.88 12.33
CA ASN E 67 -7.22 7.71 12.35
C ASN E 67 -7.62 6.82 13.52
N GLU E 68 -8.21 5.67 13.21
CA GLU E 68 -8.65 4.72 14.22
C GLU E 68 -7.50 3.86 14.76
N PRO E 69 -6.65 3.27 13.91
CA PRO E 69 -5.56 2.44 14.47
C PRO E 69 -4.63 3.19 15.40
N GLN E 70 -4.32 4.45 15.11
CA GLN E 70 -3.45 5.26 15.95
C GLN E 70 -4.20 6.17 16.91
N GLN E 71 -5.53 6.22 16.80
CA GLN E 71 -6.38 6.95 17.75
C GLN E 71 -6.01 8.42 17.85
N TYR E 72 -6.16 9.12 16.72
CA TYR E 72 -5.96 10.56 16.72
C TYR E 72 -6.86 11.19 15.65
N LEU E 73 -7.11 12.49 15.81
CA LEU E 73 -7.95 13.26 14.91
C LEU E 73 -7.20 14.50 14.45
N LEU E 74 -7.34 14.82 13.17
CA LEU E 74 -6.65 15.95 12.56
C LEU E 74 -7.68 17.00 12.17
N LEU E 75 -7.47 18.24 12.63
CA LEU E 75 -8.39 19.33 12.39
C LEU E 75 -7.63 20.56 11.89
N ASN E 76 -8.36 21.41 11.16
CA ASN E 76 -7.85 22.70 10.72
C ASN E 76 -8.77 23.77 11.28
N ALA E 77 -8.20 24.71 12.04
CA ALA E 77 -9.00 25.67 12.78
C ALA E 77 -8.25 26.99 12.89
N TRP E 78 -9.00 28.04 13.22
CA TRP E 78 -8.48 29.38 13.46
C TRP E 78 -8.69 29.73 14.93
N ALA E 79 -7.66 30.30 15.55
CA ALA E 79 -7.69 30.63 16.98
C ALA E 79 -7.44 32.11 17.17
N VAL E 80 -8.21 32.71 18.08
CA VAL E 80 -8.06 34.13 18.44
C VAL E 80 -7.91 34.22 19.95
N GLU E 81 -6.89 34.97 20.39
CA GLU E 81 -6.64 35.20 21.81
C GLU E 81 -6.56 36.70 22.07
N ARG E 82 -7.16 37.13 23.18
CA ARG E 82 -7.18 38.54 23.55
C ARG E 82 -6.81 38.69 25.01
N TRP E 83 -5.94 39.66 25.30
CA TRP E 83 -5.56 39.98 26.67
C TRP E 83 -5.06 41.41 26.69
N VAL E 84 -4.80 41.90 27.91
CA VAL E 84 -4.37 43.28 28.12
C VAL E 84 -2.95 43.26 28.66
N ASP E 85 -2.04 43.95 27.96
CA ASP E 85 -0.66 44.10 28.39
C ASP E 85 -0.54 45.42 29.14
N GLN E 86 -0.14 45.35 30.41
CA GLN E 86 -0.12 46.51 31.29
C GLN E 86 1.14 47.36 31.14
N MET E 87 2.01 47.06 30.18
CA MET E 87 3.26 47.79 30.01
C MET E 87 3.41 48.43 28.64
N LEU E 88 2.36 48.47 27.82
CA LEU E 88 2.44 48.96 26.46
C LEU E 88 1.40 50.04 26.18
N GLY E 89 1.20 50.95 27.13
CA GLY E 89 0.26 52.03 26.94
C GLY E 89 0.92 53.33 26.49
N TRP E 90 0.17 54.13 25.73
CA TRP E 90 0.67 55.40 25.23
C TRP E 90 -0.49 56.35 25.07
N ASP E 91 -0.18 57.65 25.04
CA ASP E 91 -1.17 58.69 24.85
C ASP E 91 -1.33 58.98 23.36
N PRO E 92 -2.52 58.81 22.79
CA PRO E 92 -2.68 59.06 21.34
C PRO E 92 -2.36 60.47 20.91
N SER E 93 -2.67 61.48 21.73
CA SER E 93 -2.45 62.87 21.33
C SER E 93 -0.98 63.19 21.12
N GLU E 94 -0.09 62.48 21.80
CA GLU E 94 1.35 62.72 21.64
C GLU E 94 1.88 62.18 20.33
N PHE E 95 1.15 61.27 19.67
CA PHE E 95 1.67 60.60 18.49
C PHE E 95 0.72 60.76 17.30
N ASP E 96 0.29 61.98 17.04
CA ASP E 96 -0.54 62.31 15.88
C ASP E 96 -1.88 61.57 15.91
N ASN E 97 -2.44 61.44 17.10
CA ASN E 97 -3.74 60.80 17.30
C ASN E 97 -3.78 59.39 16.72
N GLU E 98 -2.74 58.61 17.02
CA GLU E 98 -2.67 57.21 16.61
C GLU E 98 -3.13 56.33 17.76
N THR E 99 -4.06 55.42 17.47
CA THR E 99 -4.61 54.54 18.49
C THR E 99 -4.40 53.06 18.18
N GLU E 100 -3.62 52.74 17.16
CA GLU E 100 -3.39 51.35 16.79
C GLU E 100 -1.98 51.22 16.21
N ILE E 101 -1.45 50.00 16.27
CA ILE E 101 -0.14 49.68 15.72
C ILE E 101 -0.04 48.17 15.56
N MET E 102 0.86 47.75 14.67
CA MET E 102 1.09 46.33 14.39
C MET E 102 2.54 46.00 14.71
N ALA E 103 2.74 44.91 15.45
CA ALA E 103 4.08 44.48 15.85
C ALA E 103 4.23 42.98 15.64
N ARG E 104 5.47 42.55 15.42
CA ARG E 104 5.76 41.14 15.26
C ARG E 104 5.56 40.39 16.57
N HIS E 105 5.15 39.13 16.45
CA HIS E 105 4.88 38.32 17.64
C HIS E 105 6.14 38.05 18.47
N ASP E 106 7.32 38.16 17.87
CA ASP E 106 8.56 37.95 18.61
C ASP E 106 8.91 39.12 19.51
N ASP E 107 8.33 40.29 19.27
CA ASP E 107 8.70 41.49 20.03
C ASP E 107 8.09 41.52 21.42
N ILE E 108 6.89 40.96 21.60
CA ILE E 108 6.12 41.12 22.83
C ILE E 108 5.92 39.76 23.48
N TRP E 109 5.47 39.79 24.73
CA TRP E 109 5.19 38.58 25.50
C TRP E 109 3.84 37.99 25.10
N LEU E 110 3.79 36.67 25.01
CA LEU E 110 2.58 35.96 24.66
C LEU E 110 2.29 34.86 25.66
N PRO E 111 1.03 34.64 26.02
CA PRO E 111 0.69 33.52 26.91
C PRO E 111 0.94 32.18 26.24
N ASP E 112 1.25 31.18 27.07
CA ASP E 112 1.57 29.83 26.58
C ASP E 112 0.31 28.98 26.59
N THR E 113 -0.55 29.22 25.61
CA THR E 113 -1.75 28.42 25.42
C THR E 113 -1.35 27.08 24.79
N THR E 114 -1.69 25.98 25.46
CA THR E 114 -1.24 24.66 25.05
C THR E 114 -2.41 23.69 24.98
N LEU E 115 -2.41 22.85 23.96
CA LEU E 115 -3.35 21.74 23.85
C LEU E 115 -2.76 20.55 24.60
N TYR E 116 -3.41 20.17 25.70
CA TYR E 116 -2.82 19.17 26.59
C TYR E 116 -2.72 17.81 25.92
N ASN E 117 -3.77 17.38 25.24
CA ASN E 117 -3.79 16.08 24.56
C ASN E 117 -3.41 16.24 23.08
N SER E 118 -2.16 16.65 22.87
CA SER E 118 -1.62 16.85 21.53
C SER E 118 -0.55 15.81 21.23
N LEU E 119 -0.54 15.34 19.98
CA LEU E 119 0.42 14.34 19.53
C LEU E 119 1.52 14.94 18.67
N GLU E 120 1.63 16.26 18.63
CA GLU E 120 2.64 16.96 17.83
C GLU E 120 3.55 17.74 18.77
N MET E 121 4.86 17.53 18.63
CA MET E 121 5.84 18.16 19.51
C MET E 121 6.47 19.41 18.91
N ASP E 122 6.39 19.61 17.59
CA ASP E 122 6.97 20.77 16.93
C ASP E 122 5.87 21.75 16.59
N ASP E 123 6.02 23.00 17.07
CA ASP E 123 5.02 24.03 16.86
C ASP E 123 5.16 24.74 15.51
N SER E 124 6.24 24.50 14.78
CA SER E 124 6.42 25.12 13.47
C SER E 124 5.61 24.44 12.38
N ALA E 125 5.14 23.21 12.62
CA ALA E 125 4.34 22.47 11.66
C ALA E 125 2.86 22.43 12.02
N SER E 126 2.44 23.12 13.09
CA SER E 126 1.05 23.13 13.51
C SER E 126 0.56 24.52 13.88
N LYS E 127 1.35 25.56 13.62
CA LYS E 127 0.96 26.92 13.98
C LYS E 127 1.73 27.89 13.10
N LYS E 128 1.18 29.10 12.96
CA LYS E 128 1.80 30.14 12.13
C LYS E 128 1.45 31.50 12.73
N LEU E 129 2.39 32.11 13.44
CA LEU E 129 2.22 33.41 14.04
C LEU E 129 3.01 34.45 13.27
N THR E 130 2.33 35.53 12.88
CA THR E 130 2.98 36.57 12.08
C THR E 130 3.01 37.91 12.79
N HIS E 131 1.86 38.40 13.25
CA HIS E 131 1.76 39.74 13.80
C HIS E 131 0.70 39.77 14.90
N VAL E 132 0.78 40.84 15.72
CA VAL E 132 -0.20 41.12 16.75
C VAL E 132 -0.65 42.57 16.60
N LYS E 133 -1.84 42.87 17.10
CA LYS E 133 -2.41 44.21 17.03
C LYS E 133 -2.55 44.78 18.44
N LEU E 134 -2.08 45.99 18.64
CA LEU E 134 -2.13 46.67 19.93
C LEU E 134 -3.03 47.90 19.83
N THR E 135 -4.01 47.98 20.73
CA THR E 135 -4.89 49.13 20.84
C THR E 135 -4.72 49.74 22.22
N THR E 136 -4.33 51.01 22.27
CA THR E 136 -4.00 51.64 23.54
C THR E 136 -5.26 51.87 24.38
N LEU E 137 -5.07 51.81 25.70
CA LEU E 137 -6.13 52.11 26.66
C LEU E 137 -5.78 53.31 27.54
N GLY E 138 -4.67 53.99 27.28
CA GLY E 138 -4.21 55.06 28.12
C GLY E 138 -2.73 54.95 28.39
N LYS E 139 -2.11 56.04 28.88
CA LYS E 139 -0.67 56.02 29.13
C LYS E 139 -0.30 55.03 30.22
N ASN E 140 -1.09 54.98 31.30
CA ASN E 140 -0.81 54.12 32.43
C ASN E 140 -1.82 52.98 32.56
N GLN E 141 -2.59 52.70 31.51
CA GLN E 141 -3.58 51.64 31.53
C GLN E 141 -3.23 50.45 30.66
N GLY E 142 -2.17 50.54 29.87
CA GLY E 142 -1.79 49.44 29.01
C GLY E 142 -2.51 49.45 27.67
N ALA E 143 -2.37 48.34 26.95
CA ALA E 143 -2.96 48.19 25.64
C ALA E 143 -3.61 46.82 25.51
N MET E 144 -4.61 46.73 24.63
CA MET E 144 -5.29 45.48 24.34
C MET E 144 -4.57 44.76 23.21
N VAL E 145 -4.23 43.49 23.42
CA VAL E 145 -3.48 42.70 22.46
C VAL E 145 -4.39 41.62 21.90
N GLU E 146 -4.42 41.51 20.56
CA GLU E 146 -5.21 40.51 19.88
C GLU E 146 -4.29 39.71 18.96
N LEU E 147 -4.42 38.39 19.02
CA LEU E 147 -3.57 37.49 18.24
C LEU E 147 -4.45 36.46 17.53
N LEU E 148 -4.41 36.46 16.21
CA LEU E 148 -5.16 35.52 15.38
C LEU E 148 -4.19 34.76 14.49
N TYR E 149 -4.36 33.44 14.41
CA TYR E 149 -3.45 32.60 13.66
C TYR E 149 -4.16 31.32 13.26
N PRO E 150 -3.83 30.74 12.11
CA PRO E 150 -4.34 29.41 11.76
C PRO E 150 -3.49 28.31 12.38
N THR E 151 -4.11 27.16 12.57
CA THR E 151 -3.43 26.05 13.22
C THR E 151 -4.00 24.72 12.72
N ILE E 152 -3.21 23.67 12.88
CA ILE E 152 -3.61 22.30 12.59
C ILE E 152 -3.39 21.48 13.85
N TYR E 153 -4.47 20.88 14.36
CA TYR E 153 -4.43 20.18 15.63
C TYR E 153 -4.41 18.67 15.40
N LYS E 154 -3.51 17.98 16.11
CA LYS E 154 -3.45 16.52 16.12
C LYS E 154 -3.91 16.07 17.51
N ILE E 155 -5.18 15.72 17.62
CA ILE E 155 -5.83 15.46 18.90
C ILE E 155 -6.00 13.96 19.07
N SER E 156 -5.51 13.43 20.19
CA SER E 156 -5.65 12.01 20.51
C SER E 156 -6.90 11.80 21.34
N CYS E 157 -7.86 11.05 20.79
CA CYS E 157 -9.11 10.76 21.47
C CYS E 157 -9.43 9.28 21.33
N LEU E 158 -10.07 8.73 22.36
CA LEU E 158 -10.46 7.32 22.36
C LEU E 158 -11.68 7.12 21.47
N LEU E 159 -11.61 6.12 20.59
CA LEU E 159 -12.67 5.84 19.64
C LEU E 159 -13.30 4.49 19.95
N ASN E 160 -14.63 4.45 19.97
CA ASN E 160 -15.38 3.24 20.22
C ASN E 160 -15.99 2.78 18.89
N LEU E 161 -15.55 1.62 18.41
CA LEU E 161 -15.99 1.07 17.13
C LEU E 161 -16.95 -0.10 17.30
N LYS E 162 -17.75 -0.08 18.36
CA LYS E 162 -18.69 -1.16 18.63
C LYS E 162 -19.87 -1.17 17.65
N TYR E 163 -20.33 0.00 17.22
CA TYR E 163 -21.48 0.11 16.34
C TYR E 163 -21.09 0.46 14.90
N PHE E 164 -19.88 0.13 14.48
CA PHE E 164 -19.45 0.42 13.14
C PHE E 164 -20.32 -0.33 12.13
N PRO E 165 -20.71 0.32 11.01
CA PRO E 165 -20.40 1.69 10.60
C PRO E 165 -21.44 2.72 11.04
N PHE E 166 -22.27 2.42 12.03
CA PHE E 166 -23.28 3.34 12.52
C PHE E 166 -22.83 4.02 13.82
N ASP E 167 -21.53 4.27 13.96
CA ASP E 167 -20.97 4.76 15.21
C ASP E 167 -20.87 6.29 15.21
N THR E 168 -20.95 6.86 16.40
CA THR E 168 -20.71 8.28 16.62
C THR E 168 -19.61 8.44 17.65
N GLN E 169 -18.73 9.42 17.45
CA GLN E 169 -17.55 9.61 18.29
C GLN E 169 -17.57 11.00 18.91
N THR E 170 -16.89 11.12 20.05
CA THR E 170 -16.77 12.38 20.76
C THR E 170 -15.34 12.52 21.27
N CYS E 171 -14.62 13.51 20.74
CA CYS E 171 -13.24 13.78 21.13
C CYS E 171 -13.16 15.13 21.82
N ARG E 172 -12.36 15.19 22.88
CA ARG E 172 -12.24 16.39 23.71
C ARG E 172 -10.94 17.12 23.42
N MET E 173 -11.01 18.45 23.43
CA MET E 173 -9.86 19.32 23.33
C MET E 173 -9.69 20.09 24.63
N THR E 174 -8.52 19.99 25.24
CA THR E 174 -8.23 20.64 26.52
C THR E 174 -7.19 21.73 26.30
N PHE E 175 -7.51 22.93 26.77
CA PHE E 175 -6.63 24.09 26.63
C PHE E 175 -6.35 24.69 28.00
N GLY E 176 -5.16 25.29 28.13
CA GLY E 176 -4.79 25.90 29.39
C GLY E 176 -3.34 26.35 29.35
N SER E 177 -2.86 26.75 30.52
CA SER E 177 -1.47 27.20 30.69
C SER E 177 -0.62 26.05 31.20
N TRP E 178 0.54 25.86 30.58
CA TRP E 178 1.38 24.72 30.93
C TRP E 178 2.11 24.93 32.25
N SER E 179 2.48 26.17 32.58
CA SER E 179 3.31 26.43 33.74
C SER E 179 2.76 27.47 34.71
N PHE E 180 1.74 28.24 34.32
CA PHE E 180 1.23 29.33 35.14
C PHE E 180 -0.09 28.94 35.79
N ASP E 181 -0.20 29.18 37.09
CA ASP E 181 -1.44 28.97 37.81
C ASP E 181 -2.41 30.13 37.56
N ASN E 182 -3.66 29.94 37.97
CA ASN E 182 -4.70 30.93 37.70
C ASN E 182 -4.54 32.23 38.47
N SER E 183 -3.64 32.27 39.46
CA SER E 183 -3.33 33.53 40.13
C SER E 183 -2.48 34.45 39.27
N LEU E 184 -1.94 33.95 38.17
CA LEU E 184 -1.17 34.74 37.22
C LEU E 184 -1.86 34.89 35.88
N ILE E 185 -2.33 33.78 35.30
CA ILE E 185 -3.02 33.79 34.01
C ILE E 185 -4.34 33.04 34.17
N ASP E 186 -5.44 33.67 33.76
CA ASP E 186 -6.76 33.06 33.80
C ASP E 186 -7.32 32.98 32.39
N TYR E 187 -8.12 31.94 32.14
CA TYR E 187 -8.67 31.67 30.83
C TYR E 187 -10.19 31.67 30.87
N PHE E 188 -10.81 32.28 29.87
CA PHE E 188 -12.24 32.31 29.70
C PHE E 188 -12.60 32.01 28.26
N PRO E 189 -13.72 31.31 28.03
CA PRO E 189 -14.12 30.99 26.67
C PRO E 189 -14.96 32.10 26.03
N ARG E 190 -14.89 32.14 24.70
CA ARG E 190 -15.70 33.06 23.91
C ARG E 190 -16.48 32.24 22.89
N THR E 191 -17.81 32.37 22.91
CA THR E 191 -18.70 31.56 22.10
C THR E 191 -19.30 32.39 20.96
N PHE E 192 -19.79 31.67 19.95
CA PHE E 192 -20.42 32.29 18.80
C PHE E 192 -21.93 32.15 18.89
N THR E 193 -22.62 32.65 17.86
CA THR E 193 -24.08 32.64 17.87
C THR E 193 -24.65 31.22 17.84
N ASN E 194 -24.11 30.37 16.96
CA ASN E 194 -24.63 29.03 16.80
C ASN E 194 -24.08 28.04 17.82
N GLY E 195 -23.02 28.41 18.55
CA GLY E 195 -22.45 27.53 19.54
C GLY E 195 -21.07 27.98 19.98
N PRO E 196 -20.46 27.19 20.89
CA PRO E 196 -19.10 27.55 21.35
C PRO E 196 -18.07 27.58 20.24
N ILE E 197 -18.19 26.73 19.23
CA ILE E 197 -17.24 26.64 18.13
C ILE E 197 -17.93 27.08 16.85
N GLY E 198 -17.33 28.04 16.16
CA GLY E 198 -17.91 28.54 14.92
C GLY E 198 -17.88 27.48 13.84
N LEU E 199 -19.02 27.31 13.15
CA LEU E 199 -19.14 26.34 12.07
C LEU E 199 -19.73 26.97 10.80
N ALA E 200 -19.68 28.30 10.69
CA ALA E 200 -20.27 28.98 9.53
C ALA E 200 -19.45 28.81 8.27
N ASN E 201 -18.16 28.50 8.39
CA ASN E 201 -17.28 28.32 7.24
C ASN E 201 -16.71 26.91 7.19
N PHE E 202 -17.39 25.96 7.82
CA PHE E 202 -16.92 24.58 7.84
C PHE E 202 -17.04 23.95 6.46
N LEU E 203 -16.05 23.14 6.09
CA LEU E 203 -16.04 22.42 4.84
C LEU E 203 -16.59 21.02 5.08
N GLU E 204 -17.64 20.67 4.34
CA GLU E 204 -18.31 19.40 4.55
C GLU E 204 -17.38 18.23 4.27
N ASN E 205 -17.42 17.23 5.14
CA ASN E 205 -16.65 16.01 4.98
C ASN E 205 -17.49 14.94 4.30
N ASP E 206 -16.83 14.09 3.53
CA ASP E 206 -17.49 13.03 2.78
C ASP E 206 -17.74 11.78 3.60
N ALA E 207 -17.25 11.73 4.84
CA ALA E 207 -17.41 10.56 5.69
C ALA E 207 -17.93 10.86 7.09
N TRP E 208 -17.86 12.11 7.54
CA TRP E 208 -18.27 12.47 8.90
C TRP E 208 -19.17 13.70 8.86
N SER E 209 -20.08 13.78 9.82
CA SER E 209 -20.97 14.91 9.98
C SER E 209 -20.92 15.39 11.43
N VAL E 210 -20.92 16.71 11.60
CA VAL E 210 -20.83 17.32 12.94
C VAL E 210 -22.23 17.56 13.46
N LEU E 211 -22.50 17.08 14.67
CA LEU E 211 -23.81 17.19 15.30
C LEU E 211 -23.93 18.36 16.26
N GLY E 212 -22.88 18.65 17.02
CA GLY E 212 -22.94 19.75 17.97
C GLY E 212 -21.61 19.93 18.66
N THR E 213 -21.54 20.98 19.48
CA THR E 213 -20.34 21.33 20.22
C THR E 213 -20.70 21.78 21.62
N LYS E 214 -19.77 21.60 22.54
CA LYS E 214 -19.95 22.02 23.93
C LYS E 214 -18.64 22.61 24.44
N VAL E 215 -18.76 23.42 25.50
CA VAL E 215 -17.60 24.04 26.15
C VAL E 215 -17.83 24.00 27.66
N ASN E 216 -16.74 23.84 28.40
CA ASN E 216 -16.81 23.77 29.86
C ASN E 216 -15.52 24.32 30.44
N ARG E 217 -15.64 25.18 31.45
CA ARG E 217 -14.50 25.76 32.14
C ARG E 217 -14.38 25.14 33.52
N GLU E 218 -13.18 24.65 33.84
CA GLU E 218 -12.94 23.94 35.08
C GLU E 218 -11.68 24.47 35.76
N GLU E 219 -11.72 24.52 37.09
CA GLU E 219 -10.56 24.86 37.90
C GLU E 219 -10.06 23.60 38.59
N LYS E 220 -8.78 23.32 38.43
CA LYS E 220 -8.17 22.09 38.93
C LYS E 220 -7.10 22.41 39.94
N LYS E 221 -6.96 21.54 40.95
CA LYS E 221 -6.01 21.74 42.03
C LYS E 221 -4.73 20.97 41.79
N TYR E 222 -3.60 21.62 42.05
CA TYR E 222 -2.32 20.93 42.04
C TYR E 222 -2.28 19.90 43.17
N THR E 223 -1.55 18.81 42.93
CA THR E 223 -1.51 17.70 43.88
C THR E 223 -0.25 17.78 44.72
N CYS E 224 0.37 18.97 44.70
CA CYS E 224 1.56 19.22 45.50
C CYS E 224 1.50 20.57 46.18
N CYS E 225 0.62 21.44 45.74
CA CYS E 225 0.54 22.83 46.20
C CYS E 225 -0.91 23.25 46.37
N PRO E 226 -1.16 24.25 47.23
CA PRO E 226 -2.53 24.75 47.40
C PRO E 226 -2.86 25.87 46.43
N VAL E 227 -2.69 25.62 45.13
CA VAL E 227 -3.01 26.59 44.09
C VAL E 227 -3.80 25.89 43.00
N ASN E 228 -4.55 26.68 42.23
CA ASN E 228 -5.43 26.18 41.19
C ASN E 228 -4.91 26.59 39.82
N TYR E 229 -5.44 25.92 38.79
CA TYR E 229 -5.20 26.31 37.41
C TYR E 229 -6.47 26.05 36.60
N THR E 230 -6.65 26.81 35.54
CA THR E 230 -7.87 26.80 34.75
C THR E 230 -7.69 25.98 33.49
N LEU E 231 -8.69 25.18 33.15
CA LEU E 231 -8.68 24.36 31.94
C LEU E 231 -9.98 24.59 31.18
N LEU E 232 -9.87 24.62 29.85
CA LEU E 232 -11.03 24.77 28.97
C LEU E 232 -11.21 23.48 28.18
N HIS E 233 -12.42 22.92 28.23
CA HIS E 233 -12.75 21.67 27.56
C HIS E 233 -13.70 21.94 26.41
N TYR E 234 -13.33 21.49 25.22
CA TYR E 234 -14.16 21.61 24.03
C TYR E 234 -14.56 20.23 23.55
N ASP E 235 -15.86 20.03 23.36
CA ASP E 235 -16.42 18.75 22.94
C ASP E 235 -16.96 18.85 21.52
N VAL E 236 -16.57 17.91 20.66
CA VAL E 236 -17.06 17.83 19.30
C VAL E 236 -17.67 16.44 19.10
N VAL E 237 -18.88 16.40 18.56
CA VAL E 237 -19.60 15.16 18.32
C VAL E 237 -19.69 14.98 16.80
N ILE E 238 -19.20 13.84 16.31
CA ILE E 238 -19.20 13.53 14.89
C ILE E 238 -19.83 12.16 14.69
N GLN E 239 -20.58 12.02 13.60
CA GLN E 239 -21.26 10.77 13.26
C GLN E 239 -20.81 10.31 11.88
N ARG E 240 -20.62 9.00 11.74
CA ARG E 240 -20.19 8.43 10.47
C ARG E 240 -21.36 8.33 9.49
N LYS E 241 -21.03 8.35 8.20
CA LYS E 241 -22.01 8.16 7.16
C LYS E 241 -21.90 6.73 6.62
N PRO E 242 -22.88 5.87 6.85
CA PRO E 242 -22.75 4.45 6.49
C PRO E 242 -23.23 4.07 5.10
N LEU E 243 -23.59 5.03 4.25
CA LEU E 243 -24.12 4.69 2.94
C LEU E 243 -23.11 3.95 2.08
N TYR E 244 -21.85 4.38 2.10
CA TYR E 244 -20.83 3.71 1.31
C TYR E 244 -20.67 2.26 1.71
N TYR E 245 -20.53 2.00 3.01
CA TYR E 245 -20.38 0.62 3.48
C TYR E 245 -21.62 -0.21 3.20
N VAL E 246 -22.81 0.36 3.41
CA VAL E 246 -24.04 -0.39 3.15
C VAL E 246 -24.14 -0.78 1.67
N LEU E 247 -23.84 0.16 0.78
CA LEU E 247 -23.94 -0.13 -0.65
C LEU E 247 -22.78 -0.96 -1.18
N ASN E 248 -21.66 -1.03 -0.47
CA ASN E 248 -20.47 -1.69 -1.00
C ASN E 248 -20.15 -3.05 -0.39
N LEU E 249 -20.55 -3.32 0.85
CA LEU E 249 -20.20 -4.57 1.49
C LEU E 249 -21.41 -5.42 1.89
N ILE E 250 -22.41 -4.81 2.52
CA ILE E 250 -23.51 -5.58 3.10
C ILE E 250 -24.36 -6.21 1.99
N ALA E 251 -24.72 -5.41 0.97
CA ALA E 251 -25.62 -5.92 -0.06
C ALA E 251 -25.01 -7.06 -0.88
N PRO E 252 -23.78 -6.96 -1.41
CA PRO E 252 -23.26 -8.07 -2.22
C PRO E 252 -23.13 -9.38 -1.45
N THR E 253 -22.66 -9.34 -0.21
CA THR E 253 -22.56 -10.55 0.60
C THR E 253 -23.92 -11.14 0.91
N ALA E 254 -24.92 -10.32 1.24
CA ALA E 254 -26.26 -10.82 1.46
C ALA E 254 -26.85 -11.46 0.21
N VAL E 255 -26.63 -10.87 -0.95
CA VAL E 255 -27.11 -11.45 -2.20
C VAL E 255 -26.42 -12.79 -2.46
N ILE E 256 -25.10 -12.84 -2.27
CA ILE E 256 -24.35 -14.06 -2.53
C ILE E 256 -24.79 -15.18 -1.59
N THR E 257 -24.98 -14.86 -0.31
CA THR E 257 -25.41 -15.86 0.65
C THR E 257 -26.78 -16.43 0.30
N PHE E 258 -27.72 -15.55 -0.09
CA PHE E 258 -29.04 -16.01 -0.48
C PHE E 258 -28.98 -16.89 -1.73
N ILE E 259 -28.15 -16.50 -2.71
CA ILE E 259 -28.01 -17.29 -3.93
C ILE E 259 -27.44 -18.67 -3.61
N SER E 260 -26.42 -18.71 -2.74
CA SER E 260 -25.84 -20.00 -2.34
C SER E 260 -26.84 -20.86 -1.59
N ILE E 261 -27.65 -20.24 -0.72
CA ILE E 261 -28.67 -20.99 0.01
C ILE E 261 -29.68 -21.59 -0.94
N ILE E 262 -30.11 -20.82 -1.94
CA ILE E 262 -31.04 -21.35 -2.94
C ILE E 262 -30.40 -22.50 -3.72
N GLY E 263 -29.13 -22.34 -4.10
CA GLY E 263 -28.46 -23.37 -4.85
C GLY E 263 -28.24 -24.66 -4.06
N PHE E 264 -28.04 -24.54 -2.75
CA PHE E 264 -27.74 -25.71 -1.93
C PHE E 264 -28.88 -26.72 -1.94
N PHE E 265 -30.12 -26.26 -1.84
CA PHE E 265 -31.27 -27.12 -1.62
C PHE E 265 -32.21 -27.11 -2.82
N THR E 266 -31.66 -27.18 -4.02
CA THR E 266 -32.45 -27.26 -5.24
C THR E 266 -31.90 -28.36 -6.13
N SER E 267 -32.81 -29.21 -6.63
CA SER E 267 -32.44 -30.34 -7.46
C SER E 267 -33.30 -30.35 -8.72
N SER E 268 -32.72 -30.85 -9.81
CA SER E 268 -33.44 -30.91 -11.08
C SER E 268 -34.49 -32.02 -11.09
N SER E 269 -34.17 -33.17 -10.52
CA SER E 269 -35.08 -34.31 -10.51
C SER E 269 -35.13 -34.91 -9.11
N VAL E 270 -36.33 -35.32 -8.69
CA VAL E 270 -36.48 -35.94 -7.38
C VAL E 270 -35.85 -37.34 -7.36
N HIS E 271 -36.07 -38.12 -8.42
CA HIS E 271 -35.55 -39.48 -8.49
C HIS E 271 -34.25 -39.51 -9.28
N ASP E 272 -33.23 -38.83 -8.74
CA ASP E 272 -31.93 -38.76 -9.37
C ASP E 272 -30.87 -38.50 -8.32
N LEU E 273 -29.65 -38.96 -8.60
CA LEU E 273 -28.53 -38.73 -7.70
C LEU E 273 -28.13 -37.25 -7.74
N ARG E 274 -27.77 -36.71 -6.58
CA ARG E 274 -27.42 -35.31 -6.46
C ARG E 274 -25.91 -35.11 -6.52
N GLN E 275 -25.51 -33.87 -6.75
CA GLN E 275 -24.10 -33.51 -6.85
C GLN E 275 -23.52 -33.25 -5.46
N GLU E 276 -22.19 -33.10 -5.42
CA GLU E 276 -21.45 -33.01 -4.18
C GLU E 276 -21.84 -31.80 -3.34
N LYS E 277 -21.98 -30.63 -3.97
CA LYS E 277 -22.27 -29.32 -3.38
C LYS E 277 -21.11 -28.81 -2.54
N ILE E 278 -20.02 -29.57 -2.38
CA ILE E 278 -18.89 -29.10 -1.59
C ILE E 278 -18.14 -27.98 -2.31
N THR E 279 -17.95 -28.10 -3.62
CA THR E 279 -17.25 -27.07 -4.37
C THR E 279 -17.99 -25.74 -4.36
N LEU E 280 -19.32 -25.77 -4.43
CA LEU E 280 -20.10 -24.54 -4.38
C LEU E 280 -19.91 -23.82 -3.04
N GLY E 281 -19.91 -24.56 -1.94
CA GLY E 281 -19.71 -23.97 -0.63
C GLY E 281 -18.34 -23.37 -0.45
N ILE E 282 -17.30 -24.07 -0.92
CA ILE E 282 -15.95 -23.55 -0.83
C ILE E 282 -15.80 -22.29 -1.68
N THR E 283 -16.37 -22.30 -2.89
CA THR E 283 -16.29 -21.13 -3.75
C THR E 283 -17.01 -19.94 -3.13
N THR E 284 -18.17 -20.18 -2.51
CA THR E 284 -18.88 -19.10 -1.83
C THR E 284 -18.08 -18.54 -0.67
N LEU E 285 -17.45 -19.43 0.12
CA LEU E 285 -16.62 -18.97 1.22
C LEU E 285 -15.39 -18.22 0.70
N LEU E 286 -14.79 -18.72 -0.38
CA LEU E 286 -13.63 -18.04 -0.96
C LEU E 286 -14.01 -16.65 -1.47
N SER E 287 -15.17 -16.54 -2.13
CA SER E 287 -15.61 -15.24 -2.64
C SER E 287 -15.90 -14.27 -1.50
N MET E 288 -16.55 -14.74 -0.43
CA MET E 288 -16.87 -13.87 0.69
C MET E 288 -15.61 -13.51 1.48
N SER E 289 -14.67 -14.44 1.61
CA SER E 289 -13.42 -14.15 2.28
C SER E 289 -12.59 -13.13 1.50
N ILE E 290 -12.69 -13.14 0.17
CA ILE E 290 -11.98 -12.16 -0.64
C ILE E 290 -12.50 -10.76 -0.36
N MET E 291 -13.83 -10.60 -0.29
CA MET E 291 -14.41 -9.27 -0.12
C MET E 291 -14.11 -8.64 1.22
N ILE E 292 -14.16 -9.42 2.31
CA ILE E 292 -14.03 -8.84 3.64
C ILE E 292 -12.62 -8.32 3.89
N PHE E 293 -11.60 -9.12 3.53
CA PHE E 293 -10.22 -8.78 3.88
C PHE E 293 -9.51 -7.92 2.85
N MET E 294 -10.06 -7.79 1.64
CA MET E 294 -9.42 -6.95 0.64
C MET E 294 -10.03 -5.56 0.59
N VAL E 295 -11.06 -5.30 1.39
CA VAL E 295 -11.63 -3.98 1.55
C VAL E 295 -11.29 -3.57 2.98
N SER E 296 -10.46 -4.39 3.64
CA SER E 296 -10.10 -4.22 5.04
C SER E 296 -9.23 -3.00 5.29
N ASP E 297 -8.96 -2.19 4.26
CA ASP E 297 -8.24 -0.93 4.48
C ASP E 297 -9.04 0.03 5.36
N LYS E 298 -10.37 -0.11 5.37
CA LYS E 298 -11.24 0.77 6.14
C LYS E 298 -11.91 0.07 7.32
N MET E 299 -11.68 -1.23 7.50
CA MET E 299 -12.31 -1.95 8.61
C MET E 299 -11.66 -1.59 9.93
N PRO E 300 -12.40 -1.73 11.04
CA PRO E 300 -11.83 -1.37 12.36
C PRO E 300 -10.57 -2.14 12.71
N SER E 301 -10.59 -3.46 12.55
CA SER E 301 -9.46 -4.33 12.89
C SER E 301 -9.05 -4.15 14.36
N THR E 302 -10.02 -4.27 15.26
CA THR E 302 -9.79 -4.13 16.68
C THR E 302 -10.06 -5.45 17.40
N SER E 303 -9.31 -5.66 18.48
CA SER E 303 -9.46 -6.85 19.31
C SER E 303 -10.15 -6.58 20.63
N THR E 304 -10.58 -5.35 20.88
CA THR E 304 -11.26 -5.02 22.14
C THR E 304 -12.68 -5.57 22.15
N CYS E 305 -13.40 -5.46 21.05
CA CYS E 305 -14.77 -5.93 20.95
C CYS E 305 -15.04 -6.42 19.54
N VAL E 306 -16.26 -6.87 19.29
CA VAL E 306 -16.70 -7.34 17.99
C VAL E 306 -17.67 -6.30 17.43
N PRO E 307 -17.28 -5.56 16.39
CA PRO E 307 -18.18 -4.54 15.83
C PRO E 307 -19.43 -5.17 15.21
N LEU E 308 -20.38 -4.30 14.87
CA LEU E 308 -21.63 -4.76 14.28
C LEU E 308 -21.39 -5.43 12.93
N ILE E 309 -20.51 -4.87 12.11
CA ILE E 309 -20.24 -5.45 10.81
C ILE E 309 -19.54 -6.80 10.95
N ALA E 310 -18.68 -6.94 11.97
CA ALA E 310 -18.01 -8.22 12.20
C ALA E 310 -19.01 -9.30 12.60
N LEU E 311 -19.98 -8.96 13.44
CA LEU E 311 -20.98 -9.94 13.85
C LEU E 311 -21.82 -10.38 12.65
N PHE E 312 -22.12 -9.46 11.74
CA PHE E 312 -22.89 -9.80 10.54
C PHE E 312 -22.14 -10.79 9.67
N TYR E 313 -20.83 -10.59 9.49
CA TYR E 313 -20.07 -11.43 8.58
C TYR E 313 -19.91 -12.85 9.10
N THR E 314 -19.73 -13.01 10.42
CA THR E 314 -19.55 -14.34 10.98
C THR E 314 -20.81 -15.19 10.80
N LEU E 315 -21.99 -14.59 10.99
CA LEU E 315 -23.22 -15.35 10.89
C LEU E 315 -23.44 -15.88 9.48
N MET E 316 -23.08 -15.09 8.47
CA MET E 316 -23.19 -15.56 7.09
C MET E 316 -22.27 -16.73 6.83
N ILE E 317 -21.09 -16.73 7.45
CA ILE E 317 -20.13 -17.81 7.24
C ILE E 317 -20.63 -19.12 7.84
N THR E 318 -21.18 -19.05 9.05
CA THR E 318 -21.63 -20.28 9.72
C THR E 318 -22.76 -20.95 8.98
N ILE E 319 -23.76 -20.17 8.54
CA ILE E 319 -24.91 -20.76 7.85
C ILE E 319 -24.49 -21.32 6.50
N ILE E 320 -23.47 -20.75 5.87
CA ILE E 320 -22.93 -21.35 4.65
C ILE E 320 -22.19 -22.64 4.99
N SER E 321 -21.37 -22.61 6.05
CA SER E 321 -20.65 -23.82 6.46
C SER E 321 -21.61 -24.89 6.96
N VAL E 322 -22.62 -24.51 7.73
CA VAL E 322 -23.63 -25.47 8.16
C VAL E 322 -24.44 -25.96 6.97
N GLY E 323 -24.71 -25.06 6.01
CA GLY E 323 -25.49 -25.46 4.84
C GLY E 323 -24.81 -26.51 3.99
N THR E 324 -23.49 -26.44 3.86
CA THR E 324 -22.78 -27.44 3.05
C THR E 324 -22.80 -28.81 3.74
N LEU E 325 -22.82 -28.84 5.07
CA LEU E 325 -22.96 -30.10 5.78
C LEU E 325 -24.38 -30.64 5.71
N ALA E 326 -25.39 -29.75 5.78
CA ALA E 326 -26.77 -30.20 5.66
C ALA E 326 -27.06 -30.75 4.27
N ALA E 327 -26.49 -30.15 3.23
CA ALA E 327 -26.68 -30.66 1.89
C ALA E 327 -26.02 -32.02 1.71
N SER E 328 -24.91 -32.26 2.40
CA SER E 328 -24.25 -33.56 2.32
C SER E 328 -25.05 -34.65 3.02
N SER E 329 -25.81 -34.29 4.07
CA SER E 329 -26.62 -35.28 4.77
C SER E 329 -27.81 -35.75 3.95
N VAL E 330 -28.28 -34.94 3.00
CA VAL E 330 -29.37 -35.35 2.12
C VAL E 330 -28.92 -36.49 1.21
N ILE E 331 -27.69 -36.40 0.70
CA ILE E 331 -27.15 -37.46 -0.14
C ILE E 331 -27.00 -38.75 0.66
N PHE E 332 -26.53 -38.66 1.90
CA PHE E 332 -26.36 -39.84 2.74
C PHE E 332 -27.69 -40.54 2.99
N VAL E 333 -28.75 -39.76 3.22
CA VAL E 333 -30.07 -40.33 3.43
C VAL E 333 -30.58 -40.99 2.15
N GLN E 334 -30.38 -40.34 1.01
CA GLN E 334 -30.87 -40.89 -0.25
C GLN E 334 -30.16 -42.20 -0.60
N LYS E 335 -28.86 -42.28 -0.35
CA LYS E 335 -28.09 -43.47 -0.68
C LYS E 335 -28.41 -44.65 0.23
N LEU E 336 -29.18 -44.45 1.29
CA LEU E 336 -29.57 -45.56 2.17
C LEU E 336 -30.45 -46.57 1.45
N GLY E 337 -31.05 -46.19 0.32
CA GLY E 337 -31.90 -47.11 -0.43
C GLY E 337 -31.15 -48.17 -1.20
N SER E 338 -29.83 -48.06 -1.31
CA SER E 338 -29.02 -49.08 -1.98
C SER E 338 -28.78 -50.31 -1.11
N ILE E 339 -29.07 -50.24 0.18
CA ILE E 339 -28.89 -51.39 1.06
C ILE E 339 -30.03 -52.40 0.91
N GLY E 340 -31.24 -51.92 0.63
CA GLY E 340 -32.39 -52.80 0.44
C GLY E 340 -33.35 -52.85 1.60
N ASN E 341 -33.08 -52.12 2.70
CA ASN E 341 -34.01 -52.12 3.83
C ASN E 341 -35.00 -50.98 3.69
N PRO E 342 -36.30 -51.28 3.63
CA PRO E 342 -37.29 -50.20 3.48
C PRO E 342 -37.32 -49.34 4.73
N PRO E 343 -37.73 -48.06 4.59
CA PRO E 343 -37.84 -47.21 5.78
C PRO E 343 -38.91 -47.71 6.73
N ALA E 344 -38.74 -47.37 8.01
CA ALA E 344 -39.66 -47.82 9.04
C ALA E 344 -41.06 -47.26 8.81
N SER E 345 -42.05 -47.93 9.39
CA SER E 345 -43.44 -47.51 9.23
C SER E 345 -43.68 -46.12 9.80
N LYS E 346 -43.11 -45.83 10.97
CA LYS E 346 -43.27 -44.51 11.56
C LYS E 346 -42.52 -43.45 10.76
N THR E 347 -41.39 -43.81 10.15
CA THR E 347 -40.65 -42.86 9.33
C THR E 347 -41.46 -42.42 8.12
N MET E 348 -42.14 -43.37 7.46
CA MET E 348 -42.96 -43.03 6.31
C MET E 348 -44.25 -42.32 6.73
N LYS E 349 -44.78 -42.64 7.91
CA LYS E 349 -45.99 -41.99 8.40
C LYS E 349 -45.75 -40.50 8.63
N TRP E 350 -44.63 -40.16 9.26
CA TRP E 350 -44.31 -38.76 9.51
C TRP E 350 -44.02 -38.01 8.21
N THR E 351 -43.47 -38.70 7.21
CA THR E 351 -43.11 -38.05 5.96
C THR E 351 -44.36 -37.56 5.22
N HIS E 352 -45.43 -38.36 5.22
CA HIS E 352 -46.59 -38.00 4.41
C HIS E 352 -47.40 -36.84 4.97
N ARG E 353 -47.23 -36.50 6.24
CA ARG E 353 -48.01 -35.39 6.78
C ARG E 353 -47.27 -34.06 6.72
N ILE E 354 -45.94 -34.07 6.78
CA ILE E 354 -45.17 -32.83 6.65
C ILE E 354 -45.23 -32.32 5.21
N ALA E 355 -45.36 -33.23 4.24
CA ALA E 355 -45.32 -32.82 2.82
C ALA E 355 -46.41 -31.82 2.45
N PRO E 356 -47.68 -32.00 2.82
CA PRO E 356 -48.68 -30.97 2.45
C PRO E 356 -48.36 -29.58 2.98
N PHE E 357 -47.83 -29.48 4.19
CA PHE E 357 -47.40 -28.17 4.69
C PHE E 357 -46.14 -27.69 3.97
N VAL E 358 -45.23 -28.63 3.69
CA VAL E 358 -44.02 -28.32 2.93
C VAL E 358 -44.33 -27.92 1.49
N LEU E 359 -45.51 -28.28 0.98
CA LEU E 359 -45.92 -28.02 -0.40
C LEU E 359 -45.03 -28.77 -1.39
N ILE E 360 -44.99 -30.09 -1.21
CA ILE E 360 -44.33 -31.02 -2.12
C ILE E 360 -45.34 -32.08 -2.53
N GLN E 361 -45.14 -32.66 -3.71
CA GLN E 361 -46.08 -33.63 -4.27
C GLN E 361 -45.34 -34.90 -4.67
N MET E 362 -46.04 -36.02 -4.57
CA MET E 362 -45.47 -37.30 -4.93
C MET E 362 -45.32 -37.40 -6.45
N PRO E 363 -44.21 -37.95 -6.95
CA PRO E 363 -44.04 -38.10 -8.39
C PRO E 363 -44.96 -39.19 -8.95
N LEU E 364 -45.18 -39.11 -10.26
CA LEU E 364 -46.09 -40.05 -10.92
C LEU E 364 -45.56 -41.48 -10.85
N VAL E 365 -44.25 -41.67 -11.04
CA VAL E 365 -43.70 -43.02 -11.05
C VAL E 365 -43.80 -43.66 -9.67
N MET E 366 -43.76 -42.85 -8.61
CA MET E 366 -43.94 -43.39 -7.27
C MET E 366 -45.37 -43.86 -7.05
N LYS E 367 -46.35 -43.12 -7.58
CA LYS E 367 -47.74 -43.55 -7.49
C LYS E 367 -47.97 -44.84 -8.27
N GLN E 368 -47.34 -44.98 -9.44
CA GLN E 368 -47.50 -46.19 -10.23
C GLN E 368 -46.91 -47.41 -9.53
N ALA E 369 -45.81 -47.24 -8.81
CA ALA E 369 -45.20 -48.34 -8.09
C ALA E 369 -46.14 -48.85 -6.99
N TYR E 370 -46.80 -47.94 -6.28
CA TYR E 370 -47.76 -48.35 -5.26
C TYR E 370 -48.94 -49.11 -5.86
N ALA E 371 -49.43 -48.64 -7.01
CA ALA E 371 -50.55 -49.32 -7.65
C ALA E 371 -50.17 -50.73 -8.12
N LYS E 372 -48.97 -50.88 -8.68
CA LYS E 372 -48.53 -52.20 -9.12
C LYS E 372 -48.37 -53.15 -7.94
N ARG E 373 -47.82 -52.66 -6.83
CA ARG E 373 -47.69 -53.50 -5.63
C ARG E 373 -49.06 -53.85 -5.07
N ALA E 374 -50.02 -52.91 -5.13
CA ALA E 374 -51.35 -53.18 -4.61
C ALA E 374 -52.03 -54.30 -5.39
N LYS E 375 -51.86 -54.33 -6.71
CA LYS E 375 -52.43 -55.40 -7.51
C LYS E 375 -51.86 -56.75 -7.11
N GLU E 376 -50.55 -56.83 -6.89
CA GLU E 376 -49.94 -58.07 -6.42
C GLU E 376 -50.42 -58.43 -5.02
N GLU E 377 -50.66 -57.43 -4.17
CA GLU E 377 -51.19 -57.70 -2.84
C GLU E 377 -52.57 -58.33 -2.91
N LYS E 378 -53.43 -57.83 -3.80
CA LYS E 378 -54.75 -58.42 -3.98
C LYS E 378 -54.67 -59.77 -4.68
N HIS E 379 -53.75 -59.91 -5.64
CA HIS E 379 -53.57 -61.20 -6.32
C HIS E 379 -53.06 -62.26 -5.36
N ARG E 380 -52.14 -61.88 -4.45
CA ARG E 380 -51.60 -62.84 -3.50
C ARG E 380 -52.68 -63.37 -2.57
N LYS E 381 -53.54 -62.49 -2.07
CA LYS E 381 -54.58 -62.93 -1.15
C LYS E 381 -55.66 -63.74 -1.85
N ARG E 382 -55.95 -63.43 -3.12
CA ARG E 382 -56.97 -64.18 -3.86
C ARG E 382 -56.53 -65.63 -4.06
N MET E 383 -55.26 -65.85 -4.41
CA MET E 383 -54.77 -67.22 -4.57
C MET E 383 -54.71 -67.94 -3.23
N SER E 384 -54.54 -67.20 -2.14
CA SER E 384 -54.54 -67.83 -0.81
C SER E 384 -55.90 -68.42 -0.49
N ARG E 385 -56.97 -67.72 -0.83
CA ARG E 385 -58.33 -68.19 -0.57
C ARG E 385 -58.77 -69.20 -1.63
N ASN E 550 -36.93 -49.71 -8.50
CA ASN E 550 -37.06 -50.40 -7.22
C ASN E 550 -37.88 -49.57 -6.24
N ILE E 551 -38.87 -50.21 -5.60
CA ILE E 551 -39.73 -49.51 -4.68
C ILE E 551 -38.96 -49.04 -3.44
N VAL E 552 -37.98 -49.83 -3.00
CA VAL E 552 -37.18 -49.44 -1.83
C VAL E 552 -36.39 -48.17 -2.13
N GLU E 553 -35.79 -48.10 -3.32
CA GLU E 553 -35.04 -46.91 -3.70
C GLU E 553 -35.95 -45.69 -3.81
N LEU E 554 -37.16 -45.88 -4.34
CA LEU E 554 -38.08 -44.76 -4.50
C LEU E 554 -38.52 -44.20 -3.15
N GLU E 555 -38.75 -45.08 -2.17
CA GLU E 555 -39.20 -44.62 -0.86
C GLU E 555 -38.15 -43.76 -0.17
N TRP E 556 -36.88 -44.17 -0.23
CA TRP E 556 -35.82 -43.35 0.34
C TRP E 556 -35.55 -42.09 -0.46
N ASP E 557 -35.85 -42.11 -1.77
CA ASP E 557 -35.68 -40.91 -2.59
C ASP E 557 -36.63 -39.81 -2.14
N TRP E 558 -37.87 -40.16 -1.82
CA TRP E 558 -38.85 -39.15 -1.40
C TRP E 558 -38.59 -38.64 0.01
N VAL E 559 -38.01 -39.47 0.88
CA VAL E 559 -37.66 -39.01 2.23
C VAL E 559 -36.62 -37.90 2.15
N ALA E 560 -35.61 -38.07 1.30
CA ALA E 560 -34.61 -37.03 1.13
C ALA E 560 -35.20 -35.78 0.47
N ALA E 561 -36.18 -35.96 -0.41
CA ALA E 561 -36.80 -34.81 -1.07
C ALA E 561 -37.58 -33.96 -0.07
N VAL E 562 -38.32 -34.60 0.84
CA VAL E 562 -39.06 -33.86 1.85
C VAL E 562 -38.10 -33.20 2.83
N LEU E 563 -37.03 -33.90 3.20
CA LEU E 563 -36.04 -33.34 4.11
C LEU E 563 -35.33 -32.14 3.51
N GLU E 564 -35.05 -32.20 2.20
CA GLU E 564 -34.35 -31.10 1.54
C GLU E 564 -35.17 -29.81 1.56
N ARG E 565 -36.47 -29.91 1.30
CA ARG E 565 -37.31 -28.72 1.30
C ARG E 565 -37.48 -28.15 2.71
N VAL E 566 -37.43 -28.99 3.73
CA VAL E 566 -37.47 -28.51 5.10
C VAL E 566 -36.24 -27.66 5.40
N PHE E 567 -35.07 -28.10 4.95
CA PHE E 567 -33.85 -27.31 5.14
C PHE E 567 -33.94 -25.99 4.41
N LEU E 568 -34.53 -25.97 3.21
CA LEU E 568 -34.63 -24.74 2.44
C LEU E 568 -35.47 -23.70 3.18
N ILE E 569 -36.60 -24.10 3.76
CA ILE E 569 -37.44 -23.18 4.50
C ILE E 569 -36.73 -22.70 5.75
N PHE E 570 -36.08 -23.61 6.48
CA PHE E 570 -35.43 -23.25 7.74
C PHE E 570 -34.29 -22.27 7.53
N PHE E 571 -33.46 -22.48 6.51
CA PHE E 571 -32.27 -21.67 6.31
C PHE E 571 -32.56 -20.28 5.78
N THR E 572 -33.71 -20.07 5.13
CA THR E 572 -34.09 -18.72 4.72
C THR E 572 -34.63 -17.89 5.88
N ILE E 573 -35.28 -18.53 6.85
CA ILE E 573 -35.75 -17.81 8.04
C ILE E 573 -34.56 -17.29 8.83
N CYS E 574 -33.53 -18.13 9.00
CA CYS E 574 -32.32 -17.69 9.70
C CYS E 574 -31.63 -16.57 8.94
N PHE E 575 -31.56 -16.67 7.61
CA PHE E 575 -30.92 -15.63 6.81
C PHE E 575 -31.68 -14.32 6.91
N LEU E 576 -33.01 -14.37 6.85
CA LEU E 576 -33.80 -13.14 6.95
C LEU E 576 -33.65 -12.49 8.31
N PHE E 577 -33.70 -13.29 9.39
CA PHE E 577 -33.58 -12.73 10.73
C PHE E 577 -32.22 -12.10 10.96
N SER E 578 -31.14 -12.77 10.52
CA SER E 578 -29.80 -12.27 10.77
C SER E 578 -29.51 -11.01 9.96
N ALA E 579 -29.80 -11.05 8.66
CA ALA E 579 -29.47 -9.92 7.80
C ALA E 579 -30.32 -8.69 8.11
N ILE E 580 -31.63 -8.87 8.19
CA ILE E 580 -32.53 -7.75 8.44
C ILE E 580 -32.39 -7.26 9.89
N GLY E 581 -32.33 -8.19 10.84
CA GLY E 581 -32.35 -7.80 12.24
C GLY E 581 -31.14 -6.97 12.65
N ILE E 582 -29.95 -7.38 12.21
CA ILE E 582 -28.73 -6.68 12.59
C ILE E 582 -28.69 -5.30 11.95
N ASN E 583 -28.99 -5.21 10.65
CA ASN E 583 -28.91 -3.94 9.95
C ASN E 583 -29.99 -2.97 10.43
N LEU E 584 -31.21 -3.48 10.68
CA LEU E 584 -32.28 -2.61 11.17
C LEU E 584 -31.96 -2.09 12.57
N TYR E 585 -31.39 -2.94 13.42
CA TYR E 585 -31.01 -2.50 14.77
C TYR E 585 -29.93 -1.42 14.71
N GLY E 586 -28.97 -1.57 13.79
CA GLY E 586 -27.94 -0.54 13.65
C GLY E 586 -28.50 0.77 13.14
N TRP E 587 -29.44 0.71 12.20
CA TRP E 587 -30.05 1.92 11.67
C TRP E 587 -30.86 2.65 12.74
N TYR E 588 -31.56 1.89 13.59
CA TYR E 588 -32.35 2.51 14.65
C TYR E 588 -31.48 3.28 15.62
N ILE E 589 -30.32 2.72 15.98
CA ILE E 589 -29.38 3.43 16.85
C ILE E 589 -28.86 4.68 16.14
N TRP E 590 -28.52 4.55 14.86
CA TRP E 590 -28.02 5.69 14.09
C TRP E 590 -29.07 6.79 13.99
N TYR E 591 -30.34 6.41 13.80
CA TYR E 591 -31.38 7.40 13.60
C TYR E 591 -31.66 8.19 14.88
N THR E 592 -31.73 7.50 16.02
CA THR E 592 -32.08 8.18 17.27
C THR E 592 -31.02 9.19 17.69
N GLU E 593 -29.74 8.82 17.58
CA GLU E 593 -28.68 9.75 17.97
C GLU E 593 -28.61 10.94 17.02
N ASN E 594 -28.94 10.72 15.75
CA ASN E 594 -28.92 11.81 14.77
C ASN E 594 -29.96 12.87 15.10
N HIS E 595 -31.17 12.45 15.48
CA HIS E 595 -32.28 13.37 15.66
C HIS E 595 -32.45 13.86 17.10
N PHE E 596 -31.83 13.18 18.07
CA PHE E 596 -31.94 13.56 19.48
C PHE E 596 -30.76 14.39 19.95
N LEU E 597 -29.86 14.77 19.05
CA LEU E 597 -28.71 15.59 19.41
C LEU E 597 -28.65 16.84 18.53
#